data_9IQJ
#
_entry.id   9IQJ
#
_cell.length_a   189.355
_cell.length_b   114.114
_cell.length_c   119.113
_cell.angle_alpha   90.000
_cell.angle_beta   117.040
_cell.angle_gamma   90.000
#
_symmetry.space_group_name_H-M   'C 1 2 1'
#
loop_
_entity.id
_entity.type
_entity.pdbx_description
1 polymer 'Oleate hydratase'
2 non-polymer 'LINOLEIC ACID'
3 non-polymer DI(HYDROXYETHYL)ETHER
4 non-polymer GLYCEROL
5 water water
#
_entity_poly.entity_id   1
_entity_poly.type   'polypeptide(L)'
_entity_poly.pdbx_seq_one_letter_code
;HMYYSYGNYEAFARPKKPENVENKSAYLIGSGLASLAAACFLIRDGQMEGSKIHILEELPKAGGSLDGENMPLKGYVVRG
GREMENHFECLWDLFRSIPSLEIDNASVLDEFYWLNKEDPNYSRCRVIEKQGQRLVTDGDFTLTKTAIKEIVDLCLTNEE
DLDDVKITDVFSDDFFNSNFWIYWKTMFAFEPWHSAMEMRRYLMRFVHHISGLADFSALKFTKYNQYESLVLPMVEYLKS
HGVQFEYDVKVEDIKIDVTTSQKIAREILIDRNGNAESIKLTINDLVFVTNGSITESSTYGDNDTPAPPTDELGGSWTLW
KNLARQSPEFGNPDKFCQNIPKKSWFVSATSTTNNKEIIDTIESICKRDPLAGKTVTGGIITINDSAWQMSFTINRQQQF
KDQPENEISTWIYALYSDVNGDYIKKPITECSGNEICQEWLYHLGVSTDKIEDLAKHASNTIPVYMPYITSYFMTRAIGD
RPLVVPHQSQNLAFIGNFAETERDTVFTTEYSVRTAMEAVYQLLNIDRGIPEVINSPFDLRVLMDAIYELNDHQDLREIT
KDSKMQKLALAGFLKKIKGTYIESLLKEHKLL
;
_entity_poly.pdbx_strand_id   A,B,C
#
loop_
_chem_comp.id
_chem_comp.type
_chem_comp.name
_chem_comp.formula
EIC non-polymer 'LINOLEIC ACID' 'C18 H32 O2'
GOL non-polymer GLYCEROL 'C3 H8 O3'
PEG non-polymer DI(HYDROXYETHYL)ETHER 'C4 H10 O3'
#
# COMPACT_ATOMS: atom_id res chain seq x y z
N HIS A 1 6.10 9.02 2.03
CA HIS A 1 5.36 9.80 3.02
C HIS A 1 4.10 10.41 2.42
N MET A 2 3.67 9.86 1.28
CA MET A 2 2.44 10.26 0.60
C MET A 2 2.06 9.14 -0.36
N TYR A 3 0.80 9.14 -0.80
CA TYR A 3 0.37 8.19 -1.83
C TYR A 3 -0.61 8.87 -2.75
N TYR A 4 -0.65 8.41 -4.00
CA TYR A 4 -1.58 8.92 -4.99
C TYR A 4 -2.84 8.10 -5.06
N SER A 5 -3.93 8.77 -5.42
CA SER A 5 -5.24 8.14 -5.48
C SER A 5 -6.07 8.81 -6.58
N TYR A 6 -7.27 8.27 -6.80
CA TYR A 6 -8.26 8.95 -7.62
C TYR A 6 -9.63 8.43 -7.19
N GLY A 7 -10.66 9.16 -7.59
CA GLY A 7 -12.01 8.77 -7.26
C GLY A 7 -12.56 9.51 -6.04
N ASN A 8 -13.86 9.31 -5.81
CA ASN A 8 -14.60 10.12 -4.83
C ASN A 8 -14.29 9.75 -3.38
N TYR A 9 -13.91 8.49 -3.10
CA TYR A 9 -13.64 8.08 -1.73
C TYR A 9 -12.54 8.94 -1.12
N GLU A 10 -11.40 9.04 -1.81
CA GLU A 10 -10.32 9.86 -1.29
C GLU A 10 -10.61 11.35 -1.47
N ALA A 11 -11.36 11.71 -2.51
CA ALA A 11 -11.71 13.11 -2.71
C ALA A 11 -12.49 13.64 -1.53
N PHE A 12 -13.50 12.88 -1.07
CA PHE A 12 -14.41 13.42 -0.08
C PHE A 12 -13.98 13.14 1.35
N ALA A 13 -13.08 12.18 1.57
CA ALA A 13 -12.65 11.86 2.92
C ALA A 13 -11.79 12.97 3.51
N ARG A 14 -11.87 13.12 4.82
CA ARG A 14 -11.04 14.09 5.53
C ARG A 14 -9.90 13.39 6.24
N PRO A 15 -8.71 13.95 6.27
CA PRO A 15 -7.61 13.31 7.00
C PRO A 15 -7.74 13.55 8.50
N LYS A 16 -7.34 12.53 9.28
CA LYS A 16 -7.16 12.73 10.70
C LYS A 16 -6.16 13.84 10.95
N LYS A 17 -6.27 14.48 12.12
CA LYS A 17 -5.26 15.47 12.50
C LYS A 17 -3.88 14.84 12.55
N PRO A 18 -2.89 15.37 11.84
CA PRO A 18 -1.58 14.69 11.79
C PRO A 18 -0.84 14.79 13.11
N GLU A 19 0.08 13.84 13.30
CA GLU A 19 0.68 13.63 14.61
C GLU A 19 1.58 14.78 14.99
N ASN A 20 1.41 15.27 16.22
CA ASN A 20 2.26 16.30 16.83
C ASN A 20 2.20 17.64 16.10
N VAL A 21 1.18 17.88 15.28
CA VAL A 21 1.16 19.15 14.56
C VAL A 21 1.01 20.32 15.52
N GLU A 22 0.47 20.09 16.73
CA GLU A 22 0.29 21.20 17.64
C GLU A 22 1.61 21.83 18.05
N ASN A 23 2.72 21.12 17.87
CA ASN A 23 4.06 21.59 18.24
C ASN A 23 4.88 22.02 17.02
N LYS A 24 4.25 22.21 15.88
CA LYS A 24 4.96 22.55 14.65
C LYS A 24 4.60 23.95 14.17
N SER A 25 5.50 24.52 13.38
CA SER A 25 5.33 25.82 12.76
C SER A 25 5.68 25.73 11.28
N ALA A 26 5.35 26.78 10.53
CA ALA A 26 5.67 26.80 9.10
C ALA A 26 6.05 28.19 8.64
N TYR A 27 7.06 28.25 7.77
CA TYR A 27 7.49 29.48 7.13
C TYR A 27 7.36 29.31 5.63
N LEU A 28 6.65 30.23 4.98
CA LEU A 28 6.44 30.17 3.54
C LEU A 28 7.22 31.30 2.90
N ILE A 29 8.15 30.93 2.01
CA ILE A 29 9.10 31.86 1.41
C ILE A 29 8.88 31.88 -0.10
N GLY A 30 8.71 33.07 -0.65
CA GLY A 30 8.51 33.24 -2.07
C GLY A 30 7.07 33.62 -2.36
N SER A 31 6.86 34.74 -3.04
CA SER A 31 5.50 35.18 -3.27
C SER A 31 4.78 34.19 -4.19
N GLY A 32 3.47 34.17 -4.09
CA GLY A 32 2.68 33.64 -5.16
C GLY A 32 1.73 32.56 -4.72
N LEU A 33 1.10 31.95 -5.72
CA LEU A 33 -0.01 31.05 -5.48
C LEU A 33 0.43 29.82 -4.69
N ALA A 34 1.63 29.31 -4.97
CA ALA A 34 2.05 28.09 -4.31
C ALA A 34 2.16 28.28 -2.79
N SER A 35 2.75 29.41 -2.37
CA SER A 35 2.87 29.68 -0.94
C SER A 35 1.51 29.82 -0.28
N LEU A 36 0.60 30.55 -0.92
CA LEU A 36 -0.74 30.71 -0.35
C LEU A 36 -1.46 29.38 -0.29
N ALA A 37 -1.34 28.56 -1.35
CA ALA A 37 -1.99 27.25 -1.33
C ALA A 37 -1.43 26.38 -0.23
N ALA A 38 -0.11 26.39 -0.03
CA ALA A 38 0.47 25.58 1.03
C ALA A 38 -0.04 26.02 2.39
N ALA A 39 -0.15 27.33 2.61
CA ALA A 39 -0.74 27.83 3.84
C ALA A 39 -2.18 27.35 4.01
N CYS A 40 -2.95 27.31 2.93
CA CYS A 40 -4.33 26.84 3.02
C CYS A 40 -4.38 25.36 3.40
N PHE A 41 -3.53 24.54 2.81
CA PHE A 41 -3.50 23.12 3.19
C PHE A 41 -3.01 22.93 4.61
N LEU A 42 -2.08 23.77 5.07
CA LEU A 42 -1.62 23.67 6.46
C LEU A 42 -2.77 23.92 7.43
N ILE A 43 -3.61 24.91 7.13
CA ILE A 43 -4.77 25.20 7.96
C ILE A 43 -5.78 24.06 7.88
N ARG A 44 -6.18 23.70 6.65
CA ARG A 44 -7.36 22.85 6.46
C ARG A 44 -7.07 21.39 6.79
N ASP A 45 -5.98 20.86 6.26
CA ASP A 45 -5.64 19.45 6.42
C ASP A 45 -4.56 19.22 7.46
N GLY A 46 -3.60 20.13 7.58
CA GLY A 46 -2.62 20.01 8.64
C GLY A 46 -3.22 20.33 10.01
N GLN A 47 -4.27 21.13 10.03
CA GLN A 47 -4.84 21.66 11.29
C GLN A 47 -3.77 22.36 12.12
N MET A 48 -2.83 23.01 11.45
CA MET A 48 -1.82 23.80 12.14
C MET A 48 -2.43 25.12 12.57
N GLU A 49 -2.02 25.59 13.75
CA GLU A 49 -2.47 26.88 14.27
C GLU A 49 -2.05 28.02 13.33
N GLY A 50 -3.00 28.89 12.99
CA GLY A 50 -2.68 30.03 12.14
C GLY A 50 -1.59 30.93 12.71
N SER A 51 -1.55 31.08 14.03
CA SER A 51 -0.50 31.88 14.65
C SER A 51 0.89 31.31 14.43
N LYS A 52 0.98 30.07 13.99
CA LYS A 52 2.27 29.41 13.77
C LYS A 52 2.61 29.30 12.29
N ILE A 53 1.82 29.92 11.42
CA ILE A 53 2.03 29.91 9.98
C ILE A 53 2.47 31.31 9.57
N HIS A 54 3.68 31.42 9.03
CA HIS A 54 4.29 32.72 8.75
C HIS A 54 4.52 32.86 7.25
N ILE A 55 3.74 33.72 6.60
CA ILE A 55 3.92 34.00 5.19
C ILE A 55 4.85 35.20 5.09
N LEU A 56 6.07 34.97 4.60
CA LEU A 56 7.10 36.01 4.51
C LEU A 56 7.05 36.66 3.14
N GLU A 57 6.86 37.98 3.10
CA GLU A 57 6.73 38.68 1.83
C GLU A 57 7.71 39.84 1.80
N GLU A 58 8.43 39.98 0.68
CA GLU A 58 9.46 40.99 0.55
C GLU A 58 8.87 42.40 0.43
N LEU A 59 7.76 42.53 -0.29
CA LEU A 59 7.16 43.83 -0.51
C LEU A 59 6.56 44.37 0.79
N PRO A 60 6.41 45.69 0.90
CA PRO A 60 5.64 46.23 2.01
C PRO A 60 4.16 45.90 1.84
N LYS A 61 3.44 45.98 2.97
CA LYS A 61 2.00 45.79 2.93
C LYS A 61 1.37 46.85 2.05
N ALA A 62 0.45 46.42 1.18
CA ALA A 62 -0.20 47.35 0.25
C ALA A 62 -1.23 48.20 0.97
N LEU A 73 -9.60 54.93 -19.24
CA LEU A 73 -8.36 54.57 -19.92
C LEU A 73 -7.19 54.49 -18.93
N LYS A 74 -7.43 53.88 -17.78
CA LYS A 74 -6.36 53.66 -16.82
C LYS A 74 -5.38 52.61 -17.37
N GLY A 75 -4.14 52.68 -16.88
CA GLY A 75 -3.13 51.72 -17.25
C GLY A 75 -3.29 50.39 -16.55
N TYR A 76 -4.37 49.68 -16.85
CA TYR A 76 -4.55 48.33 -16.34
C TYR A 76 -3.48 47.40 -16.88
N VAL A 77 -3.12 46.40 -16.07
CA VAL A 77 -2.18 45.37 -16.50
C VAL A 77 -2.82 44.02 -16.21
N VAL A 78 -2.98 43.21 -17.26
CA VAL A 78 -3.44 41.84 -17.09
C VAL A 78 -2.29 40.89 -17.38
N ARG A 79 -2.41 39.68 -16.85
CA ARG A 79 -1.47 38.61 -17.11
C ARG A 79 -2.18 37.54 -17.93
N GLY A 80 -1.43 36.91 -18.83
CA GLY A 80 -2.01 35.91 -19.70
C GLY A 80 -1.92 34.52 -19.11
N GLY A 81 -2.37 33.56 -19.92
CA GLY A 81 -2.19 32.15 -19.60
C GLY A 81 -2.56 31.69 -18.20
N ARG A 82 -3.72 32.11 -17.69
CA ARG A 82 -4.24 31.56 -16.44
C ARG A 82 -5.52 30.77 -16.70
N GLU A 83 -5.58 30.19 -17.89
CA GLU A 83 -6.57 29.20 -18.27
C GLU A 83 -6.59 28.06 -17.28
N MET A 84 -7.80 27.58 -16.96
CA MET A 84 -7.97 26.40 -16.13
C MET A 84 -8.62 25.31 -16.98
N GLU A 85 -8.61 24.09 -16.48
CA GLU A 85 -9.46 23.07 -17.08
C GLU A 85 -10.13 22.27 -15.97
N ASN A 86 -11.05 21.40 -16.38
CA ASN A 86 -11.74 20.58 -15.39
C ASN A 86 -10.77 19.66 -14.62
N HIS A 87 -9.74 19.13 -15.27
CA HIS A 87 -8.89 18.16 -14.55
C HIS A 87 -7.69 18.80 -13.85
N PHE A 88 -7.80 20.05 -13.40
CA PHE A 88 -6.92 20.59 -12.36
C PHE A 88 -7.33 20.00 -11.01
N GLU A 89 -6.92 18.75 -10.77
CA GLU A 89 -7.50 17.96 -9.68
C GLU A 89 -7.16 18.52 -8.31
N CYS A 90 -5.92 18.95 -8.11
CA CYS A 90 -5.54 19.50 -6.82
C CYS A 90 -6.14 20.90 -6.61
N LEU A 91 -6.13 21.72 -7.66
CA LEU A 91 -6.67 23.07 -7.56
C LEU A 91 -8.13 23.07 -7.14
N TRP A 92 -8.95 22.15 -7.67
CA TRP A 92 -10.35 22.13 -7.27
C TRP A 92 -10.54 21.55 -5.88
N ASP A 93 -9.66 20.63 -5.46
CA ASP A 93 -9.67 20.20 -4.06
C ASP A 93 -9.48 21.39 -3.13
N LEU A 94 -8.55 22.29 -3.48
CA LEU A 94 -8.33 23.48 -2.66
C LEU A 94 -9.51 24.44 -2.72
N PHE A 95 -9.94 24.82 -3.93
CA PHE A 95 -10.85 25.96 -4.00
C PHE A 95 -12.30 25.61 -3.69
N ARG A 96 -12.64 24.33 -3.51
CA ARG A 96 -13.94 24.05 -2.92
C ARG A 96 -14.04 24.49 -1.47
N SER A 97 -12.91 24.78 -0.83
CA SER A 97 -12.88 25.15 0.57
C SER A 97 -12.70 26.63 0.81
N ILE A 98 -12.50 27.41 -0.25
CA ILE A 98 -12.24 28.85 -0.15
C ILE A 98 -13.54 29.59 -0.42
N PRO A 99 -14.09 30.33 0.54
CA PRO A 99 -15.32 31.07 0.27
C PRO A 99 -15.18 32.05 -0.87
N SER A 100 -16.19 32.08 -1.73
CA SER A 100 -16.31 33.14 -2.72
C SER A 100 -16.44 34.49 -2.02
N LEU A 101 -15.87 35.52 -2.64
CA LEU A 101 -16.08 36.90 -2.23
C LEU A 101 -17.16 37.59 -3.06
N GLU A 102 -17.78 36.87 -4.00
CA GLU A 102 -18.81 37.41 -4.88
C GLU A 102 -20.19 36.83 -4.67
N ILE A 103 -20.29 35.59 -4.20
CA ILE A 103 -21.56 34.91 -4.02
C ILE A 103 -21.64 34.41 -2.58
N ASP A 104 -22.72 34.75 -1.88
CA ASP A 104 -22.92 34.28 -0.52
C ASP A 104 -23.06 32.76 -0.48
N ASN A 105 -22.52 32.15 0.57
CA ASN A 105 -22.70 30.71 0.84
C ASN A 105 -22.31 29.88 -0.37
N ALA A 106 -21.17 30.22 -0.97
CA ALA A 106 -20.63 29.50 -2.10
C ALA A 106 -19.11 29.58 -2.03
N SER A 107 -18.46 28.56 -2.60
CA SER A 107 -17.02 28.54 -2.68
C SER A 107 -16.54 29.19 -3.98
N VAL A 108 -15.23 29.41 -4.06
CA VAL A 108 -14.62 29.84 -5.32
C VAL A 108 -14.93 28.83 -6.42
N LEU A 109 -14.84 27.54 -6.12
CA LEU A 109 -15.20 26.53 -7.12
C LEU A 109 -16.65 26.72 -7.58
N ASP A 110 -17.58 26.89 -6.64
CA ASP A 110 -18.98 27.05 -7.02
C ASP A 110 -19.16 28.20 -7.99
N GLU A 111 -18.63 29.37 -7.62
CA GLU A 111 -18.72 30.56 -8.47
C GLU A 111 -18.18 30.29 -9.87
N PHE A 112 -17.03 29.63 -9.94
CA PHE A 112 -16.35 29.32 -11.20
C PHE A 112 -17.15 28.32 -12.02
N TYR A 113 -17.63 27.27 -11.36
CA TYR A 113 -18.41 26.22 -12.00
C TYR A 113 -19.67 26.77 -12.64
N TRP A 114 -20.45 27.54 -11.87
CA TRP A 114 -21.68 28.08 -12.42
C TRP A 114 -21.40 29.06 -13.56
N LEU A 115 -20.37 29.89 -13.42
CA LEU A 115 -20.04 30.86 -14.47
C LEU A 115 -19.70 30.17 -15.77
N ASN A 116 -18.83 29.15 -15.71
CA ASN A 116 -18.39 28.53 -16.94
C ASN A 116 -19.45 27.61 -17.53
N LYS A 117 -20.48 27.25 -16.76
CA LYS A 117 -21.64 26.60 -17.34
C LYS A 117 -22.55 27.59 -18.04
N GLU A 118 -22.77 28.77 -17.41
CA GLU A 118 -23.63 29.80 -18.02
C GLU A 118 -23.01 30.38 -19.28
N ASP A 119 -21.68 30.47 -19.32
CA ASP A 119 -20.96 31.16 -20.40
C ASP A 119 -19.76 30.32 -20.79
N PRO A 120 -20.00 29.20 -21.49
CA PRO A 120 -18.90 28.27 -21.78
C PRO A 120 -17.94 28.87 -22.79
N ASN A 121 -16.64 28.70 -22.53
CA ASN A 121 -15.62 29.30 -23.38
C ASN A 121 -15.43 28.48 -24.65
N TYR A 122 -15.34 29.17 -25.80
CA TYR A 122 -14.86 28.58 -27.05
C TYR A 122 -14.57 29.71 -28.00
N SER A 123 -13.77 29.42 -29.02
CA SER A 123 -13.30 30.40 -29.99
C SER A 123 -14.02 30.17 -31.32
N ARG A 124 -14.48 31.26 -31.94
CA ARG A 124 -15.00 31.22 -33.29
C ARG A 124 -14.00 31.70 -34.31
N CYS A 125 -12.79 32.02 -33.86
CA CYS A 125 -11.73 32.45 -34.77
C CYS A 125 -10.43 32.35 -33.98
N ARG A 126 -9.60 31.39 -34.34
CA ARG A 126 -8.40 31.10 -33.57
C ARG A 126 -7.13 31.67 -34.20
N VAL A 127 -7.06 31.76 -35.53
CA VAL A 127 -5.84 32.20 -36.22
C VAL A 127 -6.25 33.16 -37.33
N ILE A 128 -5.54 34.29 -37.42
CA ILE A 128 -5.76 35.24 -38.51
C ILE A 128 -4.45 35.49 -39.23
N GLU A 129 -4.57 36.04 -40.43
CA GLU A 129 -3.43 36.35 -41.28
C GLU A 129 -3.86 37.45 -42.23
N LYS A 130 -2.88 38.01 -42.94
CA LYS A 130 -3.14 38.98 -44.00
C LYS A 130 -4.03 40.12 -43.51
N GLN A 131 -3.65 40.65 -42.34
CA GLN A 131 -4.29 41.81 -41.72
C GLN A 131 -5.78 41.58 -41.51
N GLY A 132 -6.10 40.50 -40.80
CA GLY A 132 -7.42 40.32 -40.22
C GLY A 132 -8.27 39.21 -40.80
N GLN A 133 -7.76 38.42 -41.73
CA GLN A 133 -8.54 37.36 -42.35
C GLN A 133 -8.33 36.04 -41.62
N ARG A 134 -9.41 35.29 -41.44
CA ARG A 134 -9.28 34.00 -40.76
C ARG A 134 -8.52 33.00 -41.63
N LEU A 135 -7.61 32.25 -41.00
CA LEU A 135 -6.92 31.16 -41.68
C LEU A 135 -7.92 30.18 -42.27
N VAL A 136 -7.78 29.86 -43.56
CA VAL A 136 -8.81 29.07 -44.23
C VAL A 136 -8.92 27.66 -43.64
N THR A 137 -7.82 27.10 -43.13
CA THR A 137 -7.82 25.76 -42.52
C THR A 137 -7.99 25.80 -41.01
N ASP A 138 -8.40 26.94 -40.45
CA ASP A 138 -8.56 27.05 -39.01
C ASP A 138 -9.51 25.96 -38.50
N GLY A 139 -9.07 25.25 -37.46
CA GLY A 139 -9.80 24.12 -36.92
C GLY A 139 -9.17 22.78 -37.25
N ASP A 140 -8.45 22.71 -38.36
CA ASP A 140 -7.71 21.49 -38.73
C ASP A 140 -6.31 21.55 -38.15
N PHE A 141 -5.76 20.36 -37.87
CA PHE A 141 -4.38 20.25 -37.38
C PHE A 141 -3.36 20.22 -38.52
N THR A 142 -3.77 19.77 -39.70
CA THR A 142 -2.92 19.59 -40.90
C THR A 142 -1.56 18.98 -40.57
N LEU A 143 -1.60 17.86 -39.85
CA LEU A 143 -0.41 17.08 -39.56
C LEU A 143 -0.25 15.98 -40.61
N THR A 144 0.95 15.85 -41.17
CA THR A 144 1.25 14.70 -42.01
C THR A 144 1.41 13.44 -41.16
N LYS A 145 1.39 12.27 -41.82
CA LYS A 145 1.64 11.03 -41.10
C LYS A 145 3.01 11.04 -40.45
N THR A 146 3.99 11.65 -41.12
CA THR A 146 5.32 11.75 -40.53
C THR A 146 5.30 12.59 -39.25
N ALA A 147 4.57 13.72 -39.29
CA ALA A 147 4.48 14.57 -38.10
C ALA A 147 3.80 13.83 -36.96
N ILE A 148 2.73 13.09 -37.25
CA ILE A 148 2.05 12.34 -36.20
C ILE A 148 2.96 11.29 -35.60
N LYS A 149 3.75 10.62 -36.44
CA LYS A 149 4.68 9.62 -35.93
C LYS A 149 5.69 10.26 -34.98
N GLU A 150 6.13 11.48 -35.29
CA GLU A 150 7.06 12.17 -34.41
C GLU A 150 6.42 12.50 -33.06
N ILE A 151 5.15 12.89 -33.07
CA ILE A 151 4.40 13.09 -31.83
C ILE A 151 4.37 11.79 -31.02
N VAL A 152 3.96 10.69 -31.65
CA VAL A 152 3.89 9.42 -30.96
C VAL A 152 5.27 9.00 -30.44
N ASP A 153 6.30 9.14 -31.28
CA ASP A 153 7.64 8.72 -30.91
C ASP A 153 8.17 9.50 -29.72
N LEU A 154 7.83 10.80 -29.63
CA LEU A 154 8.22 11.56 -28.44
C LEU A 154 7.52 11.01 -27.19
N CYS A 155 6.21 10.74 -27.29
CA CYS A 155 5.49 10.23 -26.12
C CYS A 155 6.02 8.88 -25.69
N LEU A 156 6.48 8.05 -26.64
CA LEU A 156 7.03 6.74 -26.32
C LEU A 156 8.48 6.78 -25.90
N THR A 157 9.11 7.96 -25.88
CA THR A 157 10.44 8.11 -25.33
C THR A 157 10.35 8.22 -23.81
N ASN A 158 11.20 7.48 -23.11
CA ASN A 158 11.26 7.60 -21.65
C ASN A 158 11.74 9.00 -21.29
N GLU A 159 11.12 9.58 -20.26
CA GLU A 159 11.54 10.93 -19.86
C GLU A 159 13.01 10.98 -19.50
N GLU A 160 13.55 9.87 -18.98
CA GLU A 160 14.94 9.77 -18.57
C GLU A 160 15.90 9.96 -19.73
N ASP A 161 15.44 9.76 -20.97
CA ASP A 161 16.25 9.89 -22.16
C ASP A 161 16.14 11.26 -22.81
N LEU A 162 15.45 12.20 -22.16
CA LEU A 162 15.21 13.50 -22.77
C LEU A 162 15.97 14.63 -22.07
N ASP A 163 16.96 14.32 -21.24
CA ASP A 163 17.79 15.35 -20.62
C ASP A 163 18.31 16.31 -21.68
N ASP A 164 17.98 17.59 -21.50
CA ASP A 164 18.54 18.71 -22.27
C ASP A 164 18.15 18.69 -23.74
N VAL A 165 17.20 17.85 -24.14
CA VAL A 165 16.77 17.74 -25.52
C VAL A 165 15.81 18.87 -25.85
N LYS A 166 16.04 19.54 -26.98
CA LYS A 166 15.18 20.63 -27.45
C LYS A 166 14.03 20.10 -28.30
N ILE A 167 12.98 20.90 -28.39
CA ILE A 167 11.84 20.55 -29.24
C ILE A 167 12.29 20.37 -30.70
N THR A 168 13.22 21.22 -31.17
CA THR A 168 13.73 21.04 -32.53
C THR A 168 14.56 19.77 -32.72
N ASP A 169 14.99 19.12 -31.63
CA ASP A 169 15.72 17.85 -31.75
C ASP A 169 14.81 16.68 -32.05
N VAL A 170 13.50 16.81 -31.83
CA VAL A 170 12.60 15.66 -31.94
C VAL A 170 11.50 15.88 -32.96
N PHE A 171 11.39 17.06 -33.55
CA PHE A 171 10.43 17.31 -34.62
C PHE A 171 11.13 17.86 -35.85
N SER A 172 10.54 17.61 -37.01
CA SER A 172 11.12 18.11 -38.26
C SER A 172 10.11 18.97 -39.03
N ASP A 173 10.34 19.16 -40.34
CA ASP A 173 9.68 20.22 -41.07
C ASP A 173 8.17 20.08 -41.10
N ASP A 174 7.66 18.87 -41.38
CA ASP A 174 6.21 18.68 -41.50
C ASP A 174 5.50 19.19 -40.24
N PHE A 175 6.01 18.78 -39.07
CA PHE A 175 5.37 19.16 -37.82
C PHE A 175 5.39 20.67 -37.62
N PHE A 176 6.54 21.30 -37.87
CA PHE A 176 6.64 22.73 -37.64
C PHE A 176 5.83 23.55 -38.65
N ASN A 177 5.41 22.93 -39.75
CA ASN A 177 4.54 23.54 -40.74
C ASN A 177 3.05 23.31 -40.46
N SER A 178 2.72 22.53 -39.43
CA SER A 178 1.35 22.14 -39.17
C SER A 178 0.57 23.25 -38.45
N ASN A 179 -0.74 23.25 -38.65
CA ASN A 179 -1.59 24.10 -37.83
C ASN A 179 -1.48 23.69 -36.37
N PHE A 180 -1.32 22.39 -36.11
CA PHE A 180 -1.16 21.92 -34.74
C PHE A 180 -0.10 22.73 -34.00
N TRP A 181 1.06 22.91 -34.63
CA TRP A 181 2.14 23.62 -33.95
C TRP A 181 1.80 25.10 -33.76
N ILE A 182 1.04 25.70 -34.68
CA ILE A 182 0.57 27.07 -34.46
C ILE A 182 -0.26 27.14 -33.18
N TYR A 183 -1.28 26.28 -33.07
CA TYR A 183 -2.14 26.29 -31.90
C TYR A 183 -1.33 26.02 -30.65
N TRP A 184 -0.46 25.01 -30.73
CA TRP A 184 0.26 24.50 -29.57
C TRP A 184 1.25 25.52 -29.04
N LYS A 185 2.14 26.02 -29.90
CA LYS A 185 3.20 26.88 -29.42
C LYS A 185 2.63 28.17 -28.86
N THR A 186 1.53 28.67 -29.44
CA THR A 186 1.01 29.96 -28.99
C THR A 186 0.16 29.82 -27.74
N MET A 187 -0.65 28.75 -27.61
CA MET A 187 -1.51 28.66 -26.43
C MET A 187 -0.68 28.35 -25.18
N PHE A 188 0.47 27.69 -25.36
CA PHE A 188 1.30 27.28 -24.23
C PHE A 188 2.58 28.09 -24.09
N ALA A 189 2.92 28.91 -25.10
CA ALA A 189 4.15 29.69 -25.15
C ALA A 189 5.40 28.79 -25.17
N PHE A 190 5.38 27.79 -26.04
CA PHE A 190 6.59 27.01 -26.32
C PHE A 190 7.41 27.70 -27.42
N GLU A 191 8.70 27.79 -27.19
CA GLU A 191 9.69 28.18 -28.19
C GLU A 191 10.37 26.95 -28.76
N PRO A 192 10.90 27.02 -29.98
CA PRO A 192 11.47 25.81 -30.60
C PRO A 192 12.64 25.22 -29.83
N TRP A 193 13.37 26.03 -29.06
CA TRP A 193 14.54 25.59 -28.29
C TRP A 193 14.17 25.09 -26.91
N HIS A 194 12.87 25.06 -26.57
CA HIS A 194 12.46 24.69 -25.24
C HIS A 194 12.53 23.18 -25.02
N SER A 195 12.21 22.80 -23.78
CA SER A 195 12.35 21.44 -23.27
C SER A 195 11.41 20.47 -24.00
N ALA A 196 11.98 19.52 -24.74
CA ALA A 196 11.16 18.44 -25.29
C ALA A 196 10.52 17.60 -24.20
N MET A 197 11.20 17.44 -23.06
CA MET A 197 10.65 16.73 -21.91
C MET A 197 9.32 17.34 -21.49
N GLU A 198 9.29 18.68 -21.38
CA GLU A 198 8.07 19.36 -20.96
C GLU A 198 6.99 19.30 -22.04
N MET A 199 7.37 19.48 -23.31
CA MET A 199 6.46 19.26 -24.44
C MET A 199 5.79 17.90 -24.33
N ARG A 200 6.58 16.87 -24.05
CA ARG A 200 6.05 15.51 -23.91
C ARG A 200 5.06 15.44 -22.75
N ARG A 201 5.40 16.07 -21.62
CA ARG A 201 4.47 16.06 -20.49
C ARG A 201 3.15 16.72 -20.88
N TYR A 202 3.19 17.82 -21.64
CA TYR A 202 1.95 18.49 -22.06
C TYR A 202 1.13 17.61 -23.01
N LEU A 203 1.79 16.91 -23.93
CA LEU A 203 1.06 16.04 -24.84
C LEU A 203 0.28 14.98 -24.08
N MET A 204 0.92 14.35 -23.09
CA MET A 204 0.27 13.30 -22.32
C MET A 204 -0.73 13.90 -21.32
N ARG A 205 -0.39 15.06 -20.76
CA ARG A 205 -1.18 15.64 -19.67
C ARG A 205 -2.58 16.05 -20.14
N PHE A 206 -2.67 16.62 -21.34
CA PHE A 206 -3.92 17.21 -21.80
C PHE A 206 -4.53 16.45 -22.97
N VAL A 207 -4.17 15.18 -23.14
CA VAL A 207 -4.65 14.42 -24.31
C VAL A 207 -6.17 14.29 -24.31
N HIS A 208 -6.81 14.32 -23.13
CA HIS A 208 -8.27 14.23 -23.08
C HIS A 208 -8.95 15.44 -23.69
N HIS A 209 -8.22 16.53 -23.94
CA HIS A 209 -8.80 17.75 -24.48
C HIS A 209 -8.35 18.03 -25.92
N ILE A 210 -7.85 17.00 -26.63
CA ILE A 210 -7.37 17.24 -28.00
C ILE A 210 -8.47 17.76 -28.91
N SER A 211 -9.71 17.33 -28.71
CA SER A 211 -10.81 17.80 -29.54
C SER A 211 -11.16 19.26 -29.27
N GLY A 212 -10.64 19.81 -28.17
CA GLY A 212 -10.78 21.22 -27.87
C GLY A 212 -9.53 22.05 -28.06
N LEU A 213 -8.48 21.50 -28.67
CA LEU A 213 -7.26 22.27 -28.86
C LEU A 213 -7.52 23.50 -29.73
N ALA A 214 -8.10 23.29 -30.92
CA ALA A 214 -8.19 24.36 -31.91
C ALA A 214 -9.22 25.41 -31.52
N ASP A 215 -10.30 25.03 -30.83
CA ASP A 215 -11.38 25.96 -30.53
C ASP A 215 -11.45 26.34 -29.05
N PHE A 216 -10.46 25.95 -28.25
CA PHE A 216 -10.36 26.33 -26.85
C PHE A 216 -11.61 25.96 -26.05
N SER A 217 -12.37 24.95 -26.48
CA SER A 217 -13.60 24.61 -25.78
C SER A 217 -13.35 23.89 -24.46
N ALA A 218 -12.11 23.54 -24.16
CA ALA A 218 -11.81 22.98 -22.84
C ALA A 218 -11.36 24.02 -21.83
N LEU A 219 -11.16 25.27 -22.24
CA LEU A 219 -10.68 26.27 -21.31
C LEU A 219 -11.80 26.79 -20.43
N LYS A 220 -11.46 27.09 -19.19
CA LYS A 220 -12.37 27.74 -18.26
C LYS A 220 -11.64 28.87 -17.55
N PHE A 221 -12.36 29.97 -17.27
CA PHE A 221 -11.74 31.18 -16.74
C PHE A 221 -12.52 31.71 -15.54
N THR A 222 -11.78 32.31 -14.60
CA THR A 222 -12.43 33.03 -13.51
C THR A 222 -13.10 34.29 -14.03
N LYS A 223 -14.02 34.83 -13.23
CA LYS A 223 -14.75 36.03 -13.63
C LYS A 223 -13.83 37.22 -13.83
N TYR A 224 -12.86 37.39 -12.92
CA TYR A 224 -11.97 38.53 -12.95
C TYR A 224 -10.52 38.05 -13.05
N ASN A 225 -9.59 39.01 -13.03
CA ASN A 225 -8.17 38.69 -12.98
C ASN A 225 -7.86 37.81 -11.76
N GLN A 226 -6.70 37.14 -11.84
CA GLN A 226 -6.33 36.14 -10.83
C GLN A 226 -6.22 36.73 -9.44
N TYR A 227 -5.74 37.96 -9.34
CA TYR A 227 -5.66 38.58 -8.01
C TYR A 227 -7.04 38.72 -7.41
N GLU A 228 -8.00 39.25 -8.17
CA GLU A 228 -9.35 39.44 -7.63
C GLU A 228 -10.04 38.11 -7.37
N SER A 229 -9.84 37.12 -8.25
CA SER A 229 -10.66 35.91 -8.20
C SER A 229 -10.04 34.73 -7.46
N LEU A 230 -8.72 34.67 -7.34
CA LEU A 230 -8.07 33.59 -6.60
C LEU A 230 -7.29 34.08 -5.39
N VAL A 231 -6.46 35.11 -5.53
CA VAL A 231 -5.57 35.49 -4.43
C VAL A 231 -6.38 36.10 -3.29
N LEU A 232 -7.22 37.09 -3.58
CA LEU A 232 -7.98 37.74 -2.52
C LEU A 232 -8.88 36.76 -1.77
N PRO A 233 -9.59 35.83 -2.42
CA PRO A 233 -10.33 34.83 -1.64
C PRO A 233 -9.43 33.99 -0.72
N MET A 234 -8.26 33.57 -1.21
CA MET A 234 -7.35 32.80 -0.36
C MET A 234 -6.84 33.63 0.81
N VAL A 235 -6.51 34.90 0.56
CA VAL A 235 -5.98 35.75 1.63
C VAL A 235 -7.04 35.94 2.72
N GLU A 236 -8.30 36.16 2.32
CA GLU A 236 -9.35 36.30 3.33
C GLU A 236 -9.55 35.02 4.13
N TYR A 237 -9.48 33.86 3.46
CA TYR A 237 -9.55 32.59 4.17
C TYR A 237 -8.43 32.48 5.20
N LEU A 238 -7.19 32.78 4.79
CA LEU A 238 -6.05 32.65 5.69
C LEU A 238 -6.14 33.66 6.85
N LYS A 239 -6.58 34.87 6.56
CA LYS A 239 -6.69 35.88 7.62
C LYS A 239 -7.77 35.50 8.62
N SER A 240 -8.89 34.91 8.14
CA SER A 240 -9.94 34.46 9.06
C SER A 240 -9.47 33.33 9.97
N HIS A 241 -8.38 32.64 9.60
CA HIS A 241 -7.81 31.59 10.43
C HIS A 241 -6.56 32.06 11.19
N GLY A 242 -6.30 33.36 11.19
CA GLY A 242 -5.23 33.89 12.02
C GLY A 242 -3.83 33.69 11.51
N VAL A 243 -3.67 33.41 10.20
CA VAL A 243 -2.35 33.24 9.63
C VAL A 243 -1.57 34.56 9.70
N GLN A 244 -0.25 34.45 9.89
CA GLN A 244 0.61 35.61 10.01
C GLN A 244 1.15 36.02 8.65
N PHE A 245 0.80 37.23 8.21
CA PHE A 245 1.36 37.83 7.01
C PHE A 245 2.42 38.83 7.45
N GLU A 246 3.67 38.54 7.13
CA GLU A 246 4.79 39.35 7.57
C GLU A 246 5.43 39.99 6.34
N TYR A 247 5.51 41.32 6.35
CA TYR A 247 5.95 42.05 5.17
C TYR A 247 7.34 42.61 5.41
N ASP A 248 7.91 43.16 4.33
CA ASP A 248 9.25 43.72 4.34
C ASP A 248 10.30 42.70 4.76
N VAL A 249 10.11 41.43 4.39
CA VAL A 249 11.04 40.36 4.75
C VAL A 249 11.69 39.85 3.48
N LYS A 250 13.01 39.95 3.40
CA LYS A 250 13.78 39.41 2.28
C LYS A 250 14.65 38.27 2.80
N VAL A 251 14.46 37.07 2.27
CA VAL A 251 15.22 35.90 2.70
C VAL A 251 16.50 35.81 1.87
N GLU A 252 17.64 35.91 2.53
CA GLU A 252 18.92 35.87 1.84
C GLU A 252 19.44 34.45 1.69
N ASP A 253 19.24 33.62 2.71
CA ASP A 253 19.72 32.24 2.66
C ASP A 253 18.97 31.44 3.71
N ILE A 254 19.02 30.12 3.55
CA ILE A 254 18.58 29.19 4.58
C ILE A 254 19.77 28.29 4.88
N LYS A 255 20.23 28.31 6.13
CA LYS A 255 21.33 27.43 6.52
C LYS A 255 20.80 26.02 6.68
N ILE A 256 21.29 25.10 5.87
CA ILE A 256 20.81 23.73 5.88
C ILE A 256 21.95 22.80 6.24
N ASP A 257 21.69 21.86 7.14
CA ASP A 257 22.61 20.78 7.42
C ASP A 257 22.29 19.64 6.47
N VAL A 258 23.26 19.26 5.64
CA VAL A 258 23.09 18.17 4.69
C VAL A 258 24.09 17.09 5.08
N THR A 259 23.66 16.16 5.90
CA THR A 259 24.53 15.14 6.47
C THR A 259 24.38 13.84 5.69
N THR A 260 25.11 12.82 6.13
CA THR A 260 24.97 11.53 5.48
C THR A 260 23.60 10.90 5.71
N SER A 261 22.81 11.42 6.64
CA SER A 261 21.53 10.80 6.95
C SER A 261 20.32 11.73 6.92
N GLN A 262 20.50 13.04 6.92
CA GLN A 262 19.36 13.96 7.01
C GLN A 262 19.68 15.27 6.31
N LYS A 263 18.62 15.94 5.87
CA LYS A 263 18.69 17.35 5.51
C LYS A 263 17.76 18.11 6.44
N ILE A 264 18.32 19.07 7.18
CA ILE A 264 17.55 19.82 8.18
C ILE A 264 17.85 21.30 8.01
N ALA A 265 16.81 22.09 7.76
CA ALA A 265 16.97 23.53 7.75
C ALA A 265 17.15 24.03 9.18
N ARG A 266 18.19 24.83 9.39
CA ARG A 266 18.58 25.29 10.73
C ARG A 266 18.28 26.76 11.00
N GLU A 267 18.41 27.63 10.02
CA GLU A 267 18.19 29.05 10.23
C GLU A 267 17.75 29.68 8.92
N ILE A 268 16.86 30.66 9.02
CA ILE A 268 16.50 31.50 7.89
C ILE A 268 17.18 32.84 8.12
N LEU A 269 18.06 33.22 7.20
CA LEU A 269 18.77 34.50 7.29
C LEU A 269 17.99 35.52 6.48
N ILE A 270 17.55 36.60 7.13
CA ILE A 270 16.63 37.56 6.52
C ILE A 270 17.09 38.98 6.79
N ASP A 271 16.61 39.88 5.96
CA ASP A 271 16.54 41.30 6.26
C ASP A 271 15.07 41.62 6.50
N ARG A 272 14.74 42.11 7.68
CA ARG A 272 13.37 42.47 8.03
C ARG A 272 13.30 43.98 8.20
N ASN A 273 12.70 44.67 7.23
CA ASN A 273 12.54 46.12 7.29
C ASN A 273 13.89 46.80 7.54
N GLY A 274 14.94 46.30 6.87
CA GLY A 274 16.25 46.90 6.95
C GLY A 274 17.17 46.33 8.01
N ASN A 275 16.69 45.44 8.88
CA ASN A 275 17.48 44.88 9.97
C ASN A 275 17.82 43.43 9.67
N ALA A 276 19.10 43.08 9.82
CA ALA A 276 19.52 41.69 9.66
C ALA A 276 19.05 40.86 10.83
N GLU A 277 18.36 39.75 10.53
CA GLU A 277 17.84 38.87 11.57
C GLU A 277 18.03 37.43 11.14
N SER A 278 17.91 36.53 12.12
CA SER A 278 18.00 35.10 11.89
C SER A 278 16.80 34.46 12.58
N ILE A 279 16.06 33.64 11.86
CA ILE A 279 14.98 32.84 12.43
C ILE A 279 15.55 31.45 12.70
N LYS A 280 15.70 31.09 13.97
CA LYS A 280 16.18 29.75 14.33
C LYS A 280 15.09 28.71 14.16
N LEU A 281 15.45 27.58 13.57
CA LEU A 281 14.50 26.51 13.29
C LEU A 281 14.87 25.24 14.06
N THR A 282 13.86 24.54 14.54
CA THR A 282 14.01 23.14 14.93
C THR A 282 13.44 22.28 13.82
N ILE A 283 13.58 20.96 13.98
CA ILE A 283 13.00 19.98 13.07
C ILE A 283 11.49 20.14 12.97
N ASN A 284 10.87 20.77 13.96
CA ASN A 284 9.42 20.97 13.96
C ASN A 284 9.00 22.28 13.32
N ASP A 285 9.94 23.05 12.81
CA ASP A 285 9.62 24.27 12.08
C ASP A 285 9.86 23.99 10.60
N LEU A 286 8.77 24.01 9.82
CA LEU A 286 8.80 23.64 8.41
C LEU A 286 9.07 24.87 7.56
N VAL A 287 9.82 24.67 6.48
CA VAL A 287 10.16 25.75 5.56
C VAL A 287 9.76 25.33 4.16
N PHE A 288 8.94 26.17 3.50
CA PHE A 288 8.46 25.92 2.14
C PHE A 288 9.03 27.00 1.23
N VAL A 289 9.89 26.59 0.30
CA VAL A 289 10.57 27.52 -0.60
C VAL A 289 9.94 27.41 -1.98
N THR A 290 9.42 28.53 -2.50
CA THR A 290 9.07 28.61 -3.92
C THR A 290 10.35 29.04 -4.64
N ASN A 291 11.09 28.06 -5.15
CA ASN A 291 12.39 28.36 -5.74
C ASN A 291 12.24 28.92 -7.14
N GLY A 292 12.85 30.08 -7.41
CA GLY A 292 12.80 30.70 -8.71
C GLY A 292 11.51 31.46 -8.96
N SER A 293 11.54 32.33 -9.97
CA SER A 293 10.38 33.19 -10.22
C SER A 293 10.37 33.61 -11.69
N ILE A 294 9.20 33.50 -12.33
CA ILE A 294 9.08 33.97 -13.71
C ILE A 294 8.78 35.46 -13.79
N THR A 295 8.33 36.09 -12.71
CA THR A 295 8.01 37.51 -12.76
C THR A 295 9.09 38.39 -12.14
N GLU A 296 10.07 37.80 -11.45
CA GLU A 296 11.12 38.60 -10.85
C GLU A 296 11.81 39.50 -11.87
N SER A 297 12.11 40.72 -11.43
CA SER A 297 12.83 41.74 -12.21
C SER A 297 11.99 42.31 -13.36
N SER A 298 10.67 42.09 -13.37
CA SER A 298 9.84 42.70 -14.38
C SER A 298 9.97 44.22 -14.37
N THR A 299 9.94 44.81 -15.55
CA THR A 299 9.91 46.26 -15.68
C THR A 299 8.69 46.66 -16.49
N TYR A 300 8.28 47.93 -16.32
CA TYR A 300 7.06 48.43 -16.94
C TYR A 300 7.37 49.68 -17.73
N GLY A 301 6.69 49.81 -18.87
CA GLY A 301 6.73 51.05 -19.63
C GLY A 301 5.39 51.74 -19.52
N ASP A 302 5.05 52.57 -20.52
CA ASP A 302 3.73 53.16 -20.57
C ASP A 302 3.38 53.43 -22.04
N ASN A 303 2.33 54.23 -22.26
CA ASN A 303 1.89 54.42 -23.63
C ASN A 303 2.98 54.99 -24.50
N ASP A 304 3.94 55.73 -23.92
CA ASP A 304 4.96 56.41 -24.71
C ASP A 304 6.37 55.93 -24.41
N THR A 305 6.54 54.85 -23.64
CA THR A 305 7.84 54.43 -23.14
C THR A 305 7.94 52.91 -23.19
N PRO A 306 8.98 52.35 -23.81
CA PRO A 306 9.19 50.90 -23.70
C PRO A 306 9.47 50.49 -22.26
N ALA A 307 9.13 49.25 -21.96
CA ALA A 307 9.58 48.63 -20.72
C ALA A 307 11.07 48.34 -20.83
N PRO A 308 11.92 48.87 -19.95
CA PRO A 308 13.37 48.74 -20.14
C PRO A 308 13.83 47.31 -19.98
N PRO A 309 14.50 46.75 -20.99
CA PRO A 309 15.05 45.40 -20.84
C PRO A 309 16.02 45.30 -19.67
N THR A 310 16.07 44.10 -19.08
CA THR A 310 16.88 43.87 -17.90
C THR A 310 17.31 42.40 -17.87
N ASP A 311 18.46 42.14 -17.26
CA ASP A 311 18.91 40.79 -16.92
C ASP A 311 19.13 40.61 -15.43
N GLU A 312 18.56 41.48 -14.60
CA GLU A 312 18.87 41.45 -13.18
C GLU A 312 18.33 40.19 -12.53
N LEU A 313 19.11 39.63 -11.62
CA LEU A 313 18.64 38.58 -10.73
C LEU A 313 18.21 39.19 -9.41
N GLY A 314 17.04 38.81 -8.93
CA GLY A 314 16.49 39.34 -7.70
C GLY A 314 16.58 38.34 -6.56
N GLY A 315 15.71 38.53 -5.57
CA GLY A 315 15.80 37.73 -4.36
C GLY A 315 15.49 36.27 -4.55
N SER A 316 14.56 35.95 -5.46
CA SER A 316 14.18 34.56 -5.64
C SER A 316 15.29 33.76 -6.31
N TRP A 317 15.86 34.29 -7.39
CA TRP A 317 16.93 33.57 -8.08
C TRP A 317 18.19 33.53 -7.23
N THR A 318 18.46 34.59 -6.49
CA THR A 318 19.63 34.60 -5.61
C THR A 318 19.46 33.57 -4.49
N LEU A 319 18.25 33.46 -3.93
CA LEU A 319 18.03 32.47 -2.88
C LEU A 319 18.22 31.06 -3.41
N TRP A 320 17.65 30.76 -4.57
CA TRP A 320 17.81 29.41 -5.11
C TRP A 320 19.29 29.11 -5.38
N LYS A 321 20.03 30.10 -5.89
CA LYS A 321 21.47 29.92 -6.06
C LYS A 321 22.14 29.62 -4.71
N ASN A 322 21.72 30.30 -3.64
CA ASN A 322 22.33 30.06 -2.33
C ASN A 322 21.94 28.69 -1.76
N LEU A 323 20.79 28.16 -2.18
CA LEU A 323 20.45 26.81 -1.72
C LEU A 323 21.19 25.76 -2.55
N ALA A 324 21.31 26.00 -3.85
CA ALA A 324 21.95 25.04 -4.73
C ALA A 324 23.42 24.82 -4.36
N ARG A 325 24.08 25.82 -3.78
CA ARG A 325 25.46 25.60 -3.38
C ARG A 325 25.60 24.83 -2.09
N GLN A 326 24.49 24.40 -1.47
CA GLN A 326 24.52 23.53 -0.29
C GLN A 326 24.24 22.07 -0.61
N SER A 327 23.66 21.76 -1.78
CA SER A 327 23.49 20.38 -2.24
C SER A 327 23.00 20.37 -3.67
N PRO A 328 23.53 19.51 -4.53
CA PRO A 328 22.94 19.38 -5.88
C PRO A 328 21.52 18.85 -5.85
N GLU A 329 21.10 18.26 -4.73
CA GLU A 329 19.71 17.83 -4.61
C GLU A 329 18.75 19.01 -4.50
N PHE A 330 19.25 20.22 -4.36
CA PHE A 330 18.40 21.40 -4.32
C PHE A 330 18.27 22.07 -5.68
N GLY A 331 18.77 21.43 -6.74
CA GLY A 331 18.51 21.85 -8.10
C GLY A 331 19.61 22.73 -8.65
N ASN A 332 19.37 23.20 -9.88
CA ASN A 332 20.37 23.99 -10.62
C ASN A 332 19.67 25.17 -11.25
N PRO A 333 19.59 26.30 -10.53
CA PRO A 333 18.85 27.46 -11.07
C PRO A 333 19.42 27.99 -12.36
N ASP A 334 20.72 27.85 -12.60
CA ASP A 334 21.31 28.46 -13.79
C ASP A 334 20.78 27.86 -15.08
N LYS A 335 20.25 26.62 -15.06
CA LYS A 335 19.65 26.08 -16.27
C LYS A 335 18.43 26.89 -16.71
N PHE A 336 17.81 27.60 -15.79
CA PHE A 336 16.55 28.29 -16.06
C PHE A 336 16.69 29.80 -16.14
N CYS A 337 17.65 30.39 -15.45
CA CYS A 337 17.75 31.84 -15.41
C CYS A 337 18.96 32.41 -16.13
N GLN A 338 19.80 31.56 -16.71
CA GLN A 338 20.94 32.02 -17.49
C GLN A 338 20.80 31.51 -18.92
N ASN A 339 21.45 32.22 -19.85
CA ASN A 339 21.53 31.80 -21.25
C ASN A 339 20.15 31.73 -21.90
N ILE A 340 19.23 32.59 -21.46
CA ILE A 340 17.93 32.69 -22.09
C ILE A 340 18.13 33.39 -23.44
N PRO A 341 17.78 32.76 -24.57
CA PRO A 341 18.02 33.38 -25.87
C PRO A 341 17.33 34.73 -26.00
N LYS A 342 18.02 35.66 -26.66
CA LYS A 342 17.47 37.00 -26.82
C LYS A 342 16.26 37.04 -27.74
N LYS A 343 15.98 35.97 -28.49
CA LYS A 343 14.75 35.87 -29.27
C LYS A 343 13.53 35.57 -28.41
N SER A 344 13.74 35.06 -27.19
CA SER A 344 12.66 34.58 -26.34
C SER A 344 11.61 35.66 -26.07
N TRP A 345 10.38 35.20 -25.83
CA TRP A 345 9.33 36.05 -25.30
C TRP A 345 9.82 36.78 -24.06
N PHE A 346 9.72 38.11 -24.09
CA PHE A 346 9.94 38.95 -22.90
C PHE A 346 8.80 39.92 -22.68
N VAL A 347 8.18 40.40 -23.75
CA VAL A 347 7.26 41.54 -23.64
C VAL A 347 5.81 41.08 -23.77
N SER A 348 4.97 41.58 -22.88
CA SER A 348 3.52 41.53 -23.02
C SER A 348 3.00 42.93 -22.87
N ALA A 349 1.76 43.14 -23.29
CA ALA A 349 1.18 44.47 -23.17
C ALA A 349 -0.31 44.32 -22.92
N THR A 350 -0.86 45.27 -22.14
CA THR A 350 -2.29 45.36 -21.92
C THR A 350 -2.79 46.66 -22.55
N SER A 351 -3.67 46.56 -23.53
CA SER A 351 -4.14 47.72 -24.25
C SER A 351 -5.60 47.97 -23.88
N THR A 352 -5.87 49.11 -23.27
CA THR A 352 -7.21 49.46 -22.80
C THR A 352 -7.81 50.54 -23.67
N THR A 353 -9.06 50.35 -24.08
CA THR A 353 -9.72 51.36 -24.92
C THR A 353 -11.22 51.35 -24.69
N ASN A 354 -11.84 52.52 -24.92
CA ASN A 354 -13.29 52.63 -25.07
C ASN A 354 -13.68 53.02 -26.50
N ASN A 355 -12.72 52.98 -27.42
CA ASN A 355 -12.96 53.40 -28.79
C ASN A 355 -13.83 52.38 -29.52
N LYS A 356 -14.96 52.84 -30.07
CA LYS A 356 -15.92 51.93 -30.70
C LYS A 356 -15.38 51.28 -31.96
N GLU A 357 -14.52 51.97 -32.71
CA GLU A 357 -13.98 51.40 -33.93
C GLU A 357 -13.08 50.19 -33.63
N ILE A 358 -12.22 50.31 -32.62
CA ILE A 358 -11.41 49.16 -32.22
C ILE A 358 -12.29 48.03 -31.72
N ILE A 359 -13.25 48.36 -30.84
CA ILE A 359 -14.13 47.34 -30.28
C ILE A 359 -14.95 46.65 -31.38
N ASP A 360 -15.52 47.42 -32.31
CA ASP A 360 -16.24 46.82 -33.43
C ASP A 360 -15.34 46.00 -34.35
N THR A 361 -14.08 46.38 -34.51
CA THR A 361 -13.19 45.57 -35.33
C THR A 361 -12.97 44.21 -34.68
N ILE A 362 -12.75 44.20 -33.37
CA ILE A 362 -12.63 42.93 -32.64
C ILE A 362 -13.89 42.09 -32.80
N GLU A 363 -15.07 42.70 -32.66
CA GLU A 363 -16.31 41.96 -32.85
C GLU A 363 -16.40 41.36 -34.26
N SER A 364 -15.95 42.09 -35.28
CA SER A 364 -16.04 41.55 -36.63
C SER A 364 -15.17 40.30 -36.80
N ILE A 365 -14.08 40.18 -36.03
CA ILE A 365 -13.21 39.00 -36.12
C ILE A 365 -13.69 37.87 -35.22
N CYS A 366 -13.97 38.16 -33.94
CA CYS A 366 -14.31 37.09 -33.00
C CYS A 366 -15.79 36.75 -32.98
N LYS A 367 -16.64 37.59 -33.58
CA LYS A 367 -18.08 37.37 -33.73
C LYS A 367 -18.86 37.54 -32.44
N ARG A 368 -18.28 38.18 -31.43
CA ARG A 368 -18.97 38.44 -30.18
C ARG A 368 -18.76 39.89 -29.77
N ASP A 369 -19.76 40.44 -29.10
CA ASP A 369 -19.71 41.81 -28.57
C ASP A 369 -18.73 41.89 -27.41
N PRO A 370 -17.62 42.61 -27.53
CA PRO A 370 -16.63 42.62 -26.44
C PRO A 370 -17.15 43.25 -25.16
N LEU A 371 -18.17 44.10 -25.22
CA LEU A 371 -18.68 44.77 -24.01
C LEU A 371 -19.87 44.06 -23.38
N ALA A 372 -20.28 42.91 -23.92
CA ALA A 372 -21.48 42.25 -23.40
C ALA A 372 -21.26 41.60 -22.04
N GLY A 373 -20.02 41.38 -21.63
CA GLY A 373 -19.73 40.72 -20.37
C GLY A 373 -19.51 39.24 -20.47
N LYS A 374 -19.70 38.66 -21.64
CA LYS A 374 -19.53 37.25 -21.87
C LYS A 374 -18.18 37.01 -22.55
N THR A 375 -17.92 35.75 -22.88
CA THR A 375 -16.76 35.37 -23.69
C THR A 375 -16.64 36.29 -24.90
N VAL A 376 -15.39 36.66 -25.24
CA VAL A 376 -15.14 37.52 -26.39
C VAL A 376 -14.31 36.75 -27.41
N THR A 377 -12.99 36.69 -27.24
CA THR A 377 -12.21 35.89 -28.18
C THR A 377 -12.16 34.42 -27.82
N GLY A 378 -12.53 34.05 -26.61
CA GLY A 378 -12.50 32.65 -26.20
C GLY A 378 -11.10 32.12 -25.99
N GLY A 379 -10.14 33.00 -25.74
CA GLY A 379 -8.73 32.67 -25.71
C GLY A 379 -7.99 33.43 -26.79
N ILE A 380 -6.68 33.17 -26.89
CA ILE A 380 -5.87 33.98 -27.79
C ILE A 380 -6.27 33.78 -29.24
N ILE A 381 -6.18 34.86 -30.02
CA ILE A 381 -6.12 34.80 -31.46
C ILE A 381 -4.67 35.00 -31.86
N THR A 382 -4.17 34.12 -32.74
CA THR A 382 -2.80 34.16 -33.20
C THR A 382 -2.73 34.81 -34.58
N ILE A 383 -1.83 35.79 -34.73
CA ILE A 383 -1.56 36.39 -36.03
C ILE A 383 -0.45 35.56 -36.67
N ASN A 384 -0.84 34.65 -37.55
CA ASN A 384 0.09 33.62 -37.99
C ASN A 384 1.25 34.19 -38.80
N ASP A 385 1.02 35.26 -39.56
CA ASP A 385 2.06 35.84 -40.40
C ASP A 385 2.68 37.11 -39.80
N SER A 386 2.57 37.31 -38.49
CA SER A 386 3.26 38.42 -37.85
C SER A 386 4.72 38.10 -37.59
N ALA A 387 5.59 39.06 -37.87
CA ALA A 387 7.01 38.85 -37.66
C ALA A 387 7.32 38.57 -36.19
N TRP A 388 6.60 39.23 -35.29
CA TRP A 388 6.77 39.03 -33.85
C TRP A 388 6.15 37.74 -33.34
N GLN A 389 5.40 37.03 -34.18
CA GLN A 389 4.59 35.89 -33.75
C GLN A 389 3.75 36.28 -32.53
N MET A 390 2.90 37.29 -32.78
CA MET A 390 2.01 37.93 -31.81
C MET A 390 0.68 37.20 -31.71
N SER A 391 0.18 37.07 -30.48
CA SER A 391 -1.19 36.64 -30.20
C SER A 391 -1.81 37.60 -29.19
N PHE A 392 -3.14 37.61 -29.14
CA PHE A 392 -3.84 38.49 -28.22
C PHE A 392 -5.15 37.87 -27.78
N THR A 393 -5.61 38.25 -26.59
CA THR A 393 -6.90 37.76 -26.13
C THR A 393 -7.68 38.88 -25.45
N ILE A 394 -9.00 38.76 -25.53
CA ILE A 394 -9.90 39.60 -24.74
C ILE A 394 -10.76 38.63 -23.94
N ASN A 395 -10.56 38.61 -22.63
CA ASN A 395 -11.38 37.79 -21.75
C ASN A 395 -12.74 38.42 -21.58
N ARG A 396 -13.62 37.76 -20.81
CA ARG A 396 -14.88 38.40 -20.42
C ARG A 396 -14.57 39.78 -19.85
N GLN A 397 -15.32 40.79 -20.27
CA GLN A 397 -15.04 42.16 -19.84
C GLN A 397 -16.10 42.66 -18.87
N GLN A 398 -15.67 43.42 -17.86
CA GLN A 398 -14.30 43.85 -17.58
C GLN A 398 -13.61 42.87 -16.64
N GLN A 399 -12.29 42.80 -16.71
CA GLN A 399 -11.53 41.88 -15.86
C GLN A 399 -11.16 42.51 -14.52
N PHE A 400 -11.57 43.76 -14.30
CA PHE A 400 -11.36 44.50 -13.06
C PHE A 400 -12.70 45.02 -12.56
N LYS A 401 -12.97 44.83 -11.26
CA LYS A 401 -14.27 45.21 -10.72
C LYS A 401 -14.59 46.68 -10.97
N ASP A 402 -13.61 47.56 -10.81
CA ASP A 402 -13.86 49.00 -10.85
C ASP A 402 -13.63 49.63 -12.21
N GLN A 403 -13.41 48.83 -13.24
CA GLN A 403 -13.18 49.36 -14.57
C GLN A 403 -14.50 49.85 -15.19
N PRO A 404 -14.49 50.98 -15.90
CA PRO A 404 -15.73 51.43 -16.58
C PRO A 404 -16.29 50.39 -17.54
N GLU A 405 -17.62 50.33 -17.61
CA GLU A 405 -18.33 49.33 -18.41
C GLU A 405 -18.22 49.57 -19.91
N ASN A 406 -17.70 50.71 -20.37
CA ASN A 406 -17.52 50.93 -21.79
C ASN A 406 -16.10 50.62 -22.25
N GLU A 407 -15.29 49.97 -21.42
CA GLU A 407 -13.89 49.74 -21.74
C GLU A 407 -13.59 48.26 -21.92
N ILE A 408 -12.62 47.97 -22.77
CA ILE A 408 -12.04 46.62 -22.81
C ILE A 408 -10.55 46.75 -22.55
N SER A 409 -9.97 45.68 -22.04
CA SER A 409 -8.51 45.56 -21.90
C SER A 409 -8.09 44.30 -22.64
N THR A 410 -7.22 44.48 -23.63
CA THR A 410 -6.72 43.40 -24.48
C THR A 410 -5.31 43.03 -24.02
N TRP A 411 -5.05 41.73 -23.90
CA TRP A 411 -3.70 41.25 -23.57
C TRP A 411 -2.99 40.77 -24.84
N ILE A 412 -1.74 41.22 -25.02
CA ILE A 412 -0.99 41.00 -26.24
C ILE A 412 0.36 40.42 -25.84
N TYR A 413 0.84 39.39 -26.55
CA TYR A 413 2.23 38.97 -26.34
C TYR A 413 2.90 38.59 -27.64
N ALA A 414 4.23 38.60 -27.63
CA ALA A 414 5.03 38.26 -28.81
C ALA A 414 6.02 37.16 -28.47
N LEU A 415 5.98 36.08 -29.26
CA LEU A 415 6.91 34.98 -29.03
C LEU A 415 8.34 35.33 -29.44
N TYR A 416 8.52 36.25 -30.40
CA TYR A 416 9.85 36.60 -30.89
C TYR A 416 10.16 38.05 -30.55
N SER A 417 11.27 38.27 -29.85
CA SER A 417 11.58 39.59 -29.27
C SER A 417 12.64 40.37 -30.01
N ASP A 418 13.31 39.78 -31.00
CA ASP A 418 14.44 40.45 -31.62
C ASP A 418 14.26 40.59 -33.13
N VAL A 419 13.02 40.72 -33.57
CA VAL A 419 12.64 40.73 -34.98
C VAL A 419 11.83 42.00 -35.24
N ASN A 420 12.14 42.71 -36.31
CA ASN A 420 11.38 43.89 -36.65
C ASN A 420 9.92 43.56 -36.92
N GLY A 421 9.03 44.45 -36.48
CA GLY A 421 7.62 44.28 -36.77
C GLY A 421 7.31 44.53 -38.24
N ASP A 422 6.07 44.22 -38.60
CA ASP A 422 5.62 44.39 -39.99
C ASP A 422 5.18 45.82 -40.28
N TYR A 423 4.63 46.51 -39.29
CA TYR A 423 4.24 47.90 -39.44
C TYR A 423 5.15 48.84 -38.64
N ILE A 424 5.37 48.55 -37.36
CA ILE A 424 6.41 49.22 -36.59
C ILE A 424 7.67 48.40 -36.77
N LYS A 425 8.61 48.90 -37.56
CA LYS A 425 9.76 48.09 -37.99
C LYS A 425 10.89 48.12 -36.96
N LYS A 426 10.56 47.65 -35.76
CA LYS A 426 11.46 47.58 -34.62
C LYS A 426 11.17 46.30 -33.89
N PRO A 427 12.15 45.75 -33.17
CA PRO A 427 11.85 44.64 -32.26
C PRO A 427 10.91 45.12 -31.15
N ILE A 428 10.13 44.19 -30.61
CA ILE A 428 9.13 44.61 -29.62
C ILE A 428 9.80 45.22 -28.39
N THR A 429 11.03 44.80 -28.07
CA THR A 429 11.70 45.33 -26.89
C THR A 429 12.07 46.81 -27.02
N GLU A 430 12.05 47.35 -28.23
CA GLU A 430 12.30 48.77 -28.42
C GLU A 430 11.01 49.58 -28.55
N CYS A 431 9.85 48.99 -28.28
CA CYS A 431 8.58 49.63 -28.59
C CYS A 431 7.86 50.15 -27.34
N SER A 432 7.30 51.35 -27.47
CA SER A 432 6.37 51.87 -26.47
C SER A 432 5.06 51.10 -26.51
N GLY A 433 4.25 51.33 -25.48
CA GLY A 433 2.89 50.81 -25.50
C GLY A 433 2.13 51.17 -26.77
N ASN A 434 2.15 52.45 -27.18
CA ASN A 434 1.39 52.81 -28.37
C ASN A 434 1.95 52.13 -29.62
N GLU A 435 3.26 51.87 -29.66
CA GLU A 435 3.82 51.19 -30.82
C GLU A 435 3.40 49.72 -30.88
N ILE A 436 3.39 49.04 -29.73
CA ILE A 436 2.84 47.69 -29.71
C ILE A 436 1.38 47.68 -30.15
N CYS A 437 0.60 48.65 -29.67
CA CYS A 437 -0.80 48.77 -30.09
C CYS A 437 -0.91 48.97 -31.59
N GLN A 438 -0.06 49.83 -32.17
CA GLN A 438 -0.12 50.07 -33.61
C GLN A 438 0.13 48.79 -34.40
N GLU A 439 1.16 48.02 -34.01
CA GLU A 439 1.46 46.78 -34.70
C GLU A 439 0.28 45.81 -34.61
N TRP A 440 -0.33 45.72 -33.42
CA TRP A 440 -1.52 44.90 -33.23
C TRP A 440 -2.67 45.35 -34.11
N LEU A 441 -2.99 46.65 -34.10
CA LEU A 441 -4.11 47.15 -34.89
C LEU A 441 -3.87 46.96 -36.39
N TYR A 442 -2.61 47.05 -36.83
CA TYR A 442 -2.28 46.72 -38.22
C TYR A 442 -2.70 45.30 -38.56
N HIS A 443 -2.39 44.36 -37.67
CA HIS A 443 -2.73 42.98 -37.98
C HIS A 443 -4.21 42.67 -37.81
N LEU A 444 -4.97 43.54 -37.13
CA LEU A 444 -6.42 43.43 -37.10
C LEU A 444 -7.06 43.88 -38.41
N GLY A 445 -6.32 44.60 -39.24
CA GLY A 445 -6.87 45.12 -40.48
C GLY A 445 -7.35 46.54 -40.40
N VAL A 446 -7.05 47.26 -39.31
CA VAL A 446 -7.39 48.68 -39.25
C VAL A 446 -6.55 49.46 -40.24
N SER A 447 -7.18 50.43 -40.91
CA SER A 447 -6.46 51.21 -41.91
C SER A 447 -5.20 51.86 -41.33
N THR A 448 -4.10 51.78 -42.08
CA THR A 448 -2.85 52.35 -41.60
C THR A 448 -2.93 53.86 -41.42
N ASP A 449 -3.92 54.53 -42.03
CA ASP A 449 -4.09 55.95 -41.80
C ASP A 449 -4.73 56.27 -40.47
N LYS A 450 -5.30 55.28 -39.77
CA LYS A 450 -5.98 55.51 -38.50
C LYS A 450 -5.21 54.99 -37.29
N ILE A 451 -4.25 54.10 -37.52
CA ILE A 451 -3.68 53.29 -36.46
C ILE A 451 -2.90 54.15 -35.46
N GLU A 452 -2.11 55.11 -35.94
CA GLU A 452 -1.27 55.89 -35.03
C GLU A 452 -2.13 56.66 -34.04
N ASP A 453 -3.21 57.31 -34.50
CA ASP A 453 -3.96 58.12 -33.55
C ASP A 453 -4.82 57.25 -32.64
N LEU A 454 -5.32 56.11 -33.15
CA LEU A 454 -6.06 55.18 -32.30
C LEU A 454 -5.20 54.69 -31.15
N ALA A 455 -3.92 54.44 -31.41
CA ALA A 455 -3.02 53.92 -30.37
C ALA A 455 -2.57 55.04 -29.43
N LYS A 456 -2.27 56.21 -29.98
CA LYS A 456 -1.73 57.27 -29.14
C LYS A 456 -2.81 58.00 -28.34
N HIS A 457 -3.98 58.22 -28.96
CA HIS A 457 -4.96 59.12 -28.38
C HIS A 457 -6.31 58.49 -28.10
N ALA A 458 -6.55 57.25 -28.51
CA ALA A 458 -7.81 56.60 -28.17
C ALA A 458 -7.62 55.35 -27.34
N SER A 459 -6.38 55.02 -27.00
CA SER A 459 -6.04 53.82 -26.23
C SER A 459 -4.93 54.14 -25.23
N ASN A 460 -4.81 53.27 -24.22
CA ASN A 460 -3.69 53.32 -23.30
C ASN A 460 -3.13 51.91 -23.19
N THR A 461 -1.85 51.73 -23.55
CA THR A 461 -1.25 50.40 -23.59
C THR A 461 -0.02 50.38 -22.69
N ILE A 462 0.03 49.42 -21.77
CA ILE A 462 1.10 49.29 -20.80
C ILE A 462 1.93 48.06 -21.17
N PRO A 463 3.19 48.21 -21.56
CA PRO A 463 4.05 47.05 -21.83
C PRO A 463 4.80 46.64 -20.57
N VAL A 464 5.09 45.34 -20.49
CA VAL A 464 5.87 44.79 -19.38
C VAL A 464 6.97 43.92 -19.98
N TYR A 465 8.18 44.06 -19.47
CA TYR A 465 9.32 43.24 -19.87
C TYR A 465 9.63 42.28 -18.73
N MET A 466 9.47 40.98 -18.98
CA MET A 466 9.83 39.98 -17.97
C MET A 466 10.95 39.09 -18.44
N PRO A 467 12.15 39.26 -17.88
CA PRO A 467 13.30 38.48 -18.35
C PRO A 467 13.10 36.98 -18.22
N TYR A 468 12.31 36.53 -17.25
CA TYR A 468 12.23 35.11 -16.94
C TYR A 468 10.90 34.48 -17.31
N ILE A 469 10.10 35.15 -18.15
CA ILE A 469 8.76 34.64 -18.41
C ILE A 469 8.79 33.28 -19.13
N THR A 470 9.85 32.97 -19.89
CA THR A 470 9.98 31.67 -20.54
C THR A 470 10.77 30.65 -19.70
N SER A 471 11.16 30.99 -18.48
CA SER A 471 12.15 30.18 -17.77
C SER A 471 11.64 28.80 -17.41
N TYR A 472 10.31 28.62 -17.21
CA TYR A 472 9.82 27.31 -16.79
C TYR A 472 10.19 26.22 -17.80
N PHE A 473 10.30 26.59 -19.08
CA PHE A 473 10.41 25.67 -20.20
C PHE A 473 11.84 25.49 -20.69
N MET A 474 12.83 26.09 -20.04
CA MET A 474 14.20 25.95 -20.52
C MET A 474 14.63 24.47 -20.48
N THR A 475 15.46 24.07 -21.44
CA THR A 475 15.91 22.69 -21.47
C THR A 475 16.54 22.31 -20.14
N ARG A 476 16.14 21.13 -19.62
CA ARG A 476 16.55 20.71 -18.30
C ARG A 476 16.88 19.23 -18.30
N ALA A 477 17.64 18.84 -17.30
CA ALA A 477 17.94 17.44 -17.04
C ALA A 477 17.28 17.04 -15.73
N ILE A 478 16.97 15.75 -15.60
CA ILE A 478 16.48 15.28 -14.31
C ILE A 478 17.51 15.62 -13.25
N GLY A 479 17.06 16.16 -12.13
CA GLY A 479 17.91 16.67 -11.09
C GLY A 479 18.06 18.17 -11.08
N ASP A 480 17.75 18.84 -12.19
CA ASP A 480 17.84 20.30 -12.22
C ASP A 480 16.78 20.97 -11.36
N ARG A 481 15.62 20.31 -11.16
CA ARG A 481 14.60 20.77 -10.24
C ARG A 481 14.64 19.95 -8.97
N PRO A 482 14.62 20.56 -7.80
CA PRO A 482 14.55 19.78 -6.55
C PRO A 482 13.24 19.04 -6.44
N LEU A 483 13.28 17.86 -5.82
CA LEU A 483 12.05 17.21 -5.43
C LEU A 483 11.28 18.09 -4.44
N VAL A 484 9.97 17.92 -4.42
CA VAL A 484 9.14 18.68 -3.49
C VAL A 484 9.64 18.49 -2.07
N VAL A 485 9.94 17.26 -1.68
CA VAL A 485 10.66 16.98 -0.45
C VAL A 485 11.90 16.16 -0.82
N PRO A 486 13.07 16.80 -0.84
CA PRO A 486 14.30 16.09 -1.20
C PRO A 486 14.55 14.91 -0.29
N HIS A 487 15.28 13.92 -0.81
CA HIS A 487 15.63 12.72 -0.04
C HIS A 487 16.18 13.09 1.33
N GLN A 488 15.58 12.51 2.39
CA GLN A 488 15.98 12.69 3.78
C GLN A 488 15.70 14.08 4.35
N SER A 489 14.99 14.94 3.63
CA SER A 489 14.63 16.24 4.19
C SER A 489 13.62 16.09 5.33
N GLN A 490 13.94 16.70 6.46
CA GLN A 490 13.09 16.63 7.64
C GLN A 490 12.07 17.77 7.71
N ASN A 491 12.46 18.96 7.25
CA ASN A 491 11.62 20.13 7.48
C ASN A 491 11.72 21.12 6.33
N LEU A 492 12.19 20.70 5.15
CA LEU A 492 12.39 21.60 4.03
C LEU A 492 11.68 21.05 2.80
N ALA A 493 10.87 21.90 2.15
CA ALA A 493 10.19 21.53 0.92
C ALA A 493 10.35 22.62 -0.12
N PHE A 494 10.32 22.20 -1.38
CA PHE A 494 10.33 23.09 -2.53
C PHE A 494 9.00 22.99 -3.25
N ILE A 495 8.40 24.14 -3.57
CA ILE A 495 7.09 24.16 -4.19
C ILE A 495 7.11 25.14 -5.36
N GLY A 496 6.04 25.09 -6.15
CA GLY A 496 5.99 25.93 -7.33
C GLY A 496 6.48 25.25 -8.59
N ASN A 497 6.55 26.04 -9.65
CA ASN A 497 6.76 25.52 -10.99
C ASN A 497 8.23 25.31 -11.36
N PHE A 498 9.16 25.40 -10.40
CA PHE A 498 10.51 24.90 -10.59
C PHE A 498 10.84 23.75 -9.64
N ALA A 499 9.84 23.16 -8.98
CA ALA A 499 10.00 21.94 -8.21
C ALA A 499 9.61 20.74 -9.07
N GLU A 500 10.05 19.55 -8.62
CA GLU A 500 9.89 18.32 -9.38
C GLU A 500 8.82 17.43 -8.78
N THR A 501 7.84 17.03 -9.58
CA THR A 501 6.90 15.97 -9.23
C THR A 501 6.55 15.25 -10.53
N GLU A 502 6.04 14.02 -10.40
CA GLU A 502 5.87 13.23 -11.61
C GLU A 502 4.70 13.73 -12.48
N ARG A 503 4.90 13.59 -13.79
CA ARG A 503 3.92 13.77 -14.87
C ARG A 503 3.32 15.16 -15.07
N ASP A 504 3.14 15.96 -14.03
CA ASP A 504 2.35 17.17 -14.22
C ASP A 504 3.15 18.25 -14.96
N THR A 505 2.43 19.24 -15.46
CA THR A 505 2.96 20.24 -16.39
C THR A 505 3.15 21.58 -15.68
N VAL A 506 4.33 22.17 -15.86
CA VAL A 506 4.58 23.51 -15.30
C VAL A 506 3.99 24.58 -16.20
N PHE A 507 4.06 25.84 -15.76
CA PHE A 507 3.33 26.97 -16.33
C PHE A 507 1.82 26.77 -16.18
N THR A 508 1.39 26.04 -15.14
CA THR A 508 -0.03 25.92 -14.81
C THR A 508 -0.25 26.21 -13.33
N THR A 509 -1.41 26.80 -13.03
CA THR A 509 -1.74 27.04 -11.62
C THR A 509 -1.91 25.73 -10.89
N GLU A 510 -2.38 24.68 -11.59
CA GLU A 510 -2.49 23.37 -10.98
C GLU A 510 -1.15 22.90 -10.42
N TYR A 511 -0.06 23.13 -11.14
CA TYR A 511 1.25 22.68 -10.65
C TYR A 511 1.61 23.34 -9.33
N SER A 512 1.30 24.65 -9.19
CA SER A 512 1.53 25.34 -7.93
C SER A 512 0.75 24.71 -6.79
N VAL A 513 -0.53 24.40 -7.01
CA VAL A 513 -1.34 23.80 -5.94
C VAL A 513 -0.88 22.38 -5.65
N ARG A 514 -0.57 21.61 -6.70
CA ARG A 514 -0.15 20.23 -6.50
C ARG A 514 1.11 20.16 -5.64
N THR A 515 2.14 20.93 -6.00
CA THR A 515 3.38 20.89 -5.23
C THR A 515 3.15 21.36 -3.79
N ALA A 516 2.33 22.40 -3.61
CA ALA A 516 1.97 22.83 -2.26
C ALA A 516 1.34 21.70 -1.46
N MET A 517 0.35 21.03 -2.06
CA MET A 517 -0.34 19.94 -1.38
C MET A 517 0.62 18.80 -1.04
N GLU A 518 1.44 18.40 -2.02
CA GLU A 518 2.38 17.30 -1.80
C GLU A 518 3.41 17.66 -0.74
N ALA A 519 3.84 18.93 -0.69
CA ALA A 519 4.81 19.34 0.32
C ALA A 519 4.20 19.26 1.72
N VAL A 520 3.00 19.79 1.88
CA VAL A 520 2.35 19.80 3.19
C VAL A 520 2.04 18.38 3.64
N TYR A 521 1.54 17.56 2.72
CA TYR A 521 1.17 16.19 3.08
C TYR A 521 2.41 15.37 3.46
N GLN A 522 3.51 15.53 2.71
CA GLN A 522 4.71 14.75 3.02
C GLN A 522 5.36 15.21 4.32
N LEU A 523 5.50 16.52 4.51
CA LEU A 523 6.21 16.98 5.70
C LEU A 523 5.41 16.72 6.96
N LEU A 524 4.08 16.77 6.90
CA LEU A 524 3.28 16.48 8.09
C LEU A 524 2.79 15.03 8.15
N ASN A 525 3.08 14.21 7.13
CA ASN A 525 2.63 12.81 7.07
C ASN A 525 1.11 12.70 7.21
N ILE A 526 0.41 13.42 6.33
CA ILE A 526 -1.06 13.48 6.37
C ILE A 526 -1.62 12.23 5.71
N ASP A 527 -2.55 11.57 6.42
CA ASP A 527 -3.05 10.25 6.01
C ASP A 527 -4.28 10.38 5.11
N ARG A 528 -4.03 10.92 3.92
CA ARG A 528 -5.05 11.02 2.88
C ARG A 528 -4.35 11.04 1.53
N GLY A 529 -5.00 10.47 0.52
CA GLY A 529 -4.39 10.42 -0.81
C GLY A 529 -4.34 11.79 -1.47
N ILE A 530 -3.32 11.98 -2.28
CA ILE A 530 -3.22 13.13 -3.18
C ILE A 530 -3.72 12.70 -4.54
N PRO A 531 -4.61 13.45 -5.21
CA PRO A 531 -5.09 12.98 -6.51
C PRO A 531 -3.96 12.87 -7.51
N GLU A 532 -3.84 11.70 -8.16
CA GLU A 532 -2.84 11.57 -9.22
C GLU A 532 -3.14 12.54 -10.36
N VAL A 533 -2.10 12.85 -11.15
CA VAL A 533 -2.35 13.56 -12.41
C VAL A 533 -3.36 12.72 -13.20
N ILE A 534 -4.36 13.37 -13.81
CA ILE A 534 -5.50 12.62 -14.35
C ILE A 534 -5.03 11.52 -15.32
N ASN A 535 -5.69 10.37 -15.25
CA ASN A 535 -5.19 9.16 -15.91
C ASN A 535 -5.46 9.13 -17.41
N SER A 536 -5.73 10.28 -18.05
CA SER A 536 -6.16 10.24 -19.44
C SER A 536 -5.19 9.56 -20.43
N PRO A 537 -3.87 9.67 -20.33
CA PRO A 537 -3.02 8.96 -21.31
C PRO A 537 -3.07 7.45 -21.18
N PHE A 538 -3.62 6.93 -20.09
CA PHE A 538 -3.76 5.49 -19.88
C PHE A 538 -5.14 4.98 -20.28
N ASP A 539 -6.04 5.88 -20.63
CA ASP A 539 -7.44 5.55 -20.84
C ASP A 539 -7.65 5.25 -22.32
N LEU A 540 -8.03 4.00 -22.63
CA LEU A 540 -8.19 3.59 -24.02
C LEU A 540 -9.21 4.43 -24.76
N ARG A 541 -10.27 4.90 -24.08
CA ARG A 541 -11.27 5.75 -24.72
C ARG A 541 -10.65 7.06 -25.17
N VAL A 542 -9.83 7.65 -24.30
CA VAL A 542 -9.16 8.92 -24.60
C VAL A 542 -8.17 8.74 -25.74
N LEU A 543 -7.46 7.62 -25.75
CA LEU A 543 -6.46 7.37 -26.80
C LEU A 543 -7.12 7.15 -28.15
N MET A 544 -8.27 6.46 -28.17
CA MET A 544 -9.07 6.33 -29.39
C MET A 544 -9.46 7.70 -29.94
N ASP A 545 -9.94 8.58 -29.06
CA ASP A 545 -10.30 9.93 -29.48
C ASP A 545 -9.09 10.68 -30.02
N ALA A 546 -7.92 10.49 -29.40
CA ALA A 546 -6.71 11.19 -29.84
C ALA A 546 -6.30 10.75 -31.24
N ILE A 547 -6.40 9.45 -31.53
CA ILE A 547 -6.08 8.98 -32.88
C ILE A 547 -7.00 9.64 -33.90
N TYR A 548 -8.31 9.66 -33.59
CA TYR A 548 -9.28 10.25 -34.49
C TYR A 548 -8.99 11.73 -34.72
N GLU A 549 -8.73 12.46 -33.64
CA GLU A 549 -8.54 13.91 -33.76
C GLU A 549 -7.21 14.26 -34.41
N LEU A 550 -6.12 13.60 -33.99
CA LEU A 550 -4.80 13.90 -34.54
C LEU A 550 -4.77 13.73 -36.05
N ASN A 551 -5.53 12.78 -36.58
CA ASN A 551 -5.61 12.52 -38.01
C ASN A 551 -6.72 13.32 -38.71
N ASP A 552 -7.15 14.45 -38.12
CA ASP A 552 -8.19 15.33 -38.65
C ASP A 552 -9.45 14.54 -39.03
N HIS A 553 -9.93 13.73 -38.07
CA HIS A 553 -11.24 13.07 -38.15
C HIS A 553 -11.28 12.00 -39.24
N GLN A 554 -10.26 11.16 -39.28
CA GLN A 554 -10.22 10.01 -40.17
C GLN A 554 -10.40 8.73 -39.37
N ASP A 555 -11.09 7.76 -39.96
CA ASP A 555 -11.18 6.46 -39.32
C ASP A 555 -9.93 5.64 -39.64
N LEU A 556 -9.84 4.45 -39.04
CA LEU A 556 -8.64 3.65 -39.18
C LEU A 556 -8.38 3.23 -40.63
N ARG A 557 -9.45 3.02 -41.40
CA ARG A 557 -9.26 2.66 -42.81
C ARG A 557 -8.60 3.80 -43.58
N GLU A 558 -9.09 5.02 -43.36
CA GLU A 558 -8.49 6.18 -44.05
C GLU A 558 -7.07 6.43 -43.56
N ILE A 559 -6.81 6.25 -42.27
CA ILE A 559 -5.48 6.53 -41.71
C ILE A 559 -4.44 5.63 -42.34
N THR A 560 -4.77 4.35 -42.56
CA THR A 560 -3.80 3.36 -42.99
C THR A 560 -3.79 3.11 -44.50
N LYS A 561 -4.65 3.77 -45.26
CA LYS A 561 -4.92 3.37 -46.63
C LYS A 561 -3.70 3.46 -47.53
N ASP A 562 -2.69 4.26 -47.17
CA ASP A 562 -1.51 4.47 -48.00
C ASP A 562 -0.27 3.82 -47.40
N SER A 563 -0.45 2.86 -46.50
CA SER A 563 0.65 2.13 -45.87
C SER A 563 0.37 0.64 -46.00
N LYS A 564 1.19 -0.05 -46.79
CA LYS A 564 1.02 -1.49 -46.97
C LYS A 564 1.10 -2.24 -45.65
N MET A 565 2.13 -1.95 -44.85
CA MET A 565 2.29 -2.63 -43.57
C MET A 565 1.12 -2.34 -42.64
N GLN A 566 0.63 -1.10 -42.62
CA GLN A 566 -0.44 -0.74 -41.70
C GLN A 566 -1.79 -1.27 -42.17
N LYS A 567 -2.06 -1.18 -43.47
CA LYS A 567 -3.27 -1.75 -44.04
C LYS A 567 -3.38 -3.24 -43.75
N LEU A 568 -2.27 -3.96 -43.87
CA LEU A 568 -2.29 -5.41 -43.68
C LEU A 568 -2.51 -5.76 -42.21
N ALA A 569 -1.83 -5.04 -41.31
CA ALA A 569 -2.04 -5.24 -39.89
C ALA A 569 -3.47 -4.91 -39.50
N LEU A 570 -4.04 -3.84 -40.07
CA LEU A 570 -5.42 -3.49 -39.75
C LEU A 570 -6.38 -4.57 -40.22
N ALA A 571 -6.12 -5.14 -41.41
CA ALA A 571 -7.00 -6.19 -41.93
C ALA A 571 -7.09 -7.36 -40.97
N GLY A 572 -5.94 -7.80 -40.46
CA GLY A 572 -5.95 -8.93 -39.55
C GLY A 572 -6.65 -8.60 -38.25
N PHE A 573 -6.45 -7.37 -37.76
CA PHE A 573 -7.11 -6.90 -36.55
C PHE A 573 -8.63 -6.87 -36.74
N LEU A 574 -9.09 -6.32 -37.87
CA LEU A 574 -10.53 -6.21 -38.10
C LEU A 574 -11.17 -7.59 -38.19
N LYS A 575 -10.49 -8.56 -38.77
CA LYS A 575 -11.05 -9.90 -38.83
C LYS A 575 -11.21 -10.49 -37.43
N LYS A 576 -10.27 -10.19 -36.52
CA LYS A 576 -10.34 -10.70 -35.17
C LYS A 576 -11.42 -10.00 -34.34
N ILE A 577 -11.63 -8.69 -34.53
CA ILE A 577 -12.53 -7.97 -33.63
C ILE A 577 -13.94 -7.78 -34.18
N LYS A 578 -14.22 -8.25 -35.40
CA LYS A 578 -15.53 -7.96 -36.01
C LYS A 578 -16.71 -8.34 -35.10
N GLY A 579 -16.70 -9.50 -34.49
CA GLY A 579 -17.96 -9.63 -33.77
C GLY A 579 -18.19 -8.78 -32.50
N THR A 580 -17.23 -7.96 -32.09
CA THR A 580 -16.93 -7.85 -30.68
C THR A 580 -17.09 -6.45 -30.09
N TYR A 581 -16.95 -6.42 -28.76
CA TYR A 581 -16.99 -5.16 -28.02
C TYR A 581 -15.91 -4.19 -28.48
N ILE A 582 -14.76 -4.71 -28.95
CA ILE A 582 -13.71 -3.80 -29.45
C ILE A 582 -14.23 -3.05 -30.67
N GLU A 583 -14.97 -3.74 -31.54
CA GLU A 583 -15.51 -3.07 -32.72
C GLU A 583 -16.53 -2.00 -32.34
N SER A 584 -17.42 -2.32 -31.38
CA SER A 584 -18.40 -1.33 -30.97
C SER A 584 -17.72 -0.11 -30.34
N LEU A 585 -16.66 -0.34 -29.55
CA LEU A 585 -15.93 0.77 -28.94
C LEU A 585 -15.29 1.65 -30.01
N LEU A 586 -14.64 1.02 -30.99
CA LEU A 586 -14.01 1.80 -32.06
C LEU A 586 -15.04 2.60 -32.85
N LYS A 587 -16.21 1.99 -33.13
CA LYS A 587 -17.27 2.72 -33.82
C LYS A 587 -17.78 3.88 -32.97
N GLU A 588 -17.94 3.67 -31.66
CA GLU A 588 -18.38 4.76 -30.79
C GLU A 588 -17.42 5.95 -30.85
N HIS A 589 -16.12 5.68 -30.96
CA HIS A 589 -15.12 6.74 -31.03
C HIS A 589 -14.73 7.08 -32.47
N LYS A 590 -15.55 6.69 -33.44
CA LYS A 590 -15.48 7.11 -34.83
C LYS A 590 -14.24 6.58 -35.55
N LEU A 591 -13.57 5.58 -34.99
CA LEU A 591 -12.42 4.98 -35.66
C LEU A 591 -12.82 3.86 -36.62
N LEU A 592 -14.06 3.41 -36.57
CA LEU A 592 -14.63 2.53 -37.58
C LEU A 592 -16.06 2.99 -37.89
N HIS B 1 -31.23 13.56 -19.88
CA HIS B 1 -31.43 14.58 -18.85
C HIS B 1 -30.38 14.44 -17.74
N MET B 2 -29.24 13.83 -18.08
CA MET B 2 -28.09 13.73 -17.19
C MET B 2 -26.82 13.61 -18.04
N TYR B 3 -25.67 13.79 -17.41
CA TYR B 3 -24.40 13.44 -18.04
C TYR B 3 -23.48 12.81 -17.02
N TYR B 4 -22.58 11.96 -17.50
CA TYR B 4 -21.59 11.31 -16.67
C TYR B 4 -20.27 12.07 -16.67
N SER B 5 -19.57 11.99 -15.55
CA SER B 5 -18.31 12.70 -15.38
C SER B 5 -17.37 11.91 -14.48
N TYR B 6 -16.16 12.41 -14.32
CA TYR B 6 -15.25 11.88 -13.31
C TYR B 6 -14.27 12.98 -12.94
N GLY B 7 -13.61 12.83 -11.80
CA GLY B 7 -12.66 13.82 -11.34
C GLY B 7 -13.23 14.74 -10.28
N ASN B 8 -12.34 15.55 -9.71
CA ASN B 8 -12.68 16.38 -8.55
C ASN B 8 -13.56 17.58 -8.89
N TYR B 9 -13.46 18.15 -10.09
CA TYR B 9 -14.25 19.33 -10.44
C TYR B 9 -15.74 19.06 -10.24
N GLU B 10 -16.24 18.01 -10.89
CA GLU B 10 -17.65 17.68 -10.74
C GLU B 10 -17.96 17.07 -9.39
N ALA B 11 -16.99 16.40 -8.75
CA ALA B 11 -17.25 15.84 -7.43
C ALA B 11 -17.52 16.94 -6.41
N PHE B 12 -16.72 18.00 -6.43
CA PHE B 12 -16.80 19.01 -5.38
C PHE B 12 -17.79 20.12 -5.70
N ALA B 13 -18.19 20.24 -6.97
CA ALA B 13 -19.12 21.29 -7.35
C ALA B 13 -20.51 21.01 -6.84
N ARG B 14 -21.24 22.09 -6.55
CA ARG B 14 -22.63 22.00 -6.11
C ARG B 14 -23.55 22.40 -7.25
N PRO B 15 -24.66 21.70 -7.47
CA PRO B 15 -25.59 22.12 -8.52
C PRO B 15 -26.40 23.34 -8.10
N LYS B 16 -26.74 24.17 -9.08
CA LYS B 16 -27.73 25.21 -8.84
C LYS B 16 -29.04 24.59 -8.41
N LYS B 17 -29.84 25.36 -7.67
CA LYS B 17 -31.16 24.88 -7.29
C LYS B 17 -32.00 24.65 -8.55
N PRO B 18 -32.59 23.48 -8.74
CA PRO B 18 -33.32 23.23 -9.99
C PRO B 18 -34.54 24.12 -10.11
N GLU B 19 -34.93 24.38 -11.36
CA GLU B 19 -36.03 25.29 -11.66
C GLU B 19 -37.36 24.74 -11.13
N ASN B 20 -38.12 25.61 -10.46
CA ASN B 20 -39.50 25.36 -10.07
C ASN B 20 -39.64 24.23 -9.06
N VAL B 21 -38.55 23.82 -8.39
CA VAL B 21 -38.67 22.71 -7.45
C VAL B 21 -39.56 23.05 -6.26
N GLU B 22 -39.71 24.33 -5.95
CA GLU B 22 -40.63 24.76 -4.89
C GLU B 22 -42.07 24.33 -5.14
N ASN B 23 -42.42 23.99 -6.37
CA ASN B 23 -43.77 23.56 -6.71
C ASN B 23 -43.87 22.05 -6.92
N LYS B 24 -42.87 21.29 -6.47
CA LYS B 24 -42.85 19.85 -6.70
C LYS B 24 -42.84 19.08 -5.39
N SER B 25 -43.29 17.83 -5.47
CA SER B 25 -43.35 16.91 -4.34
C SER B 25 -42.76 15.57 -4.76
N ALA B 26 -42.56 14.65 -3.81
CA ALA B 26 -42.02 13.35 -4.16
C ALA B 26 -42.60 12.27 -3.26
N TYR B 27 -42.87 11.11 -3.86
CA TYR B 27 -43.32 9.92 -3.15
C TYR B 27 -42.34 8.80 -3.42
N LEU B 28 -41.84 8.16 -2.36
CA LEU B 28 -40.86 7.10 -2.48
C LEU B 28 -41.48 5.81 -1.95
N ILE B 29 -41.55 4.79 -2.78
CA ILE B 29 -42.26 3.57 -2.42
C ILE B 29 -41.27 2.64 -1.71
N GLY B 30 -41.41 2.54 -0.38
CA GLY B 30 -40.55 1.72 0.46
C GLY B 30 -39.52 2.54 1.22
N SER B 31 -38.84 1.87 2.17
CA SER B 31 -37.76 2.51 2.92
C SER B 31 -36.47 1.70 2.88
N GLY B 32 -36.24 0.93 1.81
CA GLY B 32 -34.95 0.32 1.56
C GLY B 32 -33.94 1.39 1.17
N LEU B 33 -32.70 0.94 0.89
CA LEU B 33 -31.62 1.91 0.78
C LEU B 33 -31.79 2.82 -0.44
N ALA B 34 -32.28 2.30 -1.56
CA ALA B 34 -32.42 3.15 -2.74
C ALA B 34 -33.41 4.30 -2.49
N SER B 35 -34.55 4.00 -1.84
CA SER B 35 -35.53 5.02 -1.53
C SER B 35 -34.95 6.09 -0.61
N LEU B 36 -34.27 5.67 0.46
CA LEU B 36 -33.68 6.65 1.37
C LEU B 36 -32.60 7.46 0.67
N ALA B 37 -31.78 6.82 -0.18
CA ALA B 37 -30.78 7.56 -0.94
C ALA B 37 -31.43 8.61 -1.85
N ALA B 38 -32.53 8.24 -2.52
CA ALA B 38 -33.21 9.20 -3.38
C ALA B 38 -33.76 10.37 -2.58
N ALA B 39 -34.36 10.08 -1.43
CA ALA B 39 -34.83 11.19 -0.58
C ALA B 39 -33.68 12.11 -0.17
N CYS B 40 -32.51 11.55 0.15
CA CYS B 40 -31.37 12.38 0.51
C CYS B 40 -30.94 13.26 -0.65
N PHE B 41 -30.87 12.71 -1.86
CA PHE B 41 -30.50 13.56 -2.99
C PHE B 41 -31.57 14.60 -3.28
N LEU B 42 -32.85 14.27 -3.06
CA LEU B 42 -33.91 15.28 -3.25
C LEU B 42 -33.71 16.45 -2.29
N ILE B 43 -33.29 16.17 -1.05
CA ILE B 43 -33.02 17.24 -0.09
C ILE B 43 -31.77 18.02 -0.48
N ARG B 44 -30.66 17.32 -0.67
CA ARG B 44 -29.36 17.97 -0.76
C ARG B 44 -29.19 18.70 -2.09
N ASP B 45 -29.50 18.01 -3.19
CA ASP B 45 -29.24 18.52 -4.53
C ASP B 45 -30.50 19.03 -5.21
N GLY B 46 -31.64 18.38 -4.97
CA GLY B 46 -32.88 18.93 -5.50
C GLY B 46 -33.35 20.15 -4.75
N GLN B 47 -32.93 20.30 -3.50
CA GLN B 47 -33.42 21.35 -2.60
C GLN B 47 -34.94 21.35 -2.51
N MET B 48 -35.52 20.15 -2.59
CA MET B 48 -36.95 20.00 -2.39
C MET B 48 -37.26 20.15 -0.91
N GLU B 49 -38.42 20.75 -0.62
CA GLU B 49 -38.84 20.93 0.77
C GLU B 49 -39.11 19.57 1.41
N GLY B 50 -38.58 19.38 2.62
CA GLY B 50 -38.73 18.09 3.29
C GLY B 50 -40.19 17.71 3.53
N SER B 51 -41.02 18.72 3.83
CA SER B 51 -42.43 18.43 4.05
C SER B 51 -43.13 17.91 2.81
N LYS B 52 -42.54 18.08 1.63
CA LYS B 52 -43.12 17.58 0.39
C LYS B 52 -42.54 16.24 -0.06
N ILE B 53 -41.73 15.60 0.78
CA ILE B 53 -41.13 14.30 0.48
C ILE B 53 -41.78 13.28 1.39
N HIS B 54 -42.37 12.24 0.80
CA HIS B 54 -43.14 11.24 1.51
C HIS B 54 -42.57 9.86 1.25
N ILE B 55 -42.05 9.23 2.30
CA ILE B 55 -41.53 7.87 2.20
C ILE B 55 -42.63 6.94 2.68
N LEU B 56 -43.10 6.07 1.78
CA LEU B 56 -44.25 5.22 2.04
C LEU B 56 -43.76 3.82 2.39
N GLU B 57 -43.94 3.44 3.65
CA GLU B 57 -43.42 2.20 4.20
C GLU B 57 -44.57 1.28 4.58
N GLU B 58 -44.47 0.02 4.17
CA GLU B 58 -45.54 -0.96 4.40
C GLU B 58 -45.59 -1.42 5.86
N LEU B 59 -44.43 -1.59 6.50
CA LEU B 59 -44.40 -2.09 7.86
C LEU B 59 -44.82 -0.99 8.83
N PRO B 60 -45.26 -1.36 10.04
CA PRO B 60 -45.61 -0.36 11.06
C PRO B 60 -44.38 0.31 11.64
N LEU B 73 -36.80 -12.74 15.47
CA LEU B 73 -36.99 -12.15 16.79
C LEU B 73 -36.65 -13.11 17.94
N LYS B 74 -36.40 -14.38 17.63
CA LYS B 74 -35.83 -15.28 18.63
C LYS B 74 -34.31 -15.16 18.73
N GLY B 75 -33.69 -14.25 17.95
CA GLY B 75 -32.25 -14.11 18.01
C GLY B 75 -31.81 -13.08 17.00
N TYR B 76 -30.53 -12.75 17.07
CA TYR B 76 -29.94 -11.82 16.11
C TYR B 76 -29.94 -12.41 14.71
N VAL B 77 -30.18 -11.54 13.72
CA VAL B 77 -30.11 -11.90 12.32
C VAL B 77 -29.19 -10.91 11.62
N VAL B 78 -28.13 -11.41 11.01
CA VAL B 78 -27.26 -10.58 10.17
C VAL B 78 -27.58 -10.86 8.72
N ARG B 79 -27.26 -9.88 7.87
CA ARG B 79 -27.45 -10.01 6.44
C ARG B 79 -26.11 -9.86 5.73
N GLY B 80 -26.10 -10.21 4.44
CA GLY B 80 -24.98 -9.95 3.57
C GLY B 80 -25.25 -8.82 2.59
N GLY B 81 -24.43 -8.77 1.54
CA GLY B 81 -24.59 -7.77 0.51
C GLY B 81 -24.16 -6.37 0.88
N ARG B 82 -23.27 -6.23 1.87
CA ARG B 82 -22.85 -4.88 2.26
C ARG B 82 -21.33 -4.76 2.33
N GLU B 83 -20.59 -5.62 1.62
CA GLU B 83 -19.18 -5.36 1.32
C GLU B 83 -19.10 -4.10 0.48
N MET B 84 -18.19 -3.18 0.81
CA MET B 84 -17.99 -1.98 0.02
C MET B 84 -16.56 -1.95 -0.52
N GLU B 85 -16.32 -1.06 -1.47
CA GLU B 85 -14.96 -0.82 -1.93
C GLU B 85 -14.78 0.68 -2.14
N ASN B 86 -13.52 1.06 -2.37
CA ASN B 86 -13.23 2.47 -2.56
C ASN B 86 -13.99 3.06 -3.74
N HIS B 87 -14.18 2.30 -4.83
CA HIS B 87 -14.77 2.92 -6.03
C HIS B 87 -16.29 2.76 -6.11
N PHE B 88 -16.98 2.75 -4.95
CA PHE B 88 -18.42 3.00 -4.91
C PHE B 88 -18.63 4.51 -5.03
N GLU B 89 -18.50 5.02 -6.27
CA GLU B 89 -18.38 6.46 -6.49
C GLU B 89 -19.62 7.22 -6.04
N CYS B 90 -20.82 6.70 -6.35
CA CYS B 90 -22.04 7.44 -5.98
C CYS B 90 -22.31 7.32 -4.49
N LEU B 91 -22.05 6.13 -3.92
CA LEU B 91 -22.30 5.95 -2.50
C LEU B 91 -21.45 6.90 -1.66
N TRP B 92 -20.19 7.11 -2.06
CA TRP B 92 -19.39 8.03 -1.25
C TRP B 92 -19.77 9.48 -1.49
N ASP B 93 -20.28 9.82 -2.70
CA ASP B 93 -20.85 11.15 -2.91
C ASP B 93 -22.00 11.39 -1.92
N LEU B 94 -22.83 10.38 -1.69
CA LEU B 94 -23.93 10.53 -0.75
C LEU B 94 -23.43 10.61 0.69
N PHE B 95 -22.61 9.64 1.12
CA PHE B 95 -22.40 9.54 2.55
C PHE B 95 -21.37 10.52 3.09
N ARG B 96 -20.65 11.26 2.25
CA ARG B 96 -19.90 12.40 2.77
C ARG B 96 -20.81 13.50 3.30
N SER B 97 -22.09 13.48 2.94
CA SER B 97 -23.02 14.50 3.35
C SER B 97 -23.91 14.10 4.51
N ILE B 98 -23.79 12.85 4.97
CA ILE B 98 -24.65 12.33 6.03
C ILE B 98 -23.86 12.35 7.33
N PRO B 99 -24.29 13.09 8.36
CA PRO B 99 -23.53 13.10 9.62
C PRO B 99 -23.44 11.70 10.24
N SER B 100 -22.25 11.38 10.74
CA SER B 100 -22.09 10.18 11.55
C SER B 100 -22.92 10.29 12.83
N LEU B 101 -23.46 9.16 13.28
CA LEU B 101 -24.12 9.08 14.58
C LEU B 101 -23.18 8.58 15.66
N GLU B 102 -21.94 8.27 15.29
CA GLU B 102 -20.94 7.70 16.20
C GLU B 102 -19.81 8.67 16.53
N ILE B 103 -19.42 9.51 15.59
CA ILE B 103 -18.30 10.43 15.73
C ILE B 103 -18.79 11.85 15.51
N ASP B 104 -18.53 12.74 16.47
CA ASP B 104 -18.95 14.13 16.33
C ASP B 104 -18.16 14.82 15.22
N ASN B 105 -18.84 15.76 14.54
CA ASN B 105 -18.22 16.61 13.52
C ASN B 105 -17.55 15.77 12.43
N ALA B 106 -18.24 14.74 11.97
CA ALA B 106 -17.71 13.82 10.97
C ALA B 106 -18.88 13.23 10.22
N SER B 107 -18.65 12.88 8.95
CA SER B 107 -19.65 12.22 8.14
C SER B 107 -19.57 10.70 8.31
N VAL B 108 -20.58 10.02 7.76
CA VAL B 108 -20.53 8.56 7.66
C VAL B 108 -19.28 8.12 6.88
N LEU B 109 -18.94 8.85 5.81
CA LEU B 109 -17.73 8.50 5.07
C LEU B 109 -16.49 8.64 5.95
N ASP B 110 -16.40 9.73 6.72
CA ASP B 110 -15.23 9.92 7.58
C ASP B 110 -15.09 8.76 8.54
N GLU B 111 -16.18 8.43 9.23
CA GLU B 111 -16.15 7.32 10.19
C GLU B 111 -15.65 6.04 9.52
N PHE B 112 -16.18 5.75 8.34
CA PHE B 112 -15.87 4.54 7.59
C PHE B 112 -14.41 4.55 7.11
N TYR B 113 -13.97 5.69 6.59
CA TYR B 113 -12.62 5.85 6.06
C TYR B 113 -11.57 5.63 7.15
N TRP B 114 -11.77 6.26 8.29
CA TRP B 114 -10.82 6.13 9.38
C TRP B 114 -10.81 4.72 9.92
N LEU B 115 -11.99 4.10 10.08
CA LEU B 115 -12.04 2.74 10.62
C LEU B 115 -11.30 1.76 9.73
N ASN B 116 -11.51 1.85 8.42
CA ASN B 116 -10.90 0.87 7.54
C ASN B 116 -9.42 1.13 7.29
N LYS B 117 -8.91 2.31 7.68
CA LYS B 117 -7.46 2.49 7.73
C LYS B 117 -6.88 1.97 9.05
N GLU B 118 -7.60 2.14 10.17
CA GLU B 118 -7.07 1.62 11.44
C GLU B 118 -7.09 0.10 11.50
N ASP B 119 -8.06 -0.52 10.83
CA ASP B 119 -8.28 -1.97 10.90
C ASP B 119 -8.60 -2.45 9.49
N PRO B 120 -7.60 -2.50 8.61
CA PRO B 120 -7.88 -2.84 7.20
C PRO B 120 -8.30 -4.29 7.05
N ASN B 121 -9.30 -4.51 6.21
CA ASN B 121 -9.81 -5.86 6.03
C ASN B 121 -8.90 -6.69 5.14
N TYR B 122 -8.66 -7.93 5.56
CA TYR B 122 -8.01 -8.94 4.72
C TYR B 122 -8.28 -10.30 5.35
N SER B 123 -8.19 -11.34 4.53
CA SER B 123 -8.40 -12.71 4.99
C SER B 123 -7.07 -13.42 5.19
N ARG B 124 -6.97 -14.18 6.30
CA ARG B 124 -5.82 -15.06 6.55
C ARG B 124 -6.17 -16.53 6.27
N CYS B 125 -7.39 -16.80 5.81
CA CYS B 125 -7.83 -18.14 5.46
C CYS B 125 -9.12 -18.05 4.67
N ARG B 126 -9.05 -18.30 3.36
CA ARG B 126 -10.19 -18.06 2.49
C ARG B 126 -10.99 -19.31 2.17
N VAL B 127 -10.35 -20.47 2.07
CA VAL B 127 -11.04 -21.71 1.71
C VAL B 127 -10.55 -22.83 2.63
N ILE B 128 -11.49 -23.60 3.15
CA ILE B 128 -11.14 -24.78 3.96
C ILE B 128 -11.79 -26.03 3.35
N GLU B 129 -11.30 -27.18 3.80
CA GLU B 129 -11.80 -28.47 3.34
C GLU B 129 -11.43 -29.50 4.39
N LYS B 130 -11.96 -30.72 4.22
CA LYS B 130 -11.59 -31.84 5.09
C LYS B 130 -11.73 -31.46 6.56
N GLN B 131 -12.87 -30.85 6.88
CA GLN B 131 -13.25 -30.52 8.25
C GLN B 131 -12.21 -29.64 8.93
N GLY B 132 -11.88 -28.53 8.26
CA GLY B 132 -11.18 -27.43 8.91
C GLY B 132 -9.76 -27.18 8.43
N GLN B 133 -9.29 -27.87 7.40
CA GLN B 133 -7.93 -27.66 6.90
C GLN B 133 -7.93 -26.63 5.79
N ARG B 134 -6.91 -25.78 5.77
CA ARG B 134 -6.84 -24.79 4.70
C ARG B 134 -6.51 -25.45 3.37
N LEU B 135 -7.16 -24.99 2.30
CA LEU B 135 -6.86 -25.44 0.95
C LEU B 135 -5.39 -25.14 0.61
N VAL B 136 -4.70 -26.14 0.08
CA VAL B 136 -3.24 -26.02 -0.11
C VAL B 136 -2.91 -24.91 -1.10
N THR B 137 -3.72 -24.75 -2.14
CA THR B 137 -3.48 -23.74 -3.17
C THR B 137 -4.21 -22.43 -2.89
N ASP B 138 -4.70 -22.24 -1.67
CA ASP B 138 -5.36 -20.98 -1.32
C ASP B 138 -4.46 -19.81 -1.68
N GLY B 139 -5.01 -18.85 -2.44
CA GLY B 139 -4.27 -17.70 -2.91
C GLY B 139 -4.03 -17.70 -4.41
N ASP B 140 -3.86 -18.87 -5.01
CA ASP B 140 -3.69 -18.98 -6.46
C ASP B 140 -5.04 -19.11 -7.14
N PHE B 141 -5.11 -18.65 -8.41
CA PHE B 141 -6.34 -18.75 -9.19
C PHE B 141 -6.50 -20.09 -9.91
N THR B 142 -5.38 -20.80 -10.14
CA THR B 142 -5.30 -22.05 -10.91
C THR B 142 -6.16 -22.04 -12.18
N LEU B 143 -6.00 -20.97 -12.97
CA LEU B 143 -6.64 -20.83 -14.28
C LEU B 143 -5.73 -21.35 -15.38
N THR B 144 -6.24 -22.26 -16.20
CA THR B 144 -5.52 -22.66 -17.40
C THR B 144 -5.59 -21.54 -18.44
N LYS B 145 -4.77 -21.65 -19.50
CA LYS B 145 -4.84 -20.69 -20.58
C LYS B 145 -6.19 -20.72 -21.28
N THR B 146 -6.81 -21.91 -21.38
CA THR B 146 -8.16 -22.00 -21.93
C THR B 146 -9.15 -21.21 -21.08
N ALA B 147 -9.07 -21.37 -19.76
CA ALA B 147 -10.01 -20.65 -18.88
C ALA B 147 -9.79 -19.14 -18.95
N ILE B 148 -8.53 -18.69 -18.99
CA ILE B 148 -8.27 -17.26 -19.13
C ILE B 148 -8.84 -16.72 -20.43
N LYS B 149 -8.66 -17.46 -21.54
CA LYS B 149 -9.23 -17.03 -22.80
C LYS B 149 -10.75 -16.93 -22.74
N GLU B 150 -11.40 -17.80 -21.96
CA GLU B 150 -12.85 -17.71 -21.85
C GLU B 150 -13.25 -16.45 -21.09
N ILE B 151 -12.48 -16.08 -20.08
CA ILE B 151 -12.76 -14.83 -19.36
C ILE B 151 -12.65 -13.65 -20.30
N VAL B 152 -11.58 -13.61 -21.08
CA VAL B 152 -11.37 -12.48 -21.98
C VAL B 152 -12.44 -12.47 -23.07
N ASP B 153 -12.76 -13.64 -23.63
CA ASP B 153 -13.77 -13.71 -24.69
C ASP B 153 -15.14 -13.26 -24.19
N LEU B 154 -15.48 -13.54 -22.94
CA LEU B 154 -16.73 -13.03 -22.39
C LEU B 154 -16.72 -11.50 -22.36
N CYS B 155 -15.64 -10.93 -21.84
CA CYS B 155 -15.57 -9.47 -21.74
C CYS B 155 -15.61 -8.83 -23.11
N LEU B 156 -15.05 -9.48 -24.12
CA LEU B 156 -15.08 -8.92 -25.46
C LEU B 156 -16.38 -9.20 -26.20
N THR B 157 -17.34 -9.88 -25.57
CA THR B 157 -18.67 -10.01 -26.15
C THR B 157 -19.50 -8.76 -25.84
N ASN B 158 -20.18 -8.22 -26.85
CA ASN B 158 -21.08 -7.12 -26.61
C ASN B 158 -22.22 -7.54 -25.70
N GLU B 159 -22.57 -6.66 -24.75
CA GLU B 159 -23.68 -6.97 -23.86
C GLU B 159 -24.95 -7.32 -24.64
N GLU B 160 -25.13 -6.70 -25.80
CA GLU B 160 -26.31 -6.93 -26.62
C GLU B 160 -26.39 -8.36 -27.14
N ASP B 161 -25.30 -9.13 -27.10
CA ASP B 161 -25.29 -10.51 -27.56
C ASP B 161 -25.48 -11.52 -26.44
N LEU B 162 -25.73 -11.05 -25.22
CA LEU B 162 -25.79 -11.95 -24.08
C LEU B 162 -27.20 -12.11 -23.49
N ASP B 163 -28.23 -11.70 -24.23
CA ASP B 163 -29.60 -11.90 -23.78
C ASP B 163 -29.82 -13.36 -23.39
N ASP B 164 -30.22 -13.57 -22.13
CA ASP B 164 -30.65 -14.86 -21.58
C ASP B 164 -29.55 -15.92 -21.52
N VAL B 165 -28.28 -15.53 -21.72
CA VAL B 165 -27.18 -16.48 -21.77
C VAL B 165 -26.73 -16.83 -20.34
N LYS B 166 -26.54 -18.13 -20.08
CA LYS B 166 -26.12 -18.59 -18.77
C LYS B 166 -24.61 -18.58 -18.62
N ILE B 167 -24.15 -18.54 -17.37
CA ILE B 167 -22.72 -18.65 -17.10
C ILE B 167 -22.17 -19.96 -17.65
N THR B 168 -22.94 -21.06 -17.54
CA THR B 168 -22.47 -22.31 -18.11
C THR B 168 -22.38 -22.30 -19.64
N ASP B 169 -23.03 -21.34 -20.31
CA ASP B 169 -22.96 -21.24 -21.78
C ASP B 169 -21.64 -20.64 -22.26
N VAL B 170 -20.88 -19.95 -21.40
CA VAL B 170 -19.70 -19.21 -21.83
C VAL B 170 -18.42 -19.71 -21.16
N PHE B 171 -18.50 -20.68 -20.26
CA PHE B 171 -17.32 -21.25 -19.63
C PHE B 171 -17.39 -22.76 -19.70
N SER B 172 -16.22 -23.40 -19.66
CA SER B 172 -16.15 -24.87 -19.72
C SER B 172 -15.38 -25.39 -18.51
N ASP B 173 -14.90 -26.64 -18.61
CA ASP B 173 -14.49 -27.40 -17.43
C ASP B 173 -13.31 -26.76 -16.70
N ASP B 174 -12.29 -26.33 -17.44
CA ASP B 174 -11.10 -25.75 -16.80
C ASP B 174 -11.48 -24.61 -15.87
N PHE B 175 -12.30 -23.68 -16.39
CA PHE B 175 -12.73 -22.55 -15.57
C PHE B 175 -13.47 -23.01 -14.33
N PHE B 176 -14.44 -23.92 -14.51
CA PHE B 176 -15.24 -24.33 -13.37
C PHE B 176 -14.45 -25.16 -12.36
N ASN B 177 -13.29 -25.67 -12.75
CA ASN B 177 -12.40 -26.39 -11.84
C ASN B 177 -11.36 -25.48 -11.20
N SER B 178 -11.36 -24.18 -11.51
CA SER B 178 -10.33 -23.27 -11.02
C SER B 178 -10.63 -22.78 -9.61
N ASN B 179 -9.57 -22.37 -8.91
CA ASN B 179 -9.77 -21.67 -7.65
C ASN B 179 -10.45 -20.32 -7.88
N PHE B 180 -10.17 -19.69 -9.02
CA PHE B 180 -10.84 -18.44 -9.38
C PHE B 180 -12.35 -18.58 -9.22
N TRP B 181 -12.92 -19.65 -9.77
CA TRP B 181 -14.37 -19.83 -9.71
C TRP B 181 -14.84 -20.06 -8.29
N ILE B 182 -14.07 -20.78 -7.45
CA ILE B 182 -14.44 -20.92 -6.04
C ILE B 182 -14.57 -19.55 -5.38
N TYR B 183 -13.52 -18.74 -5.49
CA TYR B 183 -13.56 -17.41 -4.87
C TYR B 183 -14.70 -16.58 -5.42
N TRP B 184 -14.86 -16.60 -6.74
CA TRP B 184 -15.81 -15.75 -7.44
C TRP B 184 -17.25 -16.13 -7.11
N LYS B 185 -17.60 -17.41 -7.25
CA LYS B 185 -19.00 -17.77 -7.10
C LYS B 185 -19.45 -17.58 -5.68
N THR B 186 -18.57 -17.81 -4.70
CA THR B 186 -18.98 -17.73 -3.29
C THR B 186 -19.00 -16.29 -2.80
N MET B 187 -18.03 -15.48 -3.22
CA MET B 187 -18.00 -14.10 -2.75
C MET B 187 -19.14 -13.25 -3.33
N PHE B 188 -19.67 -13.62 -4.50
CA PHE B 188 -20.72 -12.85 -5.13
C PHE B 188 -22.06 -13.58 -5.18
N ALA B 189 -22.08 -14.87 -4.79
CA ALA B 189 -23.27 -15.72 -4.86
C ALA B 189 -23.77 -15.90 -6.29
N PHE B 190 -22.86 -16.22 -7.22
CA PHE B 190 -23.26 -16.62 -8.56
C PHE B 190 -23.54 -18.11 -8.58
N GLU B 191 -24.66 -18.49 -9.18
CA GLU B 191 -24.95 -19.88 -9.50
C GLU B 191 -24.61 -20.16 -10.95
N PRO B 192 -24.39 -21.42 -11.31
CA PRO B 192 -23.93 -21.71 -12.70
C PRO B 192 -24.93 -21.30 -13.77
N TRP B 193 -26.22 -21.24 -13.45
CA TRP B 193 -27.29 -20.91 -14.38
C TRP B 193 -27.62 -19.42 -14.41
N HIS B 194 -26.85 -18.60 -13.69
CA HIS B 194 -27.13 -17.18 -13.60
C HIS B 194 -26.65 -16.44 -14.85
N SER B 195 -26.96 -15.15 -14.87
CA SER B 195 -26.72 -14.27 -16.02
C SER B 195 -25.23 -14.14 -16.36
N ALA B 196 -24.87 -14.59 -17.57
CA ALA B 196 -23.52 -14.32 -18.06
C ALA B 196 -23.30 -12.83 -18.26
N MET B 197 -24.35 -12.10 -18.63
CA MET B 197 -24.23 -10.66 -18.84
C MET B 197 -23.84 -9.97 -17.54
N GLU B 198 -24.42 -10.42 -16.43
CA GLU B 198 -24.08 -9.81 -15.16
C GLU B 198 -22.68 -10.24 -14.71
N MET B 199 -22.31 -11.51 -14.92
CA MET B 199 -20.95 -11.90 -14.62
C MET B 199 -19.95 -11.06 -15.41
N ARG B 200 -20.25 -10.80 -16.67
CA ARG B 200 -19.38 -9.95 -17.47
C ARG B 200 -19.26 -8.56 -16.86
N ARG B 201 -20.40 -7.99 -16.44
CA ARG B 201 -20.35 -6.67 -15.80
C ARG B 201 -19.45 -6.70 -14.56
N TYR B 202 -19.54 -7.78 -13.78
CA TYR B 202 -18.71 -7.88 -12.58
C TYR B 202 -17.23 -7.97 -12.93
N LEU B 203 -16.89 -8.75 -13.96
CA LEU B 203 -15.50 -8.89 -14.37
C LEU B 203 -14.89 -7.54 -14.72
N MET B 204 -15.61 -6.74 -15.51
CA MET B 204 -15.06 -5.44 -15.89
C MET B 204 -15.21 -4.40 -14.78
N ARG B 205 -16.25 -4.51 -13.97
CA ARG B 205 -16.51 -3.51 -12.93
C ARG B 205 -15.41 -3.49 -11.87
N PHE B 206 -14.90 -4.67 -11.47
CA PHE B 206 -14.01 -4.78 -10.33
C PHE B 206 -12.60 -5.21 -10.73
N VAL B 207 -12.24 -5.07 -12.02
CA VAL B 207 -10.95 -5.52 -12.50
C VAL B 207 -9.78 -4.85 -11.79
N HIS B 208 -9.98 -3.63 -11.28
CA HIS B 208 -8.91 -2.96 -10.53
C HIS B 208 -8.58 -3.65 -9.21
N HIS B 209 -9.42 -4.57 -8.74
CA HIS B 209 -9.19 -5.25 -7.47
C HIS B 209 -8.86 -6.73 -7.63
N ILE B 210 -8.40 -7.13 -8.82
CA ILE B 210 -8.14 -8.56 -9.04
C ILE B 210 -7.06 -9.08 -8.10
N SER B 211 -6.08 -8.23 -7.74
CA SER B 211 -5.04 -8.65 -6.82
C SER B 211 -5.56 -8.84 -5.40
N GLY B 212 -6.79 -8.42 -5.12
CA GLY B 212 -7.43 -8.65 -3.84
C GLY B 212 -8.55 -9.67 -3.88
N LEU B 213 -8.73 -10.40 -4.98
CA LEU B 213 -9.84 -11.35 -5.03
C LEU B 213 -9.66 -12.42 -3.98
N ALA B 214 -8.47 -13.01 -3.90
CA ALA B 214 -8.31 -14.18 -3.05
C ALA B 214 -8.21 -13.84 -1.57
N ASP B 215 -7.71 -12.66 -1.22
CA ASP B 215 -7.51 -12.35 0.20
C ASP B 215 -8.44 -11.25 0.70
N PHE B 216 -9.38 -10.78 -0.12
CA PHE B 216 -10.39 -9.80 0.30
C PHE B 216 -9.75 -8.49 0.77
N SER B 217 -8.54 -8.17 0.30
CA SER B 217 -7.88 -6.96 0.78
C SER B 217 -8.47 -5.68 0.19
N ALA B 218 -9.37 -5.78 -0.77
CA ALA B 218 -10.07 -4.61 -1.27
C ALA B 218 -11.40 -4.36 -0.58
N LEU B 219 -11.88 -5.27 0.26
CA LEU B 219 -13.18 -5.08 0.90
C LEU B 219 -13.07 -4.08 2.05
N LYS B 220 -14.13 -3.31 2.24
CA LYS B 220 -14.25 -2.38 3.36
C LYS B 220 -15.64 -2.51 3.99
N PHE B 221 -15.72 -2.39 5.32
CA PHE B 221 -16.97 -2.65 6.04
C PHE B 221 -17.29 -1.54 7.03
N THR B 222 -18.59 -1.26 7.19
CA THR B 222 -19.03 -0.37 8.25
C THR B 222 -18.77 -1.00 9.62
N LYS B 223 -18.76 -0.15 10.65
CA LYS B 223 -18.54 -0.64 12.02
C LYS B 223 -19.62 -1.62 12.46
N TYR B 224 -20.87 -1.31 12.18
CA TYR B 224 -22.01 -2.12 12.61
C TYR B 224 -22.82 -2.63 11.42
N ASN B 225 -23.89 -3.36 11.72
CA ASN B 225 -24.80 -3.80 10.68
C ASN B 225 -25.33 -2.60 9.90
N GLN B 226 -25.79 -2.89 8.66
CA GLN B 226 -26.13 -1.80 7.74
C GLN B 226 -27.27 -0.93 8.23
N TYR B 227 -28.22 -1.49 8.99
CA TYR B 227 -29.28 -0.64 9.51
C TYR B 227 -28.70 0.41 10.46
N GLU B 228 -27.83 -0.02 11.36
CA GLU B 228 -27.22 0.90 12.30
C GLU B 228 -26.30 1.90 11.61
N SER B 229 -25.47 1.42 10.66
CA SER B 229 -24.38 2.24 10.14
C SER B 229 -24.74 3.04 8.90
N LEU B 230 -25.70 2.59 8.10
CA LEU B 230 -26.12 3.37 6.93
C LEU B 230 -27.54 3.89 7.00
N VAL B 231 -28.49 3.07 7.44
CA VAL B 231 -29.89 3.49 7.39
C VAL B 231 -30.18 4.54 8.44
N LEU B 232 -29.83 4.28 9.70
CA LEU B 232 -30.14 5.23 10.76
C LEU B 232 -29.50 6.59 10.52
N PRO B 233 -28.26 6.71 10.06
CA PRO B 233 -27.76 8.05 9.73
C PRO B 233 -28.58 8.74 8.65
N MET B 234 -28.99 8.03 7.59
CA MET B 234 -29.85 8.70 6.60
C MET B 234 -31.19 9.10 7.17
N VAL B 235 -31.77 8.25 8.01
CA VAL B 235 -33.08 8.57 8.58
C VAL B 235 -32.98 9.81 9.44
N GLU B 236 -31.91 9.93 10.24
CA GLU B 236 -31.74 11.13 11.07
C GLU B 236 -31.55 12.37 10.21
N TYR B 237 -30.77 12.25 9.13
CA TYR B 237 -30.60 13.37 8.20
C TYR B 237 -31.93 13.79 7.61
N LEU B 238 -32.71 12.82 7.13
CA LEU B 238 -33.99 13.13 6.48
C LEU B 238 -34.99 13.73 7.49
N LYS B 239 -35.05 13.17 8.69
CA LYS B 239 -35.96 13.74 9.69
C LYS B 239 -35.55 15.15 10.11
N SER B 240 -34.24 15.43 10.15
CA SER B 240 -33.80 16.76 10.51
C SER B 240 -34.19 17.79 9.45
N HIS B 241 -34.52 17.33 8.24
CA HIS B 241 -34.97 18.19 7.16
C HIS B 241 -36.48 18.13 6.95
N GLY B 242 -37.21 17.47 7.83
CA GLY B 242 -38.66 17.47 7.79
C GLY B 242 -39.31 16.44 6.88
N VAL B 243 -38.55 15.45 6.41
CA VAL B 243 -39.10 14.46 5.50
C VAL B 243 -40.16 13.64 6.22
N GLN B 244 -41.25 13.33 5.50
CA GLN B 244 -42.39 12.62 6.08
C GLN B 244 -42.20 11.12 5.94
N PHE B 245 -42.18 10.41 7.07
CA PHE B 245 -42.18 8.96 7.05
C PHE B 245 -43.60 8.51 7.35
N GLU B 246 -44.21 7.79 6.41
CA GLU B 246 -45.59 7.32 6.53
C GLU B 246 -45.58 5.80 6.61
N TYR B 247 -46.18 5.26 7.67
CA TYR B 247 -46.12 3.84 7.92
C TYR B 247 -47.49 3.21 7.67
N ASP B 248 -47.48 1.87 7.62
CA ASP B 248 -48.67 1.06 7.35
C ASP B 248 -49.27 1.35 5.98
N VAL B 249 -48.43 1.62 4.99
CA VAL B 249 -48.89 1.97 3.65
C VAL B 249 -48.45 0.88 2.68
N LYS B 250 -49.42 0.21 2.06
CA LYS B 250 -49.12 -0.78 1.04
C LYS B 250 -49.57 -0.24 -0.30
N VAL B 251 -48.63 -0.09 -1.24
CA VAL B 251 -48.95 0.39 -2.56
C VAL B 251 -49.31 -0.81 -3.43
N GLU B 252 -50.55 -0.82 -3.93
CA GLU B 252 -51.02 -1.91 -4.78
C GLU B 252 -50.85 -1.64 -6.26
N ASP B 253 -50.98 -0.38 -6.69
CA ASP B 253 -50.83 -0.07 -8.11
C ASP B 253 -50.53 1.41 -8.22
N ILE B 254 -50.00 1.79 -9.37
CA ILE B 254 -49.85 3.19 -9.77
C ILE B 254 -50.44 3.31 -11.15
N LYS B 255 -51.49 4.12 -11.29
CA LYS B 255 -52.09 4.36 -12.60
C LYS B 255 -51.16 5.28 -13.38
N ILE B 256 -50.66 4.81 -14.52
CA ILE B 256 -49.79 5.60 -15.38
C ILE B 256 -50.49 5.83 -16.71
N ASP B 257 -50.49 7.07 -17.19
CA ASP B 257 -50.97 7.38 -18.53
C ASP B 257 -49.81 7.29 -19.51
N VAL B 258 -49.91 6.36 -20.46
CA VAL B 258 -48.83 6.14 -21.43
C VAL B 258 -49.32 6.60 -22.80
N THR B 259 -49.04 7.86 -23.14
CA THR B 259 -49.44 8.46 -24.40
C THR B 259 -48.25 8.51 -25.36
N THR B 260 -48.48 9.12 -26.52
CA THR B 260 -47.50 9.04 -27.58
C THR B 260 -46.21 9.78 -27.22
N SER B 261 -46.33 10.84 -26.43
CA SER B 261 -45.19 11.69 -26.11
C SER B 261 -44.82 11.70 -24.65
N GLN B 262 -45.58 11.04 -23.77
CA GLN B 262 -45.36 11.17 -22.34
C GLN B 262 -45.76 9.89 -21.63
N LYS B 263 -45.14 9.66 -20.49
CA LYS B 263 -45.67 8.77 -19.45
C LYS B 263 -45.79 9.58 -18.17
N ILE B 264 -46.96 9.59 -17.59
CA ILE B 264 -47.24 10.40 -16.40
C ILE B 264 -47.96 9.54 -15.38
N ALA B 265 -47.40 9.46 -14.17
CA ALA B 265 -48.10 8.79 -13.08
C ALA B 265 -49.21 9.70 -12.55
N ARG B 266 -50.42 9.14 -12.46
CA ARG B 266 -51.61 9.88 -12.10
C ARG B 266 -52.13 9.60 -10.70
N GLU B 267 -51.90 8.40 -10.16
CA GLU B 267 -52.58 8.01 -8.93
C GLU B 267 -51.82 6.85 -8.30
N ILE B 268 -51.58 6.94 -6.99
CA ILE B 268 -51.04 5.82 -6.22
C ILE B 268 -52.19 5.18 -5.47
N LEU B 269 -52.48 3.93 -5.79
CA LEU B 269 -53.54 3.17 -5.12
C LEU B 269 -52.94 2.39 -3.96
N ILE B 270 -53.43 2.66 -2.75
CA ILE B 270 -52.81 2.15 -1.54
C ILE B 270 -53.85 1.57 -0.60
N ASP B 271 -53.34 0.79 0.35
CA ASP B 271 -54.04 0.47 1.58
C ASP B 271 -53.28 1.16 2.70
N ARG B 272 -53.92 2.13 3.35
CA ARG B 272 -53.33 2.84 4.50
C ARG B 272 -54.00 2.32 5.76
N ASN B 273 -53.31 1.43 6.47
CA ASN B 273 -53.81 0.81 7.70
C ASN B 273 -55.22 0.24 7.49
N GLY B 274 -55.36 -0.58 6.44
CA GLY B 274 -56.60 -1.27 6.20
C GLY B 274 -57.60 -0.53 5.34
N ASN B 275 -57.43 0.78 5.14
CA ASN B 275 -58.36 1.58 4.34
C ASN B 275 -57.83 1.74 2.93
N ALA B 276 -58.67 1.40 1.95
CA ALA B 276 -58.35 1.70 0.56
C ALA B 276 -58.31 3.21 0.36
N GLU B 277 -57.20 3.71 -0.18
CA GLU B 277 -57.02 5.14 -0.37
C GLU B 277 -56.37 5.41 -1.70
N SER B 278 -56.37 6.67 -2.07
CA SER B 278 -55.85 7.10 -3.36
C SER B 278 -55.06 8.38 -3.14
N ILE B 279 -53.82 8.40 -3.64
CA ILE B 279 -53.02 9.63 -3.66
C ILE B 279 -53.02 10.13 -5.10
N LYS B 280 -53.65 11.29 -5.33
CA LYS B 280 -53.73 11.85 -6.67
C LYS B 280 -52.44 12.60 -6.98
N LEU B 281 -51.89 12.36 -8.15
CA LEU B 281 -50.64 12.99 -8.56
C LEU B 281 -50.87 13.92 -9.74
N THR B 282 -50.10 15.00 -9.75
CA THR B 282 -49.87 15.81 -10.93
C THR B 282 -48.48 15.54 -11.49
N ILE B 283 -48.18 16.12 -12.66
CA ILE B 283 -46.85 15.99 -13.26
C ILE B 283 -45.77 16.48 -12.31
N ASN B 284 -46.11 17.34 -11.36
CA ASN B 284 -45.15 17.90 -10.43
C ASN B 284 -45.00 17.07 -9.17
N ASP B 285 -45.65 15.92 -9.09
CA ASP B 285 -45.46 14.99 -8.00
C ASP B 285 -44.67 13.81 -8.53
N LEU B 286 -43.44 13.65 -8.03
CA LEU B 286 -42.55 12.60 -8.50
C LEU B 286 -42.83 11.31 -7.73
N VAL B 287 -42.67 10.19 -8.42
CA VAL B 287 -42.84 8.85 -7.81
C VAL B 287 -41.61 8.02 -8.12
N PHE B 288 -41.01 7.45 -7.07
CA PHE B 288 -39.83 6.61 -7.20
C PHE B 288 -40.20 5.22 -6.75
N VAL B 289 -40.14 4.25 -7.66
CA VAL B 289 -40.54 2.87 -7.38
C VAL B 289 -39.30 2.01 -7.28
N THR B 290 -39.12 1.32 -6.13
CA THR B 290 -38.09 0.28 -6.02
C THR B 290 -38.75 -1.00 -6.48
N ASN B 291 -38.63 -1.31 -7.77
CA ASN B 291 -39.37 -2.43 -8.34
C ASN B 291 -38.70 -3.75 -7.99
N GLY B 292 -39.47 -4.69 -7.43
CA GLY B 292 -38.92 -5.98 -7.06
C GLY B 292 -38.18 -5.93 -5.73
N SER B 293 -38.00 -7.12 -5.14
CA SER B 293 -37.32 -7.17 -3.84
C SER B 293 -36.73 -8.56 -3.61
N ILE B 294 -35.45 -8.60 -3.22
CA ILE B 294 -34.83 -9.88 -2.92
C ILE B 294 -35.21 -10.41 -1.55
N THR B 295 -35.75 -9.57 -0.66
CA THR B 295 -36.08 -10.02 0.69
C THR B 295 -37.57 -10.25 0.89
N GLU B 296 -38.39 -9.89 -0.08
CA GLU B 296 -39.82 -10.08 0.06
C GLU B 296 -40.15 -11.53 0.32
N SER B 297 -41.14 -11.75 1.18
CA SER B 297 -41.67 -13.06 1.51
C SER B 297 -40.68 -13.90 2.30
N SER B 298 -39.65 -13.28 2.87
CA SER B 298 -38.75 -13.99 3.76
C SER B 298 -39.52 -14.60 4.93
N THR B 299 -39.10 -15.80 5.32
CA THR B 299 -39.61 -16.46 6.51
C THR B 299 -38.46 -16.78 7.45
N TYR B 300 -38.79 -16.96 8.73
CA TYR B 300 -37.78 -17.17 9.76
C TYR B 300 -38.11 -18.42 10.54
N GLY B 301 -37.06 -19.14 10.92
CA GLY B 301 -37.16 -20.21 11.89
C GLY B 301 -36.53 -19.81 13.21
N ASP B 302 -36.12 -20.83 13.97
CA ASP B 302 -35.35 -20.57 15.21
C ASP B 302 -34.45 -21.78 15.47
N ASN B 303 -33.87 -21.85 16.67
CA ASN B 303 -32.93 -22.93 16.94
C ASN B 303 -33.53 -24.31 16.69
N ASP B 304 -34.86 -24.43 16.80
CA ASP B 304 -35.55 -25.72 16.73
C ASP B 304 -36.49 -25.87 15.55
N THR B 305 -36.60 -24.87 14.68
CA THR B 305 -37.60 -24.85 13.63
C THR B 305 -36.95 -24.37 12.34
N PRO B 306 -37.10 -25.08 11.24
CA PRO B 306 -36.66 -24.54 9.95
C PRO B 306 -37.45 -23.30 9.56
N ALA B 307 -36.82 -22.43 8.79
CA ALA B 307 -37.59 -21.35 8.16
C ALA B 307 -38.48 -21.97 7.09
N PRO B 308 -39.79 -21.80 7.14
CA PRO B 308 -40.67 -22.53 6.21
C PRO B 308 -40.51 -22.03 4.79
N PRO B 309 -40.22 -22.94 3.84
CA PRO B 309 -40.12 -22.51 2.44
C PRO B 309 -41.41 -21.90 1.93
N THR B 310 -41.27 -20.98 0.97
CA THR B 310 -42.42 -20.27 0.43
C THR B 310 -42.11 -19.87 -1.00
N ASP B 311 -43.18 -19.72 -1.80
CA ASP B 311 -43.10 -19.14 -3.13
C ASP B 311 -44.00 -17.91 -3.28
N GLU B 312 -44.45 -17.34 -2.16
CA GLU B 312 -45.42 -16.26 -2.24
C GLU B 312 -44.83 -15.01 -2.86
N LEU B 313 -45.63 -14.36 -3.70
CA LEU B 313 -45.31 -13.00 -4.14
C LEU B 313 -45.96 -12.03 -3.17
N GLY B 314 -45.17 -11.07 -2.69
CA GLY B 314 -45.67 -10.06 -1.80
C GLY B 314 -45.94 -8.77 -2.53
N GLY B 315 -45.90 -7.67 -1.78
CA GLY B 315 -46.32 -6.40 -2.33
C GLY B 315 -45.42 -5.88 -3.43
N SER B 316 -44.10 -6.11 -3.30
CA SER B 316 -43.18 -5.52 -4.26
C SER B 316 -43.31 -6.18 -5.63
N TRP B 317 -43.33 -7.51 -5.66
CA TRP B 317 -43.44 -8.22 -6.93
C TRP B 317 -44.82 -8.01 -7.54
N THR B 318 -45.86 -7.96 -6.71
CA THR B 318 -47.21 -7.70 -7.23
C THR B 318 -47.28 -6.31 -7.85
N LEU B 319 -46.68 -5.31 -7.20
CA LEU B 319 -46.70 -3.96 -7.75
C LEU B 319 -45.95 -3.91 -9.08
N TRP B 320 -44.77 -4.50 -9.16
CA TRP B 320 -44.05 -4.45 -10.43
C TRP B 320 -44.86 -5.14 -11.52
N LYS B 321 -45.52 -6.26 -11.19
CA LYS B 321 -46.34 -6.91 -12.20
C LYS B 321 -47.49 -6.02 -12.65
N ASN B 322 -48.09 -5.28 -11.72
CA ASN B 322 -49.18 -4.37 -12.08
C ASN B 322 -48.68 -3.22 -12.95
N LEU B 323 -47.46 -2.75 -12.71
CA LEU B 323 -46.92 -1.71 -13.58
C LEU B 323 -46.54 -2.27 -14.94
N ALA B 324 -45.98 -3.50 -14.98
CA ALA B 324 -45.53 -4.09 -16.23
C ALA B 324 -46.69 -4.25 -17.22
N ARG B 325 -47.92 -4.43 -16.72
CA ARG B 325 -49.07 -4.55 -17.61
C ARG B 325 -49.35 -3.26 -18.37
N GLN B 326 -48.85 -2.13 -17.87
CA GLN B 326 -49.21 -0.83 -18.40
C GLN B 326 -48.27 -0.34 -19.50
N SER B 327 -47.05 -0.89 -19.58
CA SER B 327 -46.14 -0.54 -20.67
C SER B 327 -45.06 -1.61 -20.74
N PRO B 328 -44.68 -2.05 -21.94
CA PRO B 328 -43.53 -2.97 -22.04
C PRO B 328 -42.23 -2.34 -21.59
N GLU B 329 -42.17 -1.01 -21.56
CA GLU B 329 -40.98 -0.31 -21.08
C GLU B 329 -40.84 -0.35 -19.58
N PHE B 330 -41.78 -0.94 -18.85
CA PHE B 330 -41.65 -1.03 -17.41
C PHE B 330 -41.10 -2.38 -16.97
N GLY B 331 -40.58 -3.19 -17.89
CA GLY B 331 -39.83 -4.38 -17.52
C GLY B 331 -40.67 -5.65 -17.49
N ASN B 332 -40.00 -6.75 -17.13
CA ASN B 332 -40.59 -8.09 -17.16
C ASN B 332 -40.28 -8.78 -15.83
N PRO B 333 -41.06 -8.51 -14.78
CA PRO B 333 -40.71 -9.05 -13.46
C PRO B 333 -40.64 -10.57 -13.42
N ASP B 334 -41.40 -11.27 -14.27
CA ASP B 334 -41.42 -12.72 -14.18
C ASP B 334 -40.08 -13.35 -14.54
N LYS B 335 -39.21 -12.64 -15.28
CA LYS B 335 -37.88 -13.18 -15.55
C LYS B 335 -37.07 -13.34 -14.26
N PHE B 336 -37.44 -12.61 -13.22
CA PHE B 336 -36.67 -12.59 -11.98
C PHE B 336 -37.35 -13.30 -10.83
N CYS B 337 -38.68 -13.32 -10.78
CA CYS B 337 -39.38 -13.89 -9.63
C CYS B 337 -40.08 -15.21 -9.94
N GLN B 338 -39.97 -15.73 -11.16
CA GLN B 338 -40.53 -17.04 -11.49
C GLN B 338 -39.42 -17.94 -12.02
N ASN B 339 -39.65 -19.26 -11.94
CA ASN B 339 -38.75 -20.26 -12.49
C ASN B 339 -37.38 -20.23 -11.81
N ILE B 340 -37.36 -19.85 -10.54
CA ILE B 340 -36.11 -19.92 -9.78
C ILE B 340 -35.83 -21.38 -9.46
N PRO B 341 -34.70 -21.94 -9.88
CA PRO B 341 -34.44 -23.36 -9.62
C PRO B 341 -34.46 -23.70 -8.14
N LYS B 342 -34.95 -24.91 -7.83
CA LYS B 342 -35.02 -25.31 -6.44
C LYS B 342 -33.64 -25.60 -5.84
N LYS B 343 -32.58 -25.70 -6.66
CA LYS B 343 -31.23 -25.80 -6.12
C LYS B 343 -30.70 -24.46 -5.61
N SER B 344 -31.33 -23.35 -6.01
CA SER B 344 -30.81 -22.01 -5.71
C SER B 344 -30.61 -21.80 -4.22
N TRP B 345 -29.70 -20.89 -3.89
CA TRP B 345 -29.60 -20.36 -2.54
C TRP B 345 -30.94 -19.79 -2.09
N PHE B 346 -31.42 -20.27 -0.94
CA PHE B 346 -32.58 -19.72 -0.25
C PHE B 346 -32.30 -19.42 1.20
N VAL B 347 -31.49 -20.24 1.87
CA VAL B 347 -31.36 -20.19 3.33
C VAL B 347 -30.04 -19.54 3.72
N SER B 348 -30.13 -18.63 4.68
CA SER B 348 -28.98 -18.14 5.44
C SER B 348 -29.29 -18.35 6.90
N ALA B 349 -28.26 -18.33 7.73
CA ALA B 349 -28.49 -18.47 9.15
C ALA B 349 -27.49 -17.62 9.91
N THR B 350 -27.94 -17.10 11.05
CA THR B 350 -27.07 -16.32 11.93
C THR B 350 -26.91 -17.11 13.22
N SER B 351 -25.68 -17.52 13.51
CA SER B 351 -25.41 -18.36 14.67
C SER B 351 -24.68 -17.55 15.72
N THR B 352 -25.29 -17.38 16.89
CA THR B 352 -24.74 -16.51 17.94
C THR B 352 -24.31 -17.36 19.14
N THR B 353 -23.11 -17.10 19.64
CA THR B 353 -22.58 -17.90 20.75
C THR B 353 -21.62 -17.06 21.60
N ASN B 354 -21.57 -17.39 22.90
CA ASN B 354 -20.47 -16.95 23.75
C ASN B 354 -19.55 -18.11 24.13
N ASN B 355 -19.71 -19.26 23.49
CA ASN B 355 -19.01 -20.47 23.92
C ASN B 355 -17.55 -20.45 23.50
N LYS B 356 -16.66 -20.65 24.47
CA LYS B 356 -15.23 -20.53 24.22
C LYS B 356 -14.70 -21.64 23.31
N GLU B 357 -15.26 -22.86 23.37
CA GLU B 357 -14.80 -23.90 22.46
C GLU B 357 -15.07 -23.52 21.00
N ILE B 358 -16.26 -23.01 20.71
CA ILE B 358 -16.56 -22.60 19.34
C ILE B 358 -15.67 -21.44 18.93
N ILE B 359 -15.58 -20.42 19.78
CA ILE B 359 -14.81 -19.23 19.42
C ILE B 359 -13.33 -19.58 19.23
N ASP B 360 -12.78 -20.46 20.08
CA ASP B 360 -11.39 -20.88 19.91
C ASP B 360 -11.20 -21.70 18.63
N THR B 361 -12.18 -22.53 18.28
CA THR B 361 -12.08 -23.26 17.02
C THR B 361 -12.01 -22.30 15.83
N ILE B 362 -12.88 -21.29 15.84
CA ILE B 362 -12.84 -20.27 14.78
C ILE B 362 -11.48 -19.57 14.76
N GLU B 363 -10.97 -19.19 15.93
CA GLU B 363 -9.67 -18.53 15.99
C GLU B 363 -8.57 -19.41 15.38
N SER B 364 -8.64 -20.71 15.60
CA SER B 364 -7.62 -21.60 15.06
C SER B 364 -7.64 -21.65 13.54
N ILE B 365 -8.76 -21.33 12.90
CA ILE B 365 -8.87 -21.32 11.45
C ILE B 365 -8.59 -19.95 10.87
N CYS B 366 -9.21 -18.91 11.41
CA CYS B 366 -9.07 -17.58 10.83
C CYS B 366 -7.86 -16.82 11.34
N LYS B 367 -7.23 -17.31 12.40
CA LYS B 367 -5.95 -16.85 12.96
C LYS B 367 -6.11 -15.58 13.78
N ARG B 368 -7.33 -15.10 14.03
CA ARG B 368 -7.58 -13.89 14.81
C ARG B 368 -8.58 -14.18 15.91
N ASP B 369 -8.51 -13.40 17.00
CA ASP B 369 -9.46 -13.47 18.11
C ASP B 369 -10.81 -12.91 17.70
N PRO B 370 -11.86 -13.73 17.61
CA PRO B 370 -13.17 -13.17 17.19
C PRO B 370 -13.72 -12.11 18.13
N LEU B 371 -13.30 -12.09 19.39
CA LEU B 371 -13.84 -11.14 20.38
C LEU B 371 -13.01 -9.87 20.50
N ALA B 372 -11.95 -9.72 19.70
CA ALA B 372 -11.06 -8.57 19.88
C ALA B 372 -11.67 -7.26 19.39
N GLY B 373 -12.70 -7.33 18.54
CA GLY B 373 -13.33 -6.13 18.03
C GLY B 373 -12.83 -5.69 16.67
N LYS B 374 -11.82 -6.37 16.14
CA LYS B 374 -11.26 -6.07 14.83
C LYS B 374 -11.73 -7.12 13.83
N THR B 375 -11.16 -7.07 12.64
CA THR B 375 -11.41 -8.06 11.59
C THR B 375 -11.27 -9.47 12.16
N VAL B 376 -12.18 -10.37 11.75
CA VAL B 376 -12.14 -11.74 12.24
C VAL B 376 -11.85 -12.67 11.06
N THR B 377 -12.85 -12.96 10.21
CA THR B 377 -12.58 -13.75 9.03
C THR B 377 -12.17 -12.91 7.81
N GLY B 378 -12.40 -11.60 7.84
CA GLY B 378 -12.04 -10.76 6.70
C GLY B 378 -12.91 -10.97 5.49
N GLY B 379 -14.13 -11.47 5.69
CA GLY B 379 -14.98 -11.92 4.60
C GLY B 379 -15.24 -13.41 4.74
N ILE B 380 -15.98 -13.95 3.77
CA ILE B 380 -16.41 -15.35 3.92
C ILE B 380 -15.23 -16.30 3.88
N ILE B 381 -15.32 -17.37 4.66
CA ILE B 381 -14.55 -18.59 4.49
C ILE B 381 -15.44 -19.59 3.77
N THR B 382 -14.92 -20.19 2.70
CA THR B 382 -15.67 -21.17 1.92
C THR B 382 -15.24 -22.58 2.31
N ILE B 383 -16.22 -23.44 2.57
CA ILE B 383 -15.98 -24.86 2.82
C ILE B 383 -16.11 -25.55 1.47
N ASN B 384 -14.98 -25.78 0.81
CA ASN B 384 -15.01 -26.16 -0.60
C ASN B 384 -15.63 -27.52 -0.84
N ASP B 385 -15.50 -28.43 0.12
CA ASP B 385 -16.01 -29.79 -0.08
C ASP B 385 -17.31 -30.03 0.66
N SER B 386 -18.07 -28.98 0.97
CA SER B 386 -19.39 -29.16 1.58
C SER B 386 -20.44 -29.43 0.52
N ALA B 387 -21.29 -30.41 0.78
CA ALA B 387 -22.37 -30.74 -0.15
C ALA B 387 -23.26 -29.52 -0.39
N TRP B 388 -23.49 -28.72 0.64
CA TRP B 388 -24.32 -27.53 0.53
C TRP B 388 -23.61 -26.38 -0.17
N GLN B 389 -22.31 -26.49 -0.42
CA GLN B 389 -21.50 -25.36 -0.88
C GLN B 389 -21.74 -24.15 0.03
N MET B 390 -21.38 -24.36 1.29
CA MET B 390 -21.56 -23.43 2.40
C MET B 390 -20.34 -22.54 2.60
N SER B 391 -20.60 -21.27 2.88
CA SER B 391 -19.60 -20.30 3.31
C SER B 391 -20.11 -19.57 4.55
N PHE B 392 -19.19 -19.00 5.31
CA PHE B 392 -19.60 -18.26 6.50
C PHE B 392 -18.64 -17.10 6.73
N THR B 393 -19.15 -16.04 7.37
CA THR B 393 -18.29 -14.91 7.70
C THR B 393 -18.56 -14.43 9.11
N ILE B 394 -17.54 -13.81 9.69
CA ILE B 394 -17.67 -13.15 11.00
C ILE B 394 -17.06 -11.77 10.83
N ASN B 395 -17.90 -10.74 10.86
CA ASN B 395 -17.43 -9.37 10.74
C ASN B 395 -16.81 -8.91 12.06
N ARG B 396 -16.32 -7.67 12.10
CA ARG B 396 -15.87 -7.11 13.37
C ARG B 396 -16.97 -7.28 14.41
N GLN B 397 -16.62 -7.72 15.60
CA GLN B 397 -17.63 -8.02 16.62
C GLN B 397 -17.63 -6.98 17.73
N GLN B 398 -18.81 -6.63 18.23
CA GLN B 398 -20.15 -7.09 17.83
C GLN B 398 -20.74 -6.18 16.74
N GLN B 399 -21.62 -6.75 15.93
CA GLN B 399 -22.27 -6.01 14.85
C GLN B 399 -23.53 -5.29 15.31
N PHE B 400 -23.92 -5.45 16.57
CA PHE B 400 -25.10 -4.83 17.14
C PHE B 400 -24.72 -4.11 18.42
N LYS B 401 -25.20 -2.87 18.56
CA LYS B 401 -24.79 -2.05 19.70
C LYS B 401 -25.35 -2.57 21.02
N ASP B 402 -26.42 -3.37 20.99
CA ASP B 402 -27.00 -3.91 22.23
C ASP B 402 -26.47 -5.30 22.57
N GLN B 403 -25.55 -5.87 21.77
CA GLN B 403 -25.12 -7.26 21.97
C GLN B 403 -24.08 -7.34 23.09
N PRO B 404 -24.12 -8.39 23.92
CA PRO B 404 -23.07 -8.57 24.93
C PRO B 404 -21.69 -8.66 24.32
N GLU B 405 -20.72 -8.13 25.06
CA GLU B 405 -19.33 -8.09 24.60
C GLU B 405 -18.64 -9.44 24.55
N ASN B 406 -19.24 -10.51 25.07
CA ASN B 406 -18.63 -11.83 25.04
C ASN B 406 -19.21 -12.75 23.97
N GLU B 407 -19.99 -12.20 23.04
CA GLU B 407 -20.71 -12.98 22.04
C GLU B 407 -20.20 -12.65 20.65
N ILE B 408 -20.26 -13.64 19.77
CA ILE B 408 -20.08 -13.41 18.34
C ILE B 408 -21.34 -13.85 17.62
N SER B 409 -21.57 -13.27 16.45
CA SER B 409 -22.63 -13.71 15.55
C SER B 409 -21.98 -14.04 14.21
N THR B 410 -22.16 -15.28 13.75
CA THR B 410 -21.63 -15.80 12.49
C THR B 410 -22.73 -15.89 11.45
N TRP B 411 -22.45 -15.41 10.24
CA TRP B 411 -23.37 -15.51 9.12
C TRP B 411 -23.01 -16.68 8.23
N ILE B 412 -23.98 -17.54 7.93
CA ILE B 412 -23.79 -18.78 7.19
C ILE B 412 -24.74 -18.77 6.00
N TYR B 413 -24.25 -19.15 4.81
CA TYR B 413 -25.17 -19.36 3.69
C TYR B 413 -24.76 -20.58 2.86
N ALA B 414 -25.73 -21.12 2.12
CA ALA B 414 -25.52 -22.33 1.32
C ALA B 414 -25.93 -22.06 -0.12
N LEU B 415 -25.00 -22.27 -1.06
CA LEU B 415 -25.34 -22.05 -2.46
C LEU B 415 -26.30 -23.10 -3.00
N TYR B 416 -26.31 -24.32 -2.42
CA TYR B 416 -27.13 -25.39 -2.95
C TYR B 416 -28.17 -25.79 -1.91
N SER B 417 -29.45 -25.75 -2.29
CA SER B 417 -30.53 -25.91 -1.31
C SER B 417 -31.20 -27.28 -1.31
N ASP B 418 -30.90 -28.14 -2.27
CA ASP B 418 -31.66 -29.39 -2.39
C ASP B 418 -30.74 -30.61 -2.34
N VAL B 419 -29.67 -30.52 -1.55
CA VAL B 419 -28.63 -31.54 -1.46
C VAL B 419 -28.44 -31.89 0.01
N ASN B 420 -28.39 -33.19 0.32
CA ASN B 420 -28.17 -33.60 1.69
C ASN B 420 -26.83 -33.10 2.22
N GLY B 421 -26.81 -32.69 3.49
CA GLY B 421 -25.58 -32.27 4.12
C GLY B 421 -24.66 -33.45 4.37
N ASP B 422 -23.43 -33.13 4.75
CA ASP B 422 -22.43 -34.17 5.01
C ASP B 422 -22.52 -34.76 6.41
N TYR B 423 -22.99 -33.97 7.37
CA TYR B 423 -23.20 -34.42 8.74
C TYR B 423 -24.68 -34.50 9.10
N ILE B 424 -25.44 -33.45 8.83
CA ILE B 424 -26.88 -33.50 8.87
C ILE B 424 -27.33 -33.84 7.45
N LYS B 425 -27.76 -35.09 7.25
CA LYS B 425 -28.02 -35.62 5.90
C LYS B 425 -29.42 -35.26 5.41
N LYS B 426 -29.66 -33.95 5.33
CA LYS B 426 -30.91 -33.37 4.86
C LYS B 426 -30.55 -32.15 4.03
N PRO B 427 -31.41 -31.73 3.11
CA PRO B 427 -31.20 -30.44 2.45
C PRO B 427 -31.35 -29.32 3.46
N ILE B 428 -30.68 -28.19 3.19
CA ILE B 428 -30.69 -27.12 4.18
C ILE B 428 -32.09 -26.60 4.43
N THR B 429 -33.00 -26.68 3.44
CA THR B 429 -34.34 -26.13 3.63
C THR B 429 -35.16 -26.93 4.63
N GLU B 430 -34.73 -28.15 4.97
CA GLU B 430 -35.40 -28.97 5.97
C GLU B 430 -34.78 -28.83 7.35
N CYS B 431 -33.84 -27.92 7.53
CA CYS B 431 -33.01 -27.89 8.74
C CYS B 431 -33.40 -26.76 9.68
N SER B 432 -33.46 -27.10 10.96
CA SER B 432 -33.60 -26.10 12.00
C SER B 432 -32.29 -25.32 12.15
N GLY B 433 -32.38 -24.23 12.91
CA GLY B 433 -31.18 -23.46 13.21
C GLY B 433 -30.08 -24.32 13.79
N ASN B 434 -30.44 -25.16 14.78
CA ASN B 434 -29.36 -25.95 15.39
C ASN B 434 -28.79 -26.97 14.41
N GLU B 435 -29.61 -27.49 13.47
CA GLU B 435 -29.08 -28.42 12.49
C GLU B 435 -28.11 -27.75 11.52
N ILE B 436 -28.42 -26.52 11.09
CA ILE B 436 -27.48 -25.78 10.26
C ILE B 436 -26.19 -25.53 11.03
N CYS B 437 -26.31 -25.16 12.31
CA CYS B 437 -25.12 -24.99 13.14
C CYS B 437 -24.31 -26.27 13.22
N GLN B 438 -24.97 -27.41 13.39
CA GLN B 438 -24.25 -28.69 13.49
C GLN B 438 -23.46 -28.98 12.23
N GLU B 439 -24.08 -28.80 11.06
CA GLU B 439 -23.36 -29.02 9.81
C GLU B 439 -22.14 -28.09 9.70
N TRP B 440 -22.32 -26.83 10.09
CA TRP B 440 -21.20 -25.88 10.10
C TRP B 440 -20.09 -26.32 11.06
N LEU B 441 -20.44 -26.64 12.31
CA LEU B 441 -19.42 -27.07 13.27
C LEU B 441 -18.69 -28.32 12.79
N TYR B 442 -19.40 -29.23 12.13
CA TYR B 442 -18.73 -30.39 11.54
C TYR B 442 -17.63 -29.95 10.59
N HIS B 443 -17.92 -28.97 9.74
CA HIS B 443 -16.93 -28.54 8.77
C HIS B 443 -15.84 -27.65 9.36
N LEU B 444 -16.04 -27.13 10.57
CA LEU B 444 -14.95 -26.48 11.28
C LEU B 444 -13.96 -27.46 11.89
N GLY B 445 -14.31 -28.74 11.98
CA GLY B 445 -13.46 -29.73 12.63
C GLY B 445 -13.76 -29.97 14.10
N VAL B 446 -14.90 -29.48 14.60
CA VAL B 446 -15.29 -29.77 15.98
C VAL B 446 -15.49 -31.27 16.13
N SER B 447 -14.99 -31.81 17.23
CA SER B 447 -15.13 -33.24 17.49
C SER B 447 -16.61 -33.64 17.46
N THR B 448 -16.92 -34.73 16.74
CA THR B 448 -18.31 -35.05 16.48
C THR B 448 -19.08 -35.36 17.76
N ASP B 449 -18.41 -35.79 18.83
CA ASP B 449 -19.14 -36.01 20.08
C ASP B 449 -19.47 -34.74 20.84
N LYS B 450 -19.03 -33.56 20.38
CA LYS B 450 -19.39 -32.31 21.01
C LYS B 450 -20.35 -31.48 20.19
N ILE B 451 -20.59 -31.86 18.93
CA ILE B 451 -21.30 -30.98 17.99
C ILE B 451 -22.75 -30.73 18.44
N GLU B 452 -23.45 -31.78 18.86
CA GLU B 452 -24.88 -31.60 19.14
C GLU B 452 -25.08 -30.65 20.33
N ASP B 453 -24.30 -30.82 21.40
CA ASP B 453 -24.42 -29.95 22.56
C ASP B 453 -24.03 -28.52 22.23
N LEU B 454 -22.95 -28.35 21.48
CA LEU B 454 -22.49 -27.00 21.16
C LEU B 454 -23.50 -26.26 20.29
N ALA B 455 -24.20 -26.98 19.43
CA ALA B 455 -25.18 -26.35 18.56
C ALA B 455 -26.51 -26.09 19.27
N LYS B 456 -26.97 -27.07 20.06
CA LYS B 456 -28.30 -26.95 20.66
C LYS B 456 -28.29 -26.11 21.91
N HIS B 457 -27.26 -26.26 22.75
CA HIS B 457 -27.28 -25.63 24.06
C HIS B 457 -26.36 -24.43 24.16
N ALA B 458 -25.24 -24.43 23.42
CA ALA B 458 -24.26 -23.36 23.52
C ALA B 458 -24.44 -22.29 22.46
N SER B 459 -25.33 -22.51 21.49
CA SER B 459 -25.49 -21.58 20.38
C SER B 459 -26.97 -21.31 20.14
N ASN B 460 -27.26 -20.15 19.55
CA ASN B 460 -28.62 -19.84 19.12
C ASN B 460 -28.53 -19.41 17.67
N THR B 461 -29.19 -20.16 16.78
CA THR B 461 -29.05 -19.98 15.34
C THR B 461 -30.42 -19.74 14.73
N ILE B 462 -30.54 -18.63 13.99
CA ILE B 462 -31.80 -18.22 13.37
C ILE B 462 -31.66 -18.43 11.86
N PRO B 463 -32.39 -19.37 11.27
CA PRO B 463 -32.39 -19.51 9.81
C PRO B 463 -33.44 -18.63 9.18
N VAL B 464 -33.13 -18.15 7.97
CA VAL B 464 -34.05 -17.33 7.18
C VAL B 464 -34.13 -17.94 5.79
N TYR B 465 -35.35 -18.04 5.26
CA TYR B 465 -35.61 -18.54 3.92
C TYR B 465 -36.06 -17.37 3.07
N MET B 466 -35.31 -17.10 2.00
CA MET B 466 -35.55 -15.95 1.15
C MET B 466 -35.83 -16.46 -0.26
N PRO B 467 -37.08 -16.52 -0.70
CA PRO B 467 -37.36 -17.08 -2.04
C PRO B 467 -36.62 -16.36 -3.15
N TYR B 468 -36.34 -15.06 -2.99
CA TYR B 468 -35.87 -14.22 -4.08
C TYR B 468 -34.43 -13.73 -3.88
N ILE B 469 -33.66 -14.39 -3.01
CA ILE B 469 -32.34 -13.84 -2.71
C ILE B 469 -31.40 -13.95 -3.91
N THR B 470 -31.61 -14.90 -4.81
CA THR B 470 -30.83 -14.98 -6.04
C THR B 470 -31.44 -14.20 -7.21
N SER B 471 -32.53 -13.47 -6.99
CA SER B 471 -33.29 -12.94 -8.13
C SER B 471 -32.54 -11.90 -8.94
N TYR B 472 -31.62 -11.13 -8.34
CA TYR B 472 -30.91 -10.11 -9.10
C TYR B 472 -30.16 -10.70 -10.30
N PHE B 473 -29.72 -11.94 -10.19
CA PHE B 473 -28.79 -12.56 -11.12
C PHE B 473 -29.47 -13.47 -12.13
N MET B 474 -30.79 -13.53 -12.14
CA MET B 474 -31.43 -14.46 -13.06
C MET B 474 -31.15 -14.04 -14.50
N THR B 475 -31.13 -15.01 -15.41
CA THR B 475 -30.83 -14.69 -16.80
C THR B 475 -31.85 -13.69 -17.33
N ARG B 476 -31.35 -12.67 -18.02
CA ARG B 476 -32.19 -11.57 -18.44
C ARG B 476 -31.81 -11.12 -19.84
N ALA B 477 -32.73 -10.43 -20.48
CA ALA B 477 -32.53 -9.78 -21.76
C ALA B 477 -32.69 -8.28 -21.59
N ILE B 478 -32.00 -7.51 -22.44
CA ILE B 478 -32.21 -6.06 -22.42
C ILE B 478 -33.69 -5.77 -22.60
N GLY B 479 -34.23 -4.89 -21.76
CA GLY B 479 -35.65 -4.63 -21.70
C GLY B 479 -36.36 -5.26 -20.50
N ASP B 480 -35.76 -6.29 -19.89
CA ASP B 480 -36.38 -6.91 -18.73
C ASP B 480 -36.39 -5.99 -17.52
N ARG B 481 -35.37 -5.11 -17.40
CA ARG B 481 -35.35 -4.11 -16.34
C ARG B 481 -35.75 -2.75 -16.90
N PRO B 482 -36.65 -2.02 -16.27
CA PRO B 482 -36.97 -0.68 -16.78
C PRO B 482 -35.78 0.25 -16.62
N LEU B 483 -35.65 1.20 -17.56
CA LEU B 483 -34.71 2.28 -17.35
C LEU B 483 -35.06 3.01 -16.06
N VAL B 484 -34.04 3.62 -15.44
CA VAL B 484 -34.27 4.42 -14.24
C VAL B 484 -35.34 5.49 -14.49
N VAL B 485 -35.23 6.20 -15.61
CA VAL B 485 -36.32 7.04 -16.09
C VAL B 485 -36.69 6.54 -17.47
N PRO B 486 -37.81 5.81 -17.59
CA PRO B 486 -38.22 5.29 -18.90
C PRO B 486 -38.43 6.42 -19.88
N HIS B 487 -38.29 6.09 -21.16
CA HIS B 487 -38.46 7.06 -22.24
C HIS B 487 -39.73 7.89 -22.06
N GLN B 488 -39.56 9.21 -22.08
CA GLN B 488 -40.63 10.20 -21.96
C GLN B 488 -41.37 10.16 -20.63
N SER B 489 -40.85 9.49 -19.61
CA SER B 489 -41.47 9.55 -18.29
C SER B 489 -41.26 10.95 -17.70
N GLN B 490 -42.34 11.58 -17.25
CA GLN B 490 -42.28 12.93 -16.71
C GLN B 490 -42.11 12.96 -15.20
N ASN B 491 -42.66 11.95 -14.48
CA ASN B 491 -42.65 12.02 -13.03
C ASN B 491 -42.51 10.64 -12.39
N LEU B 492 -42.06 9.64 -13.14
CA LEU B 492 -41.93 8.28 -12.66
C LEU B 492 -40.50 7.79 -12.87
N ALA B 493 -39.91 7.24 -11.80
CA ALA B 493 -38.61 6.60 -11.90
C ALA B 493 -38.61 5.25 -11.23
N PHE B 494 -37.75 4.36 -11.72
CA PHE B 494 -37.50 3.06 -11.12
C PHE B 494 -36.09 3.07 -10.55
N ILE B 495 -35.94 2.63 -9.30
CA ILE B 495 -34.64 2.64 -8.64
C ILE B 495 -34.41 1.29 -7.99
N GLY B 496 -33.16 1.07 -7.56
CA GLY B 496 -32.78 -0.20 -6.98
C GLY B 496 -32.22 -1.18 -7.99
N ASN B 497 -32.01 -2.42 -7.52
CA ASN B 497 -31.18 -3.37 -8.25
C ASN B 497 -31.95 -4.19 -9.29
N PHE B 498 -33.20 -3.82 -9.59
CA PHE B 498 -33.89 -4.33 -10.78
C PHE B 498 -34.19 -3.22 -11.79
N ALA B 499 -33.55 -2.07 -11.64
CA ALA B 499 -33.62 -1.02 -12.64
C ALA B 499 -32.37 -1.07 -13.50
N GLU B 500 -32.44 -0.41 -14.65
CA GLU B 500 -31.41 -0.52 -15.67
C GLU B 500 -30.57 0.76 -15.77
N THR B 501 -29.26 0.60 -15.66
CA THR B 501 -28.30 1.66 -15.98
C THR B 501 -27.04 1.01 -16.54
N GLU B 502 -26.24 1.77 -17.29
CA GLU B 502 -25.11 1.16 -17.97
C GLU B 502 -24.00 0.73 -17.01
N ARG B 503 -23.36 -0.40 -17.36
CA ARG B 503 -22.11 -0.94 -16.81
C ARG B 503 -22.12 -1.39 -15.34
N ASP B 504 -22.89 -0.76 -14.47
CA ASP B 504 -22.71 -1.05 -13.05
C ASP B 504 -23.34 -2.39 -12.67
N THR B 505 -22.94 -2.88 -11.50
CA THR B 505 -23.22 -4.24 -11.05
C THR B 505 -24.31 -4.25 -9.98
N VAL B 506 -25.31 -5.11 -10.18
CA VAL B 506 -26.36 -5.27 -9.17
C VAL B 506 -25.88 -6.19 -8.05
N PHE B 507 -26.71 -6.32 -7.01
CA PHE B 507 -26.32 -6.96 -5.74
C PHE B 507 -25.22 -6.15 -5.06
N THR B 508 -25.17 -4.83 -5.29
CA THR B 508 -24.24 -3.96 -4.60
C THR B 508 -24.98 -2.74 -4.05
N THR B 509 -24.51 -2.24 -2.91
CA THR B 509 -25.12 -1.04 -2.34
C THR B 509 -24.91 0.16 -3.25
N GLU B 510 -23.78 0.18 -3.96
CA GLU B 510 -23.53 1.25 -4.92
C GLU B 510 -24.63 1.35 -5.97
N TYR B 511 -25.12 0.20 -6.45
CA TYR B 511 -26.15 0.25 -7.50
C TYR B 511 -27.42 0.90 -6.99
N SER B 512 -27.77 0.66 -5.72
CA SER B 512 -28.92 1.35 -5.14
C SER B 512 -28.71 2.85 -5.13
N VAL B 513 -27.52 3.31 -4.73
CA VAL B 513 -27.31 4.75 -4.64
C VAL B 513 -27.21 5.37 -6.03
N ARG B 514 -26.53 4.69 -6.96
CA ARG B 514 -26.45 5.21 -8.33
C ARG B 514 -27.82 5.39 -8.94
N THR B 515 -28.69 4.37 -8.86
CA THR B 515 -29.99 4.53 -9.51
C THR B 515 -30.80 5.63 -8.85
N ALA B 516 -30.71 5.76 -7.51
CA ALA B 516 -31.37 6.85 -6.82
C ALA B 516 -30.89 8.19 -7.33
N MET B 517 -29.57 8.33 -7.51
CA MET B 517 -29.05 9.63 -7.88
C MET B 517 -29.40 9.95 -9.32
N GLU B 518 -29.33 8.94 -10.20
CA GLU B 518 -29.71 9.14 -11.59
C GLU B 518 -31.20 9.48 -11.73
N ALA B 519 -32.05 8.86 -10.91
CA ALA B 519 -33.49 9.16 -10.91
C ALA B 519 -33.75 10.60 -10.52
N VAL B 520 -33.20 11.03 -9.38
CA VAL B 520 -33.44 12.40 -8.90
C VAL B 520 -32.87 13.41 -9.90
N TYR B 521 -31.66 13.17 -10.39
CA TYR B 521 -31.02 14.14 -11.29
C TYR B 521 -31.78 14.25 -12.60
N GLN B 522 -32.25 13.12 -13.15
CA GLN B 522 -32.99 13.18 -14.41
C GLN B 522 -34.37 13.81 -14.23
N LEU B 523 -35.10 13.40 -13.18
CA LEU B 523 -36.47 13.92 -13.04
C LEU B 523 -36.47 15.42 -12.72
N LEU B 524 -35.48 15.91 -11.98
CA LEU B 524 -35.44 17.33 -11.64
C LEU B 524 -34.52 18.13 -12.55
N ASN B 525 -33.85 17.46 -13.51
CA ASN B 525 -32.88 18.09 -14.42
C ASN B 525 -31.81 18.86 -13.67
N ILE B 526 -31.14 18.16 -12.74
CA ILE B 526 -30.12 18.77 -11.89
C ILE B 526 -28.84 18.93 -12.69
N ASP B 527 -28.26 20.12 -12.65
CA ASP B 527 -27.15 20.47 -13.53
C ASP B 527 -25.81 20.21 -12.86
N ARG B 528 -25.51 18.93 -12.72
CA ARG B 528 -24.24 18.45 -12.16
C ARG B 528 -24.02 17.04 -12.68
N GLY B 529 -22.76 16.70 -12.90
CA GLY B 529 -22.42 15.39 -13.42
C GLY B 529 -22.66 14.29 -12.40
N ILE B 530 -23.05 13.13 -12.90
CA ILE B 530 -23.11 11.91 -12.09
C ILE B 530 -21.82 11.14 -12.35
N PRO B 531 -21.11 10.66 -11.32
CA PRO B 531 -19.86 9.97 -11.59
C PRO B 531 -20.09 8.70 -12.40
N GLU B 532 -19.33 8.55 -13.49
CA GLU B 532 -19.40 7.32 -14.28
C GLU B 532 -18.96 6.14 -13.43
N VAL B 533 -19.42 4.95 -13.82
CA VAL B 533 -18.81 3.75 -13.26
C VAL B 533 -17.30 3.85 -13.49
N ILE B 534 -16.52 3.51 -12.45
CA ILE B 534 -15.09 3.80 -12.50
C ILE B 534 -14.46 3.23 -13.77
N ASN B 535 -13.55 4.01 -14.37
CA ASN B 535 -13.01 3.70 -15.68
C ASN B 535 -11.95 2.58 -15.69
N SER B 536 -11.91 1.70 -14.68
CA SER B 536 -10.80 0.76 -14.61
C SER B 536 -10.68 -0.22 -15.79
N PRO B 537 -11.76 -0.72 -16.42
CA PRO B 537 -11.55 -1.61 -17.58
C PRO B 537 -10.98 -0.92 -18.80
N PHE B 538 -10.92 0.42 -18.80
CA PHE B 538 -10.32 1.19 -19.89
C PHE B 538 -8.91 1.62 -19.59
N ASP B 539 -8.40 1.32 -18.40
CA ASP B 539 -7.12 1.85 -17.93
C ASP B 539 -6.04 0.83 -18.25
N LEU B 540 -5.12 1.21 -19.15
CA LEU B 540 -4.06 0.27 -19.55
C LEU B 540 -3.25 -0.23 -18.37
N ARG B 541 -3.07 0.58 -17.32
CA ARG B 541 -2.32 0.12 -16.16
C ARG B 541 -3.06 -0.99 -15.45
N VAL B 542 -4.37 -0.81 -15.28
CA VAL B 542 -5.21 -1.81 -14.62
C VAL B 542 -5.23 -3.09 -15.44
N LEU B 543 -5.26 -2.95 -16.76
CA LEU B 543 -5.31 -4.13 -17.63
C LEU B 543 -4.00 -4.90 -17.61
N MET B 544 -2.85 -4.21 -17.58
CA MET B 544 -1.57 -4.88 -17.41
C MET B 544 -1.53 -5.66 -16.10
N ASP B 545 -1.98 -5.05 -15.01
CA ASP B 545 -2.09 -5.76 -13.74
C ASP B 545 -2.96 -7.00 -13.84
N ALA B 546 -4.09 -6.89 -14.55
CA ALA B 546 -4.99 -8.03 -14.68
C ALA B 546 -4.32 -9.18 -15.42
N ILE B 547 -3.54 -8.88 -16.46
CA ILE B 547 -2.83 -9.95 -17.18
C ILE B 547 -1.87 -10.67 -16.25
N TYR B 548 -1.11 -9.90 -15.47
CA TYR B 548 -0.17 -10.48 -14.52
C TYR B 548 -0.88 -11.33 -13.49
N GLU B 549 -1.98 -10.81 -12.92
CA GLU B 549 -2.66 -11.54 -11.85
C GLU B 549 -3.38 -12.77 -12.37
N LEU B 550 -4.06 -12.65 -13.53
CA LEU B 550 -4.83 -13.78 -14.06
C LEU B 550 -3.93 -14.96 -14.39
N ASN B 551 -2.70 -14.69 -14.81
CA ASN B 551 -1.72 -15.72 -15.11
C ASN B 551 -0.88 -16.11 -13.89
N ASP B 552 -1.43 -15.93 -12.68
CA ASP B 552 -0.79 -16.25 -11.41
C ASP B 552 0.67 -15.75 -11.36
N HIS B 553 0.84 -14.46 -11.66
CA HIS B 553 2.09 -13.73 -11.44
C HIS B 553 3.22 -14.17 -12.37
N GLN B 554 2.91 -14.41 -13.64
CA GLN B 554 3.92 -14.67 -14.65
C GLN B 554 4.11 -13.46 -15.54
N ASP B 555 5.35 -13.24 -15.97
CA ASP B 555 5.60 -12.18 -16.96
C ASP B 555 5.31 -12.73 -18.36
N LEU B 556 5.45 -11.87 -19.36
CA LEU B 556 5.05 -12.23 -20.72
C LEU B 556 5.90 -13.37 -21.28
N ARG B 557 7.17 -13.45 -20.90
CA ARG B 557 8.01 -14.53 -21.42
C ARG B 557 7.57 -15.89 -20.88
N GLU B 558 7.27 -15.98 -19.59
CA GLU B 558 6.73 -17.23 -19.05
C GLU B 558 5.33 -17.52 -19.58
N ILE B 559 4.53 -16.49 -19.84
CA ILE B 559 3.17 -16.73 -20.33
C ILE B 559 3.21 -17.38 -21.71
N THR B 560 4.16 -16.97 -22.55
CA THR B 560 4.20 -17.39 -23.94
C THR B 560 5.20 -18.49 -24.22
N LYS B 561 5.88 -19.01 -23.18
CA LYS B 561 7.05 -19.86 -23.41
C LYS B 561 6.71 -21.15 -24.17
N ASP B 562 5.45 -21.61 -24.09
CA ASP B 562 5.05 -22.87 -24.69
C ASP B 562 4.13 -22.68 -25.89
N SER B 563 4.33 -21.59 -26.63
CA SER B 563 3.57 -21.35 -27.85
C SER B 563 4.49 -20.71 -28.87
N LYS B 564 4.68 -21.40 -30.00
CA LYS B 564 5.59 -20.90 -31.02
C LYS B 564 5.10 -19.56 -31.58
N MET B 565 3.80 -19.46 -31.87
CA MET B 565 3.32 -18.24 -32.52
C MET B 565 3.18 -17.10 -31.52
N GLN B 566 3.17 -17.38 -30.21
CA GLN B 566 3.28 -16.33 -29.20
C GLN B 566 4.73 -15.95 -28.93
N LYS B 567 5.60 -16.94 -28.76
CA LYS B 567 6.98 -16.65 -28.39
C LYS B 567 7.68 -15.81 -29.44
N LEU B 568 7.29 -15.94 -30.71
CA LEU B 568 7.84 -15.09 -31.76
C LEU B 568 7.07 -13.79 -31.92
N ALA B 569 5.76 -13.80 -31.70
CA ALA B 569 5.02 -12.54 -31.69
C ALA B 569 5.51 -11.64 -30.56
N LEU B 570 5.85 -12.24 -29.42
CA LEU B 570 6.41 -11.47 -28.32
C LEU B 570 7.81 -10.97 -28.65
N ALA B 571 8.64 -11.81 -29.28
CA ALA B 571 10.00 -11.39 -29.62
C ALA B 571 9.99 -10.22 -30.60
N GLY B 572 9.05 -10.23 -31.56
CA GLY B 572 8.93 -9.11 -32.47
C GLY B 572 8.35 -7.88 -31.81
N PHE B 573 7.43 -8.07 -30.86
CA PHE B 573 6.88 -6.95 -30.12
C PHE B 573 7.95 -6.29 -29.25
N LEU B 574 8.73 -7.11 -28.52
CA LEU B 574 9.74 -6.58 -27.62
C LEU B 574 10.84 -5.83 -28.37
N LYS B 575 11.19 -6.30 -29.58
CA LYS B 575 12.19 -5.59 -30.37
C LYS B 575 11.69 -4.20 -30.77
N LYS B 576 10.40 -4.08 -31.07
CA LYS B 576 9.86 -2.80 -31.51
C LYS B 576 9.73 -1.81 -30.35
N ILE B 577 9.53 -2.29 -29.12
CA ILE B 577 9.32 -1.43 -27.97
C ILE B 577 10.53 -1.34 -27.07
N LYS B 578 11.62 -2.05 -27.38
CA LYS B 578 12.79 -2.02 -26.53
C LYS B 578 13.30 -0.60 -26.34
N GLY B 579 13.60 -0.24 -25.09
CA GLY B 579 14.08 1.09 -24.78
C GLY B 579 13.04 2.19 -24.81
N THR B 580 11.76 1.85 -24.91
CA THR B 580 10.69 2.83 -24.99
C THR B 580 9.89 2.86 -23.69
N TYR B 581 9.01 3.86 -23.62
CA TYR B 581 8.10 4.01 -22.48
C TYR B 581 7.21 2.79 -22.30
N ILE B 582 6.83 2.13 -23.40
CA ILE B 582 6.01 0.92 -23.28
C ILE B 582 6.74 -0.16 -22.51
N GLU B 583 8.05 -0.30 -22.75
CA GLU B 583 8.79 -1.32 -22.02
C GLU B 583 8.89 -0.97 -20.55
N SER B 584 9.07 0.32 -20.24
CA SER B 584 9.14 0.73 -18.84
C SER B 584 7.81 0.50 -18.14
N LEU B 585 6.69 0.77 -18.83
CA LEU B 585 5.38 0.51 -18.24
C LEU B 585 5.20 -0.97 -17.96
N LEU B 586 5.56 -1.81 -18.92
CA LEU B 586 5.41 -3.25 -18.73
C LEU B 586 6.29 -3.77 -17.61
N LYS B 587 7.49 -3.21 -17.43
CA LYS B 587 8.32 -3.62 -16.30
C LYS B 587 7.71 -3.15 -14.99
N GLU B 588 7.13 -1.95 -14.97
CA GLU B 588 6.52 -1.44 -13.74
C GLU B 588 5.38 -2.34 -13.29
N HIS B 589 4.64 -2.92 -14.23
CA HIS B 589 3.51 -3.77 -13.89
C HIS B 589 3.86 -5.25 -13.96
N LYS B 590 5.16 -5.56 -13.95
CA LYS B 590 5.72 -6.89 -13.72
C LYS B 590 5.50 -7.85 -14.89
N LEU B 591 5.15 -7.32 -16.06
CA LEU B 591 4.98 -8.14 -17.25
C LEU B 591 6.28 -8.32 -18.01
N LEU B 592 7.30 -7.54 -17.69
CA LEU B 592 8.65 -7.73 -18.20
C LEU B 592 9.62 -7.63 -17.04
N HIS C 1 16.70 1.93 8.54
CA HIS C 1 17.00 2.65 9.77
C HIS C 1 18.28 2.10 10.41
N MET C 2 19.09 1.43 9.62
N MET C 2 19.09 1.40 9.62
CA MET C 2 20.41 0.98 10.04
CA MET C 2 20.39 0.91 10.07
C MET C 2 21.26 0.77 8.79
C MET C 2 21.22 0.59 8.83
N TYR C 3 22.54 0.48 9.02
CA TYR C 3 23.41 0.02 7.95
C TYR C 3 24.47 -0.92 8.50
N TYR C 4 24.88 -1.86 7.66
CA TYR C 4 25.92 -2.81 8.02
C TYR C 4 27.29 -2.28 7.62
N SER C 5 28.30 -2.66 8.39
CA SER C 5 29.67 -2.23 8.16
C SER C 5 30.62 -3.33 8.61
N TYR C 6 31.92 -3.10 8.36
CA TYR C 6 32.96 -3.92 8.95
C TYR C 6 34.23 -3.09 9.01
N GLY C 7 35.20 -3.58 9.77
CA GLY C 7 36.45 -2.84 9.92
C GLY C 7 36.50 -2.00 11.19
N ASN C 8 37.68 -1.47 11.46
CA ASN C 8 37.96 -0.79 12.73
C ASN C 8 37.33 0.60 12.85
N TYR C 9 37.12 1.31 11.73
CA TYR C 9 36.56 2.66 11.79
C TYR C 9 35.22 2.65 12.49
N GLU C 10 34.30 1.80 12.01
CA GLU C 10 32.98 1.73 12.62
C GLU C 10 33.03 0.99 13.96
N ALA C 11 34.00 0.08 14.12
CA ALA C 11 34.11 -0.63 15.40
C ALA C 11 34.44 0.34 16.53
N PHE C 12 35.41 1.22 16.30
CA PHE C 12 35.89 2.08 17.38
C PHE C 12 35.11 3.38 17.50
N ALA C 13 34.36 3.78 16.46
CA ALA C 13 33.59 5.01 16.51
C ALA C 13 32.44 4.90 17.51
N ARG C 14 32.11 6.03 18.12
CA ARG C 14 30.98 6.15 19.04
C ARG C 14 29.84 6.90 18.35
N PRO C 15 28.60 6.47 18.52
CA PRO C 15 27.49 7.22 17.91
C PRO C 15 27.16 8.47 18.69
N LYS C 16 26.78 9.53 17.96
CA LYS C 16 26.16 10.68 18.59
C LYS C 16 24.93 10.23 19.39
N LYS C 17 24.58 11.03 20.39
CA LYS C 17 23.35 10.76 21.14
C LYS C 17 22.16 10.80 20.19
N PRO C 18 21.31 9.78 20.18
CA PRO C 18 20.20 9.74 19.23
C PRO C 18 19.14 10.78 19.54
N GLU C 19 18.37 11.11 18.50
CA GLU C 19 17.42 12.21 18.55
C GLU C 19 16.30 11.94 19.55
N ASN C 20 16.07 12.90 20.45
CA ASN C 20 14.92 12.93 21.36
C ASN C 20 14.92 11.75 22.33
N VAL C 21 16.06 11.10 22.57
CA VAL C 21 16.06 9.92 23.43
C VAL C 21 15.74 10.30 24.88
N GLU C 22 15.95 11.57 25.25
CA GLU C 22 15.60 12.02 26.59
C GLU C 22 14.12 11.86 26.90
N ASN C 23 13.26 11.78 25.87
CA ASN C 23 11.82 11.64 26.07
C ASN C 23 11.33 10.23 25.78
N LYS C 24 12.24 9.25 25.73
CA LYS C 24 11.88 7.88 25.39
C LYS C 24 12.15 6.94 26.55
N SER C 25 11.47 5.81 26.53
N SER C 25 11.47 5.80 26.55
CA SER C 25 11.60 4.76 27.54
CA SER C 25 11.64 4.77 27.56
C SER C 25 11.63 3.42 26.83
C SER C 25 11.61 3.42 26.84
N ALA C 26 11.91 2.36 27.59
CA ALA C 26 11.99 1.03 27.00
C ALA C 26 11.49 -0.03 27.96
N TYR C 27 10.78 -1.00 27.40
CA TYR C 27 10.33 -2.19 28.13
C TYR C 27 10.91 -3.42 27.45
N LEU C 28 11.58 -4.26 28.23
CA LEU C 28 12.20 -5.46 27.70
C LEU C 28 11.43 -6.65 28.24
N ILE C 29 10.83 -7.42 27.34
CA ILE C 29 9.95 -8.53 27.71
C ILE C 29 10.59 -9.84 27.29
N GLY C 30 10.73 -10.74 28.23
CA GLY C 30 11.23 -12.07 27.95
C GLY C 30 12.58 -12.21 28.61
N SER C 31 12.74 -13.25 29.43
CA SER C 31 14.02 -13.44 30.08
C SER C 31 15.10 -13.70 29.05
N GLY C 32 16.34 -13.43 29.42
CA GLY C 32 17.42 -14.01 28.69
C GLY C 32 18.42 -12.98 28.21
N LEU C 33 19.43 -13.48 27.51
N LEU C 33 19.43 -13.49 27.50
CA LEU C 33 20.57 -12.66 27.14
CA LEU C 33 20.57 -12.67 27.13
C LEU C 33 20.18 -11.55 26.16
C LEU C 33 20.16 -11.54 26.18
N ALA C 34 19.23 -11.80 25.26
CA ALA C 34 18.85 -10.77 24.29
C ALA C 34 18.28 -9.53 24.98
N SER C 35 17.39 -9.73 25.96
CA SER C 35 16.84 -8.58 26.69
C SER C 35 17.94 -7.82 27.41
N LEU C 36 18.85 -8.54 28.08
CA LEU C 36 19.92 -7.87 28.82
C LEU C 36 20.84 -7.12 27.86
N ALA C 37 21.15 -7.74 26.72
CA ALA C 37 22.01 -7.07 25.75
C ALA C 37 21.34 -5.84 25.19
N ALA C 38 20.05 -5.91 24.93
CA ALA C 38 19.36 -4.73 24.41
C ALA C 38 19.40 -3.60 25.43
N ALA C 39 19.17 -3.92 26.71
CA ALA C 39 19.26 -2.90 27.74
C ALA C 39 20.65 -2.27 27.80
N CYS C 40 21.70 -3.08 27.62
CA CYS C 40 23.05 -2.54 27.61
C CYS C 40 23.27 -1.58 26.43
N PHE C 41 22.78 -1.95 25.25
CA PHE C 41 22.93 -1.04 24.12
C PHE C 41 22.10 0.23 24.30
N LEU C 42 20.93 0.11 24.95
CA LEU C 42 20.13 1.30 25.23
C LEU C 42 20.88 2.27 26.14
N ILE C 43 21.59 1.74 27.13
CA ILE C 43 22.41 2.58 28.01
C ILE C 43 23.61 3.15 27.25
N ARG C 44 24.40 2.28 26.62
CA ARG C 44 25.70 2.70 26.10
C ARG C 44 25.58 3.58 24.86
N ASP C 45 24.79 3.13 23.89
CA ASP C 45 24.72 3.78 22.59
C ASP C 45 23.46 4.59 22.43
N GLY C 46 22.35 4.11 22.99
CA GLY C 46 21.16 4.93 23.01
C GLY C 46 21.26 6.12 23.95
N GLN C 47 22.12 6.03 24.96
CA GLN C 47 22.20 7.01 26.05
C GLN C 47 20.83 7.28 26.66
N MET C 48 20.00 6.25 26.72
CA MET C 48 18.73 6.38 27.41
C MET C 48 18.97 6.30 28.91
N GLU C 49 18.20 7.07 29.67
CA GLU C 49 18.34 7.07 31.12
C GLU C 49 17.90 5.73 31.69
N GLY C 50 18.70 5.20 32.63
CA GLY C 50 18.42 3.88 33.17
C GLY C 50 17.07 3.81 33.86
N SER C 51 16.65 4.91 34.49
CA SER C 51 15.35 4.94 35.16
C SER C 51 14.18 4.75 34.20
N LYS C 52 14.40 4.87 32.89
CA LYS C 52 13.34 4.70 31.92
C LYS C 52 13.45 3.38 31.18
N ILE C 53 14.32 2.49 31.64
CA ILE C 53 14.51 1.17 31.05
C ILE C 53 13.98 0.13 32.04
N HIS C 54 12.99 -0.64 31.61
CA HIS C 54 12.28 -1.57 32.50
C HIS C 54 12.44 -2.99 31.97
N ILE C 55 13.18 -3.81 32.69
CA ILE C 55 13.33 -5.22 32.33
C ILE C 55 12.27 -6.00 33.10
N LEU C 56 11.34 -6.62 32.37
CA LEU C 56 10.19 -7.30 32.97
C LEU C 56 10.48 -8.80 33.03
N GLU C 57 10.49 -9.35 34.25
CA GLU C 57 10.80 -10.75 34.48
C GLU C 57 9.63 -11.45 35.16
N GLU C 58 9.31 -12.65 34.69
CA GLU C 58 8.19 -13.43 35.23
C GLU C 58 8.48 -13.94 36.63
N LEU C 59 9.71 -14.40 36.88
CA LEU C 59 10.05 -15.01 38.15
C LEU C 59 10.14 -13.96 39.25
N PRO C 60 10.01 -14.39 40.52
CA PRO C 60 10.29 -13.49 41.66
C PRO C 60 11.71 -12.96 41.63
N LEU C 73 16.97 -28.19 41.75
CA LEU C 73 17.40 -27.63 43.03
C LEU C 73 18.14 -28.65 43.90
N LYS C 74 18.11 -29.92 43.52
CA LYS C 74 18.78 -30.96 44.29
C LYS C 74 20.22 -31.18 43.86
N GLY C 75 20.77 -30.31 43.00
CA GLY C 75 22.17 -30.43 42.60
C GLY C 75 22.49 -29.39 41.55
N TYR C 76 23.79 -29.30 41.25
CA TYR C 76 24.28 -28.38 40.22
C TYR C 76 23.67 -28.70 38.86
N VAL C 77 23.32 -27.65 38.11
CA VAL C 77 22.80 -27.80 36.76
C VAL C 77 23.58 -26.89 35.84
N VAL C 78 24.12 -27.44 34.75
CA VAL C 78 24.77 -26.60 33.76
C VAL C 78 23.99 -26.71 32.44
N ARG C 79 24.21 -25.74 31.58
CA ARG C 79 23.63 -25.72 30.25
C ARG C 79 24.72 -26.02 29.22
N GLY C 80 24.31 -26.56 28.09
CA GLY C 80 25.22 -26.71 26.97
C GLY C 80 25.14 -25.52 26.04
N GLY C 81 25.87 -25.61 24.94
CA GLY C 81 25.68 -24.67 23.84
C GLY C 81 25.96 -23.20 24.13
N ARG C 82 27.05 -22.92 24.84
CA ARG C 82 27.51 -21.56 25.07
C ARG C 82 28.94 -21.36 24.55
N GLU C 83 29.37 -22.23 23.64
CA GLU C 83 30.64 -22.06 22.97
C GLU C 83 30.64 -20.74 22.22
N MET C 84 31.77 -20.04 22.21
CA MET C 84 31.91 -18.82 21.43
C MET C 84 33.02 -19.00 20.42
N GLU C 85 33.11 -18.05 19.49
CA GLU C 85 34.26 -18.00 18.58
C GLU C 85 34.69 -16.55 18.42
N ASN C 86 35.84 -16.37 17.77
CA ASN C 86 36.35 -15.01 17.57
C ASN C 86 35.37 -14.14 16.80
N HIS C 87 34.67 -14.69 15.79
CA HIS C 87 33.86 -13.83 14.93
C HIS C 87 32.41 -13.70 15.41
N PHE C 88 32.18 -13.76 16.71
CA PHE C 88 30.96 -13.23 17.33
C PHE C 88 31.08 -11.70 17.38
N GLU C 89 30.88 -11.06 16.21
CA GLU C 89 31.23 -9.65 16.04
C GLU C 89 30.43 -8.73 16.95
N CYS C 90 29.11 -8.96 17.07
CA CYS C 90 28.29 -8.09 17.91
C CYS C 90 28.52 -8.37 19.38
N LEU C 91 28.66 -9.64 19.73
CA LEU C 91 28.87 -10.00 21.13
C LEU C 91 30.14 -9.36 21.68
N TRP C 92 31.23 -9.33 20.88
CA TRP C 92 32.44 -8.71 21.42
C TRP C 92 32.33 -7.19 21.45
N ASP C 93 31.55 -6.59 20.53
CA ASP C 93 31.23 -5.16 20.64
C ASP C 93 30.58 -4.85 21.97
N LEU C 94 29.66 -5.72 22.42
CA LEU C 94 29.01 -5.50 23.70
C LEU C 94 29.97 -5.73 24.87
N PHE C 95 30.64 -6.89 24.90
CA PHE C 95 31.30 -7.25 26.15
C PHE C 95 32.64 -6.56 26.37
N ARG C 96 33.15 -5.82 25.38
CA ARG C 96 34.29 -4.95 25.67
C ARG C 96 33.90 -3.79 26.58
N SER C 97 32.60 -3.53 26.76
CA SER C 97 32.10 -2.44 27.56
C SER C 97 31.60 -2.87 28.93
N ILE C 98 31.54 -4.18 29.20
CA ILE C 98 31.00 -4.70 30.44
C ILE C 98 32.17 -5.01 31.38
N PRO C 99 32.24 -4.40 32.56
CA PRO C 99 33.37 -4.70 33.46
C PRO C 99 33.40 -6.16 33.90
N SER C 100 34.60 -6.74 33.92
CA SER C 100 34.78 -8.05 34.53
C SER C 100 34.47 -7.98 36.01
N LEU C 101 33.88 -9.06 36.53
CA LEU C 101 33.71 -9.22 37.97
C LEU C 101 34.86 -10.00 38.59
N GLU C 102 35.84 -10.43 37.79
CA GLU C 102 36.97 -11.23 38.26
C GLU C 102 38.32 -10.53 38.22
N ILE C 103 38.53 -9.63 37.26
CA ILE C 103 39.80 -8.92 37.09
C ILE C 103 39.53 -7.41 37.18
N ASP C 104 40.30 -6.74 38.03
CA ASP C 104 40.17 -5.29 38.17
C ASP C 104 40.59 -4.60 36.88
N ASN C 105 39.89 -3.51 36.54
CA ASN C 105 40.23 -2.65 35.42
C ASN C 105 40.36 -3.45 34.12
N ALA C 106 39.37 -4.29 33.87
CA ALA C 106 39.35 -5.10 32.66
C ALA C 106 37.90 -5.44 32.35
N SER C 107 37.61 -5.64 31.07
CA SER C 107 36.27 -6.00 30.62
C SER C 107 36.08 -7.51 30.63
N VAL C 108 34.82 -7.91 30.46
CA VAL C 108 34.50 -9.33 30.20
C VAL C 108 35.30 -9.84 28.99
N LEU C 109 35.41 -9.03 27.93
CA LEU C 109 36.18 -9.45 26.77
C LEU C 109 37.64 -9.67 27.15
N ASP C 110 38.24 -8.71 27.89
CA ASP C 110 39.63 -8.86 28.29
C ASP C 110 39.84 -10.17 29.04
N GLU C 111 38.99 -10.42 30.04
CA GLU C 111 39.12 -11.63 30.86
C GLU C 111 39.05 -12.88 30.00
N PHE C 112 38.12 -12.90 29.06
CA PHE C 112 37.89 -14.03 28.16
C PHE C 112 39.05 -14.19 27.19
N TYR C 113 39.51 -13.08 26.60
CA TYR C 113 40.60 -13.11 25.63
C TYR C 113 41.87 -13.68 26.26
N TRP C 114 42.21 -13.20 27.45
CA TRP C 114 43.43 -13.66 28.11
C TRP C 114 43.30 -15.12 28.54
N LEU C 115 42.14 -15.51 29.07
CA LEU C 115 41.93 -16.89 29.50
C LEU C 115 42.11 -17.85 28.34
N ASN C 116 41.50 -17.53 27.20
CA ASN C 116 41.55 -18.47 26.09
C ASN C 116 42.90 -18.45 25.36
N LYS C 117 43.78 -17.48 25.66
CA LYS C 117 45.15 -17.59 25.20
C LYS C 117 46.02 -18.34 26.19
N GLU C 118 45.75 -18.21 27.49
CA GLU C 118 46.50 -18.97 28.51
C GLU C 118 46.19 -20.46 28.44
N ASP C 119 44.95 -20.81 28.09
CA ASP C 119 44.46 -22.18 28.17
C ASP C 119 43.59 -22.42 26.95
N PRO C 120 44.21 -22.53 25.76
CA PRO C 120 43.43 -22.62 24.52
C PRO C 120 42.66 -23.93 24.41
N ASN C 121 41.43 -23.83 23.93
CA ASN C 121 40.59 -25.02 23.84
C ASN C 121 40.96 -25.89 22.66
N TYR C 122 41.03 -27.20 22.89
CA TYR C 122 41.13 -28.20 21.84
C TYR C 122 40.77 -29.54 22.45
N SER C 123 40.33 -30.46 21.59
CA SER C 123 39.98 -31.81 22.02
C SER C 123 41.09 -32.78 21.68
N ARG C 124 41.42 -33.67 22.63
CA ARG C 124 42.33 -34.78 22.41
C ARG C 124 41.59 -36.10 22.19
N CYS C 125 40.26 -36.06 22.15
CA CYS C 125 39.43 -37.22 21.90
C CYS C 125 38.02 -36.75 21.62
N ARG C 126 37.59 -36.80 20.37
CA ARG C 126 36.32 -36.24 19.97
C ARG C 126 35.19 -37.26 19.90
N VAL C 127 35.47 -38.50 19.51
CA VAL C 127 34.46 -39.53 19.31
C VAL C 127 34.95 -40.83 19.92
N ILE C 128 34.10 -41.50 20.71
CA ILE C 128 34.41 -42.82 21.24
C ILE C 128 33.32 -43.81 20.83
N GLU C 129 33.66 -45.09 20.93
CA GLU C 129 32.76 -46.18 20.61
C GLU C 129 33.21 -47.41 21.40
N LYS C 130 32.38 -48.44 21.39
CA LYS C 130 32.73 -49.74 22.00
C LYS C 130 33.20 -49.56 23.44
N GLN C 131 32.40 -48.82 24.21
CA GLN C 131 32.61 -48.61 25.64
C GLN C 131 34.01 -48.08 25.93
N GLY C 132 34.33 -46.95 25.29
CA GLY C 132 35.44 -46.11 25.68
C GLY C 132 36.65 -46.05 24.77
N GLN C 133 36.58 -46.68 23.60
CA GLN C 133 37.68 -46.67 22.63
C GLN C 133 37.56 -45.46 21.71
N ARG C 134 38.69 -44.83 21.38
CA ARG C 134 38.64 -43.73 20.43
C ARG C 134 38.32 -44.25 19.03
N LEU C 135 37.45 -43.53 18.31
CA LEU C 135 37.16 -43.86 16.91
C LEU C 135 38.44 -43.79 16.08
N VAL C 136 38.66 -44.81 15.24
CA VAL C 136 39.96 -44.95 14.58
C VAL C 136 40.19 -43.82 13.59
N THR C 137 39.13 -43.36 12.92
CA THR C 137 39.24 -42.31 11.92
C THR C 137 38.96 -40.93 12.51
N ASP C 138 39.02 -40.79 13.83
CA ASP C 138 38.77 -39.50 14.46
C ASP C 138 39.75 -38.47 13.92
N GLY C 139 39.23 -37.33 13.45
CA GLY C 139 40.02 -36.32 12.80
C GLY C 139 39.77 -36.20 11.31
N ASP C 140 39.32 -37.29 10.68
CA ASP C 140 38.99 -37.27 9.26
C ASP C 140 37.51 -37.00 9.07
N PHE C 141 37.17 -36.33 7.96
CA PHE C 141 35.77 -36.08 7.64
C PHE C 141 35.08 -37.25 6.95
N THR C 142 35.86 -38.11 6.29
CA THR C 142 35.37 -39.26 5.50
C THR C 142 34.16 -38.90 4.63
N LEU C 143 34.29 -37.80 3.90
CA LEU C 143 33.28 -37.39 2.93
C LEU C 143 33.63 -37.93 1.55
N THR C 144 32.66 -38.57 0.90
CA THR C 144 32.84 -38.93 -0.51
C THR C 144 32.65 -37.71 -1.40
N LYS C 145 33.01 -37.88 -2.68
CA LYS C 145 32.80 -36.80 -3.64
C LYS C 145 31.33 -36.44 -3.76
N THR C 146 30.45 -37.44 -3.71
CA THR C 146 29.01 -37.17 -3.75
C THR C 146 28.57 -36.34 -2.55
N ALA C 147 29.07 -36.70 -1.35
CA ALA C 147 28.71 -35.96 -0.14
C ALA C 147 29.20 -34.52 -0.21
N ILE C 148 30.42 -34.31 -0.71
CA ILE C 148 30.96 -32.95 -0.85
C ILE C 148 30.11 -32.13 -1.81
N LYS C 149 29.73 -32.74 -2.94
CA LYS C 149 28.89 -32.04 -3.90
C LYS C 149 27.55 -31.66 -3.30
N GLU C 150 27.02 -32.50 -2.40
CA GLU C 150 25.75 -32.17 -1.75
C GLU C 150 25.91 -30.97 -0.82
N ILE C 151 27.05 -30.88 -0.14
CA ILE C 151 27.30 -29.71 0.70
C ILE C 151 27.34 -28.45 -0.15
N VAL C 152 28.10 -28.48 -1.24
CA VAL C 152 28.23 -27.31 -2.10
C VAL C 152 26.89 -26.94 -2.72
N ASP C 153 26.13 -27.94 -3.19
CA ASP C 153 24.86 -27.67 -3.82
C ASP C 153 23.87 -27.00 -2.87
N LEU C 154 23.87 -27.41 -1.60
CA LEU C 154 23.02 -26.73 -0.61
C LEU C 154 23.42 -25.26 -0.47
N CYS C 155 24.72 -24.99 -0.32
CA CYS C 155 25.19 -23.62 -0.19
C CYS C 155 24.84 -22.80 -1.43
N LEU C 156 24.88 -23.43 -2.61
CA LEU C 156 24.53 -22.74 -3.85
C LEU C 156 23.02 -22.66 -4.08
N THR C 157 22.20 -23.22 -3.19
CA THR C 157 20.76 -23.02 -3.26
C THR C 157 20.40 -21.68 -2.61
N ASN C 158 19.54 -20.93 -3.28
CA ASN C 158 18.99 -19.71 -2.70
C ASN C 158 18.20 -20.01 -1.44
N GLU C 159 18.42 -19.20 -0.39
CA GLU C 159 17.65 -19.40 0.84
C GLU C 159 16.15 -19.36 0.56
N GLU C 160 15.73 -18.56 -0.41
CA GLU C 160 14.33 -18.42 -0.74
C GLU C 160 13.72 -19.71 -1.28
N ASP C 161 14.53 -20.67 -1.73
CA ASP C 161 14.04 -21.95 -2.25
C ASP C 161 14.03 -23.05 -1.19
N LEU C 162 14.31 -22.74 0.07
CA LEU C 162 14.44 -23.76 1.09
C LEU C 162 13.30 -23.72 2.11
N ASP C 163 12.20 -23.05 1.80
CA ASP C 163 11.06 -23.02 2.71
C ASP C 163 10.65 -24.44 3.06
N ASP C 164 10.67 -24.75 4.36
CA ASP C 164 10.19 -26.00 4.96
C ASP C 164 10.97 -27.25 4.54
N VAL C 165 12.13 -27.08 3.92
CA VAL C 165 12.94 -28.20 3.44
C VAL C 165 13.71 -28.81 4.62
N LYS C 166 13.65 -30.14 4.74
CA LYS C 166 14.39 -30.85 5.79
C LYS C 166 15.82 -31.14 5.36
N ILE C 167 16.67 -31.36 6.36
CA ILE C 167 18.05 -31.78 6.08
C ILE C 167 18.06 -33.08 5.28
N THR C 168 17.15 -34.01 5.60
CA THR C 168 17.12 -35.25 4.83
C THR C 168 16.64 -35.06 3.39
N ASP C 169 16.05 -33.91 3.04
CA ASP C 169 15.69 -33.65 1.65
C ASP C 169 16.89 -33.26 0.79
N VAL C 170 18.00 -32.83 1.37
CA VAL C 170 19.12 -32.30 0.58
C VAL C 170 20.39 -33.11 0.73
N PHE C 171 20.38 -34.17 1.52
CA PHE C 171 21.55 -35.01 1.70
C PHE C 171 21.16 -36.47 1.56
N SER C 172 22.11 -37.31 1.15
CA SER C 172 21.84 -38.73 1.00
C SER C 172 22.81 -39.58 1.80
N ASP C 173 22.90 -40.87 1.46
CA ASP C 173 23.52 -41.85 2.37
C ASP C 173 24.98 -41.52 2.66
N ASP C 174 25.75 -41.17 1.64
CA ASP C 174 27.19 -40.95 1.84
C ASP C 174 27.42 -39.88 2.90
N PHE C 175 26.70 -38.77 2.78
CA PHE C 175 26.87 -37.68 3.74
C PHE C 175 26.51 -38.14 5.15
N PHE C 176 25.37 -38.84 5.30
CA PHE C 176 24.92 -39.23 6.62
C PHE C 176 25.79 -40.33 7.23
N ASN C 177 26.60 -41.00 6.41
CA ASN C 177 27.57 -41.98 6.89
C ASN C 177 28.94 -41.37 7.15
N SER C 178 29.10 -40.06 6.97
CA SER C 178 30.42 -39.43 7.10
C SER C 178 30.72 -39.07 8.56
N ASN C 179 32.02 -38.99 8.86
CA ASN C 179 32.42 -38.43 10.14
C ASN C 179 32.03 -36.96 10.23
N PHE C 180 32.05 -36.26 9.10
CA PHE C 180 31.62 -34.87 9.08
C PHE C 180 30.26 -34.72 9.76
N TRP C 181 29.30 -35.57 9.38
CA TRP C 181 27.96 -35.48 9.95
C TRP C 181 27.96 -35.84 11.44
N ILE C 182 28.79 -36.80 11.88
CA ILE C 182 28.93 -37.06 13.31
C ILE C 182 29.33 -35.79 14.05
N TYR C 183 30.41 -35.15 13.60
CA TYR C 183 30.90 -33.95 14.28
C TYR C 183 29.86 -32.86 14.24
N TRP C 184 29.26 -32.66 13.07
CA TRP C 184 28.34 -31.56 12.81
C TRP C 184 27.05 -31.70 13.62
N LYS C 185 26.40 -32.85 13.51
CA LYS C 185 25.09 -32.96 14.14
C LYS C 185 25.21 -32.87 15.65
N THR C 186 26.31 -33.39 16.21
CA THR C 186 26.41 -33.43 17.66
C THR C 186 26.89 -32.10 18.23
N MET C 187 27.78 -31.37 17.54
CA MET C 187 28.25 -30.13 18.18
C MET C 187 27.18 -29.05 18.09
N PHE C 188 26.28 -29.13 17.09
CA PHE C 188 25.26 -28.11 16.87
C PHE C 188 23.86 -28.58 17.25
N ALA C 189 23.68 -29.88 17.53
CA ALA C 189 22.38 -30.48 17.87
C ALA C 189 21.39 -30.40 16.71
N PHE C 190 21.84 -30.76 15.52
CA PHE C 190 20.95 -30.87 14.38
C PHE C 190 20.34 -32.26 14.37
N GLU C 191 19.05 -32.33 14.19
CA GLU C 191 18.36 -33.58 13.89
C GLU C 191 18.13 -33.71 12.40
N PRO C 192 17.95 -34.94 11.89
CA PRO C 192 17.77 -35.11 10.44
C PRO C 192 16.57 -34.38 9.86
N TRP C 193 15.53 -34.15 10.65
CA TRP C 193 14.31 -33.52 10.16
C TRP C 193 14.33 -32.00 10.32
N HIS C 194 15.46 -31.44 10.77
CA HIS C 194 15.55 -30.01 11.01
C HIS C 194 15.72 -29.21 9.72
N SER C 195 15.74 -27.88 9.90
CA SER C 195 15.76 -26.91 8.81
C SER C 195 17.03 -27.00 7.96
N ALA C 196 16.86 -27.36 6.69
CA ALA C 196 17.99 -27.26 5.75
C ALA C 196 18.45 -25.82 5.56
N MET C 197 17.51 -24.85 5.54
CA MET C 197 17.86 -23.42 5.64
C MET C 197 18.94 -23.14 6.65
N GLU C 198 18.64 -23.52 7.89
CA GLU C 198 19.52 -23.17 8.99
C GLU C 198 20.82 -23.92 8.85
N MET C 199 20.79 -25.19 8.41
CA MET C 199 22.08 -25.83 8.31
C MET C 199 22.92 -25.20 7.19
N ARG C 200 22.27 -24.72 6.13
CA ARG C 200 22.96 -23.94 5.12
C ARG C 200 23.58 -22.69 5.73
N ARG C 201 22.81 -21.98 6.56
CA ARG C 201 23.37 -20.79 7.21
C ARG C 201 24.61 -21.15 8.03
N TYR C 202 24.57 -22.29 8.75
CA TYR C 202 25.71 -22.70 9.55
C TYR C 202 26.92 -23.00 8.68
N LEU C 203 26.73 -23.70 7.56
CA LEU C 203 27.83 -24.02 6.67
C LEU C 203 28.54 -22.76 6.20
N MET C 204 27.77 -21.75 5.81
CA MET C 204 28.34 -20.49 5.33
C MET C 204 28.88 -19.65 6.48
N ARG C 205 28.22 -19.70 7.63
CA ARG C 205 28.57 -18.83 8.75
C ARG C 205 29.94 -19.17 9.33
N PHE C 206 30.26 -20.46 9.45
CA PHE C 206 31.46 -20.88 10.15
C PHE C 206 32.51 -21.48 9.23
N VAL C 207 32.43 -21.19 7.93
CA VAL C 207 33.33 -21.81 6.96
C VAL C 207 34.79 -21.49 7.29
N HIS C 208 35.05 -20.37 7.96
CA HIS C 208 36.43 -20.03 8.30
C HIS C 208 37.02 -20.93 9.37
N HIS C 209 36.21 -21.74 10.05
CA HIS C 209 36.70 -22.62 11.11
C HIS C 209 36.60 -24.10 10.73
N ILE C 210 36.48 -24.40 9.43
CA ILE C 210 36.35 -25.80 8.99
C ILE C 210 37.54 -26.65 9.46
N SER C 211 38.74 -26.07 9.53
CA SER C 211 39.90 -26.83 10.00
C SER C 211 39.85 -27.12 11.49
N GLY C 212 38.96 -26.50 12.23
CA GLY C 212 38.75 -26.81 13.63
C GLY C 212 37.50 -27.60 13.92
N LEU C 213 36.85 -28.17 12.91
CA LEU C 213 35.59 -28.88 13.15
C LEU C 213 35.83 -30.10 14.02
N ALA C 214 36.85 -30.89 13.70
CA ALA C 214 37.04 -32.17 14.37
C ALA C 214 37.68 -32.03 15.75
N ASP C 215 38.50 -31.00 15.97
CA ASP C 215 39.25 -30.90 17.21
C ASP C 215 38.84 -29.71 18.08
N PHE C 216 37.80 -28.98 17.70
CA PHE C 216 37.24 -27.88 18.49
C PHE C 216 38.27 -26.79 18.78
N SER C 217 39.31 -26.67 17.95
CA SER C 217 40.35 -25.68 18.24
C SER C 217 39.89 -24.26 17.99
N ALA C 218 38.71 -24.07 17.40
CA ALA C 218 38.16 -22.74 17.22
C ALA C 218 37.22 -22.32 18.35
N LEU C 219 36.84 -23.22 19.25
CA LEU C 219 35.94 -22.86 20.33
C LEU C 219 36.66 -22.08 21.42
N LYS C 220 35.91 -21.17 22.05
CA LYS C 220 36.40 -20.39 23.20
C LYS C 220 35.30 -20.35 24.25
N PHE C 221 35.70 -20.38 25.53
CA PHE C 221 34.75 -20.51 26.63
C PHE C 221 35.05 -19.52 27.74
N THR C 222 33.99 -19.08 28.42
CA THR C 222 34.13 -18.30 29.64
C THR C 222 34.67 -19.16 30.78
N LYS C 223 35.23 -18.49 31.78
CA LYS C 223 35.78 -19.17 32.96
C LYS C 223 34.70 -20.00 33.67
N TYR C 224 33.51 -19.45 33.82
CA TYR C 224 32.43 -20.10 34.57
C TYR C 224 31.20 -20.27 33.69
N ASN C 225 30.14 -20.81 34.28
CA ASN C 225 28.86 -20.91 33.57
C ASN C 225 28.40 -19.52 33.13
N GLN C 226 27.49 -19.50 32.14
CA GLN C 226 27.08 -18.23 31.53
C GLN C 226 26.40 -17.28 32.51
N TYR C 227 25.69 -17.80 33.51
CA TYR C 227 25.10 -16.89 34.49
C TYR C 227 26.20 -16.11 35.22
N GLU C 228 27.23 -16.83 35.70
CA GLU C 228 28.28 -16.17 36.46
C GLU C 228 29.18 -15.31 35.57
N SER C 229 29.46 -15.76 34.35
CA SER C 229 30.44 -15.07 33.53
C SER C 229 29.87 -14.04 32.56
N LEU C 230 28.60 -14.15 32.15
CA LEU C 230 28.03 -13.16 31.24
C LEU C 230 26.85 -12.42 31.86
N VAL C 231 25.91 -13.14 32.50
CA VAL C 231 24.72 -12.48 33.01
C VAL C 231 25.06 -11.57 34.19
N LEU C 232 25.72 -12.09 35.21
CA LEU C 232 25.98 -11.25 36.38
C LEU C 232 26.81 -10.03 36.03
N PRO C 233 27.83 -10.12 35.17
CA PRO C 233 28.49 -8.87 34.74
C PRO C 233 27.56 -7.89 34.06
N MET C 234 26.66 -8.34 33.17
CA MET C 234 25.73 -7.37 32.59
C MET C 234 24.80 -6.77 33.64
N VAL C 235 24.29 -7.60 34.55
CA VAL C 235 23.34 -7.11 35.54
C VAL C 235 24.01 -6.02 36.39
N GLU C 236 25.26 -6.24 36.80
CA GLU C 236 25.97 -5.22 37.57
C GLU C 236 26.14 -3.94 36.76
N TYR C 237 26.48 -4.07 35.47
CA TYR C 237 26.58 -2.90 34.61
C TYR C 237 25.26 -2.14 34.56
N LEU C 238 24.17 -2.88 34.33
CA LEU C 238 22.86 -2.25 34.19
C LEU C 238 22.42 -1.61 35.50
N LYS C 239 22.63 -2.31 36.62
CA LYS C 239 22.24 -1.74 37.91
C LYS C 239 23.06 -0.50 38.25
N SER C 240 24.34 -0.48 37.87
CA SER C 240 25.14 0.71 38.13
C SER C 240 24.66 1.91 37.34
N HIS C 241 23.89 1.69 36.28
CA HIS C 241 23.29 2.76 35.49
C HIS C 241 21.82 2.98 35.82
N GLY C 242 21.33 2.36 36.88
CA GLY C 242 19.98 2.64 37.37
C GLY C 242 18.86 1.97 36.60
N VAL C 243 19.16 0.94 35.81
CA VAL C 243 18.12 0.23 35.08
C VAL C 243 17.18 -0.46 36.05
N GLN C 244 15.89 -0.46 35.72
CA GLN C 244 14.87 -1.01 36.59
C GLN C 244 14.61 -2.48 36.25
N PHE C 245 14.79 -3.35 37.25
CA PHE C 245 14.48 -4.77 37.13
C PHE C 245 13.16 -5.02 37.84
N GLU C 246 12.12 -5.37 37.08
CA GLU C 246 10.78 -5.64 37.60
C GLU C 246 10.57 -7.14 37.66
N TYR C 247 10.11 -7.63 38.81
CA TYR C 247 9.90 -9.07 38.99
C TYR C 247 8.42 -9.36 39.17
N ASP C 248 8.08 -10.64 39.06
CA ASP C 248 6.69 -11.12 39.20
C ASP C 248 5.77 -10.53 38.13
N VAL C 249 6.29 -10.27 36.94
CA VAL C 249 5.52 -9.66 35.86
C VAL C 249 5.37 -10.69 34.74
N LYS C 250 4.13 -11.06 34.45
CA LYS C 250 3.83 -11.92 33.32
C LYS C 250 3.11 -11.09 32.27
N VAL C 251 3.68 -11.00 31.07
CA VAL C 251 3.05 -10.25 30.00
C VAL C 251 2.11 -11.18 29.25
N GLU C 252 0.82 -10.85 29.25
CA GLU C 252 -0.18 -11.68 28.61
C GLU C 252 -0.41 -11.28 27.15
N ASP C 253 -0.35 -10.00 26.86
CA ASP C 253 -0.53 -9.53 25.49
C ASP C 253 0.06 -8.13 25.39
N ILE C 254 0.28 -7.70 24.15
CA ILE C 254 0.58 -6.32 23.87
C ILE C 254 -0.44 -5.88 22.84
N LYS C 255 -1.27 -4.91 23.20
CA LYS C 255 -2.22 -4.35 22.24
C LYS C 255 -1.47 -3.52 21.21
N ILE C 256 -1.55 -3.93 19.96
CA ILE C 256 -0.84 -3.28 18.86
C ILE C 256 -1.86 -2.78 17.85
N ASP C 257 -1.71 -1.52 17.43
CA ASP C 257 -2.47 -1.01 16.30
C ASP C 257 -1.69 -1.34 15.03
N VAL C 258 -2.31 -2.11 14.15
CA VAL C 258 -1.70 -2.46 12.87
C VAL C 258 -2.55 -1.81 11.80
N THR C 259 -2.17 -0.59 11.42
CA THR C 259 -2.98 0.20 10.51
C THR C 259 -2.41 0.09 9.10
N THR C 260 -3.07 0.79 8.16
CA THR C 260 -2.55 0.81 6.80
C THR C 260 -1.21 1.50 6.69
N SER C 261 -0.78 2.25 7.70
CA SER C 261 0.46 3.02 7.60
C SER C 261 1.46 2.78 8.72
N GLN C 262 1.05 2.24 9.87
CA GLN C 262 1.95 2.10 11.01
C GLN C 262 1.62 0.84 11.79
N LYS C 263 2.62 0.36 12.54
CA LYS C 263 2.41 -0.58 13.63
C LYS C 263 2.88 0.08 14.91
N ILE C 264 1.99 0.20 15.89
CA ILE C 264 2.29 0.95 17.11
C ILE C 264 1.79 0.16 18.30
N ALA C 265 2.70 -0.21 19.19
CA ALA C 265 2.30 -0.84 20.43
C ALA C 265 1.63 0.19 21.34
N ARG C 266 0.45 -0.15 21.86
CA ARG C 266 -0.35 0.80 22.64
C ARG C 266 -0.40 0.48 24.13
N GLU C 267 -0.34 -0.79 24.51
CA GLU C 267 -0.61 -1.20 25.87
C GLU C 267 0.08 -2.53 26.13
N ILE C 268 0.74 -2.65 27.28
CA ILE C 268 1.21 -3.96 27.74
C ILE C 268 0.24 -4.45 28.80
N LEU C 269 -0.42 -5.57 28.52
CA LEU C 269 -1.32 -6.19 29.48
C LEU C 269 -0.55 -7.23 30.30
N ILE C 270 -0.52 -7.04 31.62
CA ILE C 270 0.34 -7.84 32.49
C ILE C 270 -0.44 -8.36 33.69
N ASP C 271 0.13 -9.39 34.30
CA ASP C 271 -0.18 -9.78 35.67
C ASP C 271 1.04 -9.44 36.51
N ARG C 272 0.88 -8.50 37.45
CA ARG C 272 1.98 -8.12 38.33
C ARG C 272 1.68 -8.65 39.72
N ASN C 273 2.42 -9.66 40.14
CA ASN C 273 2.23 -10.28 41.45
C ASN C 273 0.78 -10.69 41.68
N GLY C 274 0.11 -11.14 40.62
CA GLY C 274 -1.25 -11.61 40.72
C GLY C 274 -2.32 -10.58 40.41
N ASN C 275 -1.95 -9.31 40.27
CA ASN C 275 -2.89 -8.25 39.95
C ASN C 275 -2.83 -7.92 38.47
N ALA C 276 -3.98 -7.91 37.81
CA ALA C 276 -4.05 -7.50 36.41
C ALA C 276 -3.77 -6.00 36.29
N GLU C 277 -2.80 -5.65 35.44
CA GLU C 277 -2.38 -4.27 35.27
C GLU C 277 -2.16 -3.98 33.80
N SER C 278 -2.07 -2.70 33.48
CA SER C 278 -1.92 -2.26 32.10
C SER C 278 -0.90 -1.14 32.05
N ILE C 279 0.14 -1.31 31.23
CA ILE C 279 1.13 -0.27 30.99
C ILE C 279 0.78 0.41 29.68
N LYS C 280 0.41 1.68 29.75
CA LYS C 280 0.07 2.44 28.55
C LYS C 280 1.33 2.93 27.86
N LEU C 281 1.35 2.85 26.54
CA LEU C 281 2.51 3.23 25.73
C LEU C 281 2.18 4.38 24.79
N THR C 282 3.13 5.30 24.64
CA THR C 282 3.13 6.21 23.52
C THR C 282 4.14 5.71 22.49
N ILE C 283 4.19 6.40 21.36
CA ILE C 283 5.16 6.08 20.31
C ILE C 283 6.60 6.21 20.84
N ASN C 284 6.80 6.91 21.95
CA ASN C 284 8.14 7.10 22.48
C ASN C 284 8.50 6.06 23.53
N ASP C 285 7.63 5.09 23.77
CA ASP C 285 7.93 3.99 24.68
C ASP C 285 8.16 2.76 23.83
N LEU C 286 9.40 2.27 23.84
CA LEU C 286 9.80 1.17 22.99
C LEU C 286 9.56 -0.17 23.71
N VAL C 287 9.16 -1.17 22.94
CA VAL C 287 8.89 -2.50 23.48
C VAL C 287 9.73 -3.49 22.70
N PHE C 288 10.55 -4.27 23.42
CA PHE C 288 11.42 -5.30 22.85
C PHE C 288 10.92 -6.66 23.31
N VAL C 289 10.45 -7.49 22.38
CA VAL C 289 9.89 -8.80 22.72
C VAL C 289 10.86 -9.88 22.32
N THR C 290 11.30 -10.69 23.29
CA THR C 290 12.01 -11.93 22.97
C THR C 290 10.93 -12.98 22.73
N ASN C 291 10.56 -13.16 21.45
CA ASN C 291 9.44 -14.05 21.12
C ASN C 291 9.89 -15.50 21.16
N GLY C 292 9.15 -16.34 21.91
CA GLY C 292 9.46 -17.75 22.00
C GLY C 292 10.59 -18.02 22.99
N SER C 293 10.68 -19.29 23.42
CA SER C 293 11.68 -19.65 24.41
C SER C 293 12.02 -21.14 24.29
N ILE C 294 13.31 -21.44 24.26
CA ILE C 294 13.70 -22.85 24.22
C ILE C 294 13.72 -23.50 25.60
N THR C 295 13.75 -22.71 26.69
CA THR C 295 13.75 -23.29 28.03
C THR C 295 12.39 -23.26 28.72
N GLU C 296 11.40 -22.60 28.12
CA GLU C 296 10.08 -22.55 28.71
C GLU C 296 9.54 -23.96 28.98
N SER C 297 8.89 -24.11 30.13
CA SER C 297 8.22 -25.34 30.55
C SER C 297 9.20 -26.45 30.88
N SER C 298 10.46 -26.13 31.11
CA SER C 298 11.42 -27.13 31.57
C SER C 298 10.96 -27.76 32.87
N THR C 299 11.18 -29.06 32.99
CA THR C 299 10.95 -29.76 34.24
C THR C 299 12.25 -30.42 34.71
N TYR C 300 12.32 -30.68 36.01
CA TYR C 300 13.54 -31.18 36.62
C TYR C 300 13.26 -32.45 37.38
N GLY C 301 14.18 -33.40 37.28
CA GLY C 301 14.21 -34.58 38.12
C GLY C 301 15.28 -34.47 39.18
N ASP C 302 15.69 -35.63 39.70
CA ASP C 302 16.84 -35.66 40.59
C ASP C 302 17.52 -37.01 40.42
N ASN C 303 18.41 -37.34 41.37
CA ASN C 303 19.20 -38.55 41.19
C ASN C 303 18.31 -39.79 41.08
N ASP C 304 17.12 -39.75 41.67
CA ASP C 304 16.23 -40.91 41.72
C ASP C 304 14.92 -40.73 40.95
N THR C 305 14.72 -39.61 40.27
CA THR C 305 13.44 -39.27 39.65
C THR C 305 13.68 -38.73 38.24
N PRO C 306 13.00 -39.26 37.22
CA PRO C 306 13.06 -38.63 35.89
C PRO C 306 12.47 -37.23 35.93
N ALA C 307 12.97 -36.39 35.03
CA ALA C 307 12.28 -35.14 34.76
C ALA C 307 10.98 -35.43 34.02
N PRO C 308 9.83 -35.03 34.54
CA PRO C 308 8.56 -35.42 33.93
C PRO C 308 8.37 -34.77 32.57
N PRO C 309 8.08 -35.55 31.54
CA PRO C 309 7.82 -34.97 30.22
C PRO C 309 6.61 -34.06 30.21
N THR C 310 6.64 -33.09 29.31
CA THR C 310 5.57 -32.10 29.25
C THR C 310 5.46 -31.54 27.85
N ASP C 311 4.25 -31.06 27.52
CA ASP C 311 4.00 -30.31 26.29
C ASP C 311 3.42 -28.93 26.59
N GLU C 312 3.51 -28.47 27.83
CA GLU C 312 2.85 -27.23 28.22
C GLU C 312 3.44 -26.03 27.49
N LEU C 313 2.56 -25.13 27.08
CA LEU C 313 2.97 -23.81 26.62
C LEU C 313 2.89 -22.85 27.80
N GLY C 314 3.95 -22.08 28.01
CA GLY C 314 4.00 -21.11 29.07
C GLY C 314 3.83 -19.70 28.55
N GLY C 315 4.37 -18.73 29.31
CA GLY C 315 4.09 -17.33 29.01
C GLY C 315 4.73 -16.85 27.71
N SER C 316 5.92 -17.35 27.40
CA SER C 316 6.59 -16.89 26.19
C SER C 316 5.85 -17.34 24.93
N TRP C 317 5.49 -18.62 24.86
CA TRP C 317 4.83 -19.13 23.66
C TRP C 317 3.42 -18.61 23.56
N THR C 318 2.75 -18.42 24.70
CA THR C 318 1.41 -17.85 24.66
C THR C 318 1.46 -16.38 24.20
N LEU C 319 2.44 -15.61 24.68
CA LEU C 319 2.55 -14.22 24.23
C LEU C 319 2.79 -14.14 22.73
N TRP C 320 3.71 -14.95 22.19
CA TRP C 320 3.95 -14.90 20.75
C TRP C 320 2.68 -15.28 19.97
N LYS C 321 1.94 -16.29 20.44
CA LYS C 321 0.67 -16.59 19.79
C LYS C 321 -0.29 -15.38 19.83
N ASN C 322 -0.33 -14.65 20.96
CA ASN C 322 -1.20 -13.49 21.05
C ASN C 322 -0.72 -12.34 20.15
N LEU C 323 0.58 -12.25 19.89
CA LEU C 323 1.04 -11.25 18.94
C LEU C 323 0.77 -11.69 17.50
N ALA C 324 0.93 -12.98 17.23
CA ALA C 324 0.74 -13.49 15.87
C ALA C 324 -0.69 -13.32 15.39
N ARG C 325 -1.65 -13.34 16.31
CA ARG C 325 -3.04 -13.14 15.89
C ARG C 325 -3.35 -11.67 15.61
N GLN C 326 -2.37 -10.77 15.72
CA GLN C 326 -2.59 -9.35 15.37
C GLN C 326 -1.97 -8.96 14.03
N SER C 327 -1.04 -9.76 13.50
CA SER C 327 -0.49 -9.55 12.17
C SER C 327 0.34 -10.76 11.77
N PRO C 328 0.24 -11.24 10.54
CA PRO C 328 1.15 -12.31 10.12
C PRO C 328 2.60 -11.85 10.03
N GLU C 329 2.82 -10.52 10.00
CA GLU C 329 4.19 -10.02 10.08
C GLU C 329 4.82 -10.23 11.44
N PHE C 330 4.06 -10.71 12.43
CA PHE C 330 4.64 -10.99 13.73
C PHE C 330 5.02 -12.46 13.88
N GLY C 331 4.95 -13.23 12.79
CA GLY C 331 5.52 -14.57 12.76
C GLY C 331 4.48 -15.64 13.05
N ASN C 332 4.97 -16.88 13.09
CA ASN C 332 4.13 -18.07 13.21
C ASN C 332 4.73 -19.00 14.24
N PRO C 333 4.41 -18.80 15.52
CA PRO C 333 5.03 -19.63 16.56
C PRO C 333 4.74 -21.11 16.43
N ASP C 334 3.60 -21.49 15.84
CA ASP C 334 3.27 -22.91 15.81
C ASP C 334 4.25 -23.73 14.98
N LYS C 335 4.96 -23.12 14.04
CA LYS C 335 5.99 -23.85 13.29
C LYS C 335 7.11 -24.33 14.21
N PHE C 336 7.30 -23.66 15.34
CA PHE C 336 8.42 -23.95 16.21
C PHE C 336 8.02 -24.68 17.48
N CYS C 337 6.79 -24.49 17.98
CA CYS C 337 6.42 -25.07 19.26
C CYS C 337 5.38 -26.17 19.16
N GLN C 338 4.91 -26.50 17.95
CA GLN C 338 4.00 -27.61 17.78
C GLN C 338 4.60 -28.66 16.85
N ASN C 339 4.11 -29.89 16.97
CA ASN C 339 4.50 -30.99 16.08
C ASN C 339 5.99 -31.29 16.19
N ILE C 340 6.56 -31.11 17.38
CA ILE C 340 7.95 -31.47 17.60
C ILE C 340 8.02 -32.99 17.72
N PRO C 341 8.79 -33.66 16.85
CA PRO C 341 8.80 -35.14 16.87
C PRO C 341 9.24 -35.68 18.23
N LYS C 342 8.66 -36.83 18.59
CA LYS C 342 8.96 -37.37 19.91
C LYS C 342 10.35 -37.98 20.01
N LYS C 343 11.03 -38.18 18.88
CA LYS C 343 12.42 -38.60 18.90
C LYS C 343 13.37 -37.47 19.25
N SER C 344 12.92 -36.23 19.16
CA SER C 344 13.78 -35.06 19.34
C SER C 344 14.49 -35.06 20.69
N TRP C 345 15.65 -34.44 20.73
CA TRP C 345 16.32 -34.12 21.98
C TRP C 345 15.37 -33.37 22.92
N PHE C 346 15.18 -33.94 24.12
CA PHE C 346 14.50 -33.25 25.22
C PHE C 346 15.33 -33.21 26.48
N VAL C 347 16.10 -34.27 26.78
CA VAL C 347 16.70 -34.41 28.10
C VAL C 347 18.18 -34.08 28.05
N SER C 348 18.62 -33.33 29.06
CA SER C 348 20.02 -33.11 29.39
C SER C 348 20.18 -33.48 30.85
N ALA C 349 21.42 -33.76 31.24
CA ALA C 349 21.68 -34.07 32.64
C ALA C 349 23.03 -33.50 33.04
N THR C 350 23.11 -33.06 34.29
CA THR C 350 24.36 -32.60 34.88
C THR C 350 24.75 -33.58 35.98
N SER C 351 25.88 -34.26 35.80
CA SER C 351 26.33 -35.31 36.70
C SER C 351 27.55 -34.80 37.47
N THR C 352 27.42 -34.68 38.79
CA THR C 352 28.46 -34.12 39.64
C THR C 352 29.05 -35.22 40.53
N THR C 353 30.38 -35.29 40.61
CA THR C 353 31.04 -36.31 41.41
C THR C 353 32.38 -35.81 41.92
N ASN C 354 32.78 -36.33 43.09
CA ASN C 354 34.15 -36.24 43.54
C ASN C 354 34.83 -37.60 43.53
N ASN C 355 34.18 -38.60 42.95
CA ASN C 355 34.70 -39.96 42.99
C ASN C 355 35.91 -40.13 42.07
N LYS C 356 37.00 -40.66 42.63
CA LYS C 356 38.24 -40.77 41.88
C LYS C 356 38.17 -41.81 40.77
N GLU C 357 37.40 -42.88 40.95
CA GLU C 357 37.30 -43.87 39.88
C GLU C 357 36.67 -43.28 38.63
N ILE C 358 35.60 -42.50 38.80
CA ILE C 358 34.97 -41.85 37.65
C ILE C 358 35.92 -40.84 37.04
N ILE C 359 36.51 -39.99 37.88
CA ILE C 359 37.36 -38.92 37.37
C ILE C 359 38.57 -39.50 36.64
N ASP C 360 39.15 -40.58 37.17
CA ASP C 360 40.28 -41.22 36.50
C ASP C 360 39.88 -41.87 35.19
N THR C 361 38.66 -42.41 35.12
CA THR C 361 38.19 -42.99 33.85
C THR C 361 38.08 -41.90 32.78
N ILE C 362 37.54 -40.75 33.16
CA ILE C 362 37.47 -39.63 32.23
C ILE C 362 38.86 -39.21 31.78
N GLU C 363 39.80 -39.12 32.73
CA GLU C 363 41.17 -38.73 32.38
C GLU C 363 41.76 -39.70 31.36
N SER C 364 41.48 -41.01 31.49
CA SER C 364 42.03 -41.98 30.56
C SER C 364 41.49 -41.81 29.14
N ILE C 365 40.33 -41.19 28.98
CA ILE C 365 39.76 -40.95 27.66
C ILE C 365 40.14 -39.59 27.12
N CYS C 366 39.99 -38.53 27.93
CA CYS C 366 40.22 -37.18 27.42
C CYS C 366 41.68 -36.75 27.50
N LYS C 367 42.51 -37.47 28.24
CA LYS C 367 43.95 -37.35 28.35
C LYS C 367 44.37 -36.21 29.27
N ARG C 368 43.44 -35.53 29.94
CA ARG C 368 43.75 -34.43 30.84
C ARG C 368 43.14 -34.68 32.22
N ASP C 369 43.75 -34.09 33.24
CA ASP C 369 43.24 -34.15 34.61
C ASP C 369 41.99 -33.29 34.74
N PRO C 370 40.81 -33.87 34.98
CA PRO C 370 39.58 -33.05 35.06
C PRO C 370 39.60 -32.04 36.20
N LEU C 371 40.37 -32.28 37.25
CA LEU C 371 40.41 -31.38 38.40
C LEU C 371 41.49 -30.31 38.31
N ALA C 372 42.25 -30.26 37.21
CA ALA C 372 43.39 -29.36 37.15
C ALA C 372 43.00 -27.90 36.98
N GLY C 373 41.78 -27.63 36.54
CA GLY C 373 41.30 -26.28 36.36
C GLY C 373 41.41 -25.76 34.94
N LYS C 374 42.00 -26.55 34.05
CA LYS C 374 42.13 -26.18 32.64
C LYS C 374 41.14 -26.97 31.82
N THR C 375 41.25 -26.84 30.50
CA THR C 375 40.45 -27.62 29.57
C THR C 375 40.44 -29.09 29.95
N VAL C 376 39.28 -29.72 29.83
CA VAL C 376 39.16 -31.13 30.15
C VAL C 376 38.85 -31.92 28.89
N THR C 377 37.59 -31.89 28.43
CA THR C 377 37.29 -32.56 27.17
C THR C 377 37.42 -31.64 25.96
N GLY C 378 37.52 -30.33 26.17
CA GLY C 378 37.67 -29.41 25.05
C GLY C 378 36.44 -29.31 24.17
N GLY C 379 35.28 -29.58 24.73
CA GLY C 379 34.04 -29.71 23.99
C GLY C 379 33.51 -31.12 24.10
N ILE C 380 32.35 -31.34 23.47
CA ILE C 380 31.69 -32.64 23.67
C ILE C 380 32.55 -33.79 23.16
N ILE C 381 32.44 -34.92 23.86
CA ILE C 381 32.82 -36.22 23.36
C ILE C 381 31.54 -36.93 22.92
N THR C 382 31.53 -37.44 21.71
CA THR C 382 30.36 -38.14 21.17
C THR C 382 30.55 -39.64 21.29
N ILE C 383 29.53 -40.33 21.82
CA ILE C 383 29.53 -41.79 21.85
C ILE C 383 28.82 -42.24 20.58
N ASN C 384 29.61 -42.60 19.56
CA ASN C 384 29.06 -42.78 18.23
C ASN C 384 28.10 -43.95 18.12
N ASP C 385 28.30 -45.00 18.92
CA ASP C 385 27.47 -46.19 18.83
C ASP C 385 26.48 -46.29 19.98
N SER C 386 26.17 -45.16 20.63
CA SER C 386 25.12 -45.15 21.65
C SER C 386 23.75 -45.08 20.99
N ALA C 387 22.82 -45.90 21.50
CA ALA C 387 21.47 -45.90 20.95
C ALA C 387 20.81 -44.52 21.11
N TRP C 388 21.07 -43.84 22.24
CA TRP C 388 20.54 -42.51 22.49
C TRP C 388 21.22 -41.43 21.67
N GLN C 389 22.33 -41.76 21.00
CA GLN C 389 23.20 -40.75 20.37
C GLN C 389 23.54 -39.66 21.38
N MET C 390 24.23 -40.11 22.43
CA MET C 390 24.62 -39.31 23.59
C MET C 390 25.99 -38.69 23.35
N SER C 391 26.13 -37.42 23.77
CA SER C 391 27.42 -36.75 23.89
C SER C 391 27.52 -36.12 25.28
N PHE C 392 28.76 -35.84 25.71
CA PHE C 392 28.95 -35.21 27.01
C PHE C 392 30.16 -34.30 26.96
N THR C 393 30.16 -33.27 27.83
CA THR C 393 31.32 -32.39 27.92
C THR C 393 31.67 -32.08 29.36
N ILE C 394 32.95 -31.80 29.59
CA ILE C 394 33.43 -31.30 30.86
C ILE C 394 34.23 -30.06 30.54
N ASN C 395 33.74 -28.90 30.95
CA ASN C 395 34.45 -27.66 30.74
C ASN C 395 35.53 -27.49 31.80
N ARG C 396 36.27 -26.38 31.75
CA ARG C 396 37.22 -26.09 32.82
C ARG C 396 36.50 -26.19 34.16
N GLN C 397 37.12 -26.87 35.13
CA GLN C 397 36.47 -27.12 36.41
C GLN C 397 37.07 -26.26 37.52
N GLN C 398 36.22 -25.77 38.42
CA GLN C 398 34.77 -25.92 38.50
C GLN C 398 34.07 -24.82 37.71
N GLN C 399 32.87 -25.11 37.19
CA GLN C 399 32.09 -24.13 36.44
C GLN C 399 31.27 -23.21 37.34
N PHE C 400 31.32 -23.44 38.65
CA PHE C 400 30.64 -22.62 39.64
C PHE C 400 31.70 -22.13 40.61
N LYS C 401 31.75 -20.81 40.84
CA LYS C 401 32.81 -20.27 41.69
C LYS C 401 32.83 -20.91 43.07
N ASP C 402 31.68 -21.27 43.61
CA ASP C 402 31.60 -21.76 44.99
C ASP C 402 31.50 -23.29 45.09
N GLN C 403 31.73 -24.01 44.00
CA GLN C 403 31.73 -25.47 44.05
C GLN C 403 33.04 -25.99 44.64
N PRO C 404 33.00 -27.04 45.46
CA PRO C 404 34.25 -27.57 46.04
C PRO C 404 35.25 -28.01 44.96
N GLU C 405 36.53 -27.85 45.29
CA GLU C 405 37.61 -28.08 44.34
C GLU C 405 37.88 -29.54 44.02
N ASN C 406 37.25 -30.49 44.72
CA ASN C 406 37.46 -31.89 44.41
C ASN C 406 36.35 -32.48 43.56
N GLU C 407 35.44 -31.64 43.04
CA GLU C 407 34.28 -32.09 42.27
C GLU C 407 34.41 -31.71 40.81
N ILE C 408 33.83 -32.52 39.94
CA ILE C 408 33.58 -32.13 38.56
C ILE C 408 32.08 -32.20 38.29
N SER C 409 31.61 -31.40 37.33
CA SER C 409 30.25 -31.51 36.84
C SER C 409 30.32 -31.75 35.34
N THR C 410 29.68 -32.84 34.89
CA THR C 410 29.65 -33.27 33.49
C THR C 410 28.28 -32.99 32.90
N TRP C 411 28.24 -32.41 31.70
CA TRP C 411 26.98 -32.17 31.00
C TRP C 411 26.76 -33.26 29.95
N ILE C 412 25.57 -33.86 29.96
CA ILE C 412 25.23 -34.99 29.11
C ILE C 412 23.97 -34.68 28.33
N TYR C 413 23.93 -35.02 27.04
CA TYR C 413 22.68 -34.90 26.31
C TYR C 413 22.51 -36.04 25.31
N ALA C 414 21.25 -36.27 24.92
CA ALA C 414 20.91 -37.34 23.99
C ALA C 414 20.10 -36.78 22.82
N LEU C 415 20.57 -37.03 21.59
CA LEU C 415 19.83 -36.55 20.43
C LEU C 415 18.54 -37.33 20.19
N TYR C 416 18.45 -38.59 20.64
CA TYR C 416 17.28 -39.43 20.39
C TYR C 416 16.61 -39.76 21.71
N SER C 417 15.32 -39.43 21.81
CA SER C 417 14.62 -39.50 23.10
C SER C 417 13.69 -40.69 23.24
N ASP C 418 13.47 -41.49 22.19
CA ASP C 418 12.46 -42.54 22.22
C ASP C 418 13.03 -43.90 21.86
N VAL C 419 14.30 -44.12 22.20
CA VAL C 419 15.05 -45.32 21.86
C VAL C 419 15.63 -45.89 23.14
N ASN C 420 15.47 -47.20 23.34
CA ASN C 420 16.07 -47.85 24.51
C ASN C 420 17.58 -47.67 24.52
N GLY C 421 18.12 -47.41 25.71
CA GLY C 421 19.57 -47.36 25.89
C GLY C 421 20.21 -48.72 25.74
N ASP C 422 21.55 -48.71 25.72
CA ASP C 422 22.33 -49.94 25.54
C ASP C 422 22.55 -50.70 26.83
N TYR C 423 22.63 -49.99 27.96
CA TYR C 423 22.79 -50.59 29.28
C TYR C 423 21.53 -50.43 30.12
N ILE C 424 20.99 -49.22 30.16
CA ILE C 424 19.66 -48.98 30.73
C ILE C 424 18.69 -49.05 29.57
N LYS C 425 17.91 -50.13 29.50
CA LYS C 425 17.14 -50.46 28.30
C LYS C 425 15.79 -49.73 28.28
N LYS C 426 15.86 -48.40 28.38
CA LYS C 426 14.71 -47.53 28.42
C LYS C 426 15.05 -46.27 27.64
N PRO C 427 14.05 -45.60 27.06
CA PRO C 427 14.29 -44.25 26.52
C PRO C 427 14.75 -43.29 27.61
N ILE C 428 15.52 -42.28 27.20
CA ILE C 428 16.09 -41.38 28.20
C ILE C 428 14.99 -40.64 28.96
N THR C 429 13.84 -40.41 28.33
CA THR C 429 12.75 -39.69 29.01
C THR C 429 12.17 -40.47 30.18
N GLU C 430 12.40 -41.79 30.23
CA GLU C 430 11.93 -42.60 31.32
C GLU C 430 12.98 -42.77 32.43
N CYS C 431 14.07 -42.01 32.40
CA CYS C 431 15.26 -42.37 33.14
C CYS C 431 15.49 -41.36 34.27
N SER C 432 15.79 -41.85 35.46
CA SER C 432 16.21 -40.98 36.55
C SER C 432 17.62 -40.43 36.28
N GLY C 433 18.05 -39.47 37.11
CA GLY C 433 19.42 -39.00 37.03
C GLY C 433 20.44 -40.12 37.12
N ASN C 434 20.28 -41.01 38.10
CA ASN C 434 21.28 -42.07 38.23
C ASN C 434 21.22 -43.05 37.05
N GLU C 435 20.05 -43.26 36.45
CA GLU C 435 19.98 -44.12 35.27
C GLU C 435 20.69 -43.52 34.07
N ILE C 436 20.55 -42.20 33.86
CA ILE C 436 21.32 -41.54 32.80
C ILE C 436 22.82 -41.66 33.07
N CYS C 437 23.23 -41.42 34.31
CA CYS C 437 24.62 -41.60 34.70
C CYS C 437 25.11 -43.03 34.41
N GLN C 438 24.28 -44.04 34.70
CA GLN C 438 24.69 -45.41 34.45
C GLN C 438 24.92 -45.68 32.97
N GLU C 439 24.00 -45.21 32.12
CA GLU C 439 24.18 -45.38 30.68
C GLU C 439 25.48 -44.72 30.22
N TRP C 440 25.74 -43.52 30.73
CA TRP C 440 26.98 -42.80 30.41
C TRP C 440 28.21 -43.58 30.88
N LEU C 441 28.22 -44.04 32.14
CA LEU C 441 29.37 -44.77 32.66
C LEU C 441 29.63 -46.05 31.88
N TYR C 442 28.56 -46.72 31.45
CA TYR C 442 28.72 -47.89 30.57
C TYR C 442 29.52 -47.54 29.34
N HIS C 443 29.18 -46.42 28.72
CA HIS C 443 29.86 -46.04 27.49
C HIS C 443 31.25 -45.48 27.74
N LEU C 444 31.59 -45.13 28.98
CA LEU C 444 32.99 -44.81 29.27
C LEU C 444 33.86 -46.04 29.47
N GLY C 445 33.25 -47.23 29.56
CA GLY C 445 33.99 -48.44 29.80
C GLY C 445 34.17 -48.80 31.26
N VAL C 446 33.41 -48.18 32.16
CA VAL C 446 33.44 -48.57 33.57
C VAL C 446 32.96 -50.01 33.68
N SER C 447 33.64 -50.79 34.52
CA SER C 447 33.26 -52.18 34.76
C SER C 447 31.79 -52.27 35.15
N THR C 448 31.04 -53.14 34.49
CA THR C 448 29.59 -53.15 34.68
C THR C 448 29.21 -53.49 36.13
N ASP C 449 30.06 -54.22 36.87
CA ASP C 449 29.77 -54.51 38.26
C ASP C 449 29.95 -53.30 39.18
N LYS C 450 30.53 -52.20 38.69
CA LYS C 450 30.74 -51.00 39.47
C LYS C 450 29.77 -49.89 39.14
N ILE C 451 29.07 -50.00 38.01
CA ILE C 451 28.34 -48.87 37.44
C ILE C 451 27.22 -48.40 38.38
N GLU C 452 26.41 -49.34 38.88
CA GLU C 452 25.23 -48.94 39.65
C GLU C 452 25.62 -48.17 40.90
N ASP C 453 26.62 -48.67 41.64
CA ASP C 453 27.05 -47.97 42.85
C ASP C 453 27.66 -46.60 42.52
N LEU C 454 28.49 -46.53 41.47
CA LEU C 454 29.13 -45.25 41.17
C LEU C 454 28.11 -44.20 40.75
N ALA C 455 27.02 -44.61 40.10
CA ALA C 455 25.97 -43.68 39.68
C ALA C 455 25.03 -43.33 40.83
N LYS C 456 24.58 -44.33 41.59
CA LYS C 456 23.60 -44.07 42.63
C LYS C 456 24.21 -43.39 43.85
N HIS C 457 25.38 -43.86 44.31
CA HIS C 457 25.92 -43.38 45.57
C HIS C 457 27.13 -42.48 45.46
N ALA C 458 27.87 -42.52 44.36
CA ALA C 458 29.08 -41.72 44.24
C ALA C 458 28.87 -40.49 43.37
N SER C 459 27.70 -40.34 42.77
CA SER C 459 27.39 -39.24 41.85
C SER C 459 26.02 -38.66 42.19
N ASN C 460 25.81 -37.41 41.80
CA ASN C 460 24.50 -36.77 41.90
C ASN C 460 24.20 -36.20 40.53
N THR C 461 23.17 -36.73 39.86
CA THR C 461 22.87 -36.34 38.48
C THR C 461 21.47 -35.75 38.40
N ILE C 462 21.36 -34.55 37.84
CA ILE C 462 20.10 -33.82 37.76
C ILE C 462 19.65 -33.82 36.30
N PRO C 463 18.58 -34.51 35.93
CA PRO C 463 18.06 -34.45 34.56
C PRO C 463 17.06 -33.31 34.39
N VAL C 464 17.08 -32.73 33.20
CA VAL C 464 16.14 -31.66 32.84
C VAL C 464 15.45 -32.05 31.54
N TYR C 465 14.12 -31.90 31.50
CA TYR C 465 13.34 -32.14 30.30
C TYR C 465 12.90 -30.79 29.74
N MET C 466 13.32 -30.50 28.51
CA MET C 466 13.03 -29.24 27.84
C MET C 466 12.22 -29.49 26.58
N PRO C 467 10.91 -29.27 26.61
CA PRO C 467 10.10 -29.58 25.42
C PRO C 467 10.56 -28.83 24.17
N TYR C 468 11.13 -27.63 24.33
CA TYR C 468 11.40 -26.75 23.19
C TYR C 468 12.89 -26.58 22.91
N ILE C 469 13.74 -27.47 23.44
CA ILE C 469 15.18 -27.26 23.26
C ILE C 469 15.60 -27.37 21.79
N THR C 470 14.85 -28.11 20.96
CA THR C 470 15.18 -28.20 19.54
C THR C 470 14.44 -27.17 18.68
N SER C 471 13.69 -26.25 19.30
CA SER C 471 12.71 -25.46 18.57
C SER C 471 13.34 -24.47 17.60
N TYR C 472 14.56 -24.00 17.86
CA TYR C 472 15.17 -23.02 16.96
C TYR C 472 15.34 -23.56 15.55
N PHE C 473 15.51 -24.88 15.43
CA PHE C 473 15.89 -25.54 14.18
C PHE C 473 14.71 -26.18 13.44
N MET C 474 13.50 -26.03 13.95
CA MET C 474 12.33 -26.60 13.26
C MET C 474 12.24 -26.04 11.84
N THR C 475 11.76 -26.87 10.91
CA THR C 475 11.65 -26.41 9.53
C THR C 475 10.76 -25.18 9.47
N ARG C 476 11.22 -24.19 8.70
CA ARG C 476 10.55 -22.90 8.67
C ARG C 476 10.53 -22.37 7.25
N ALA C 477 9.63 -21.42 7.03
CA ALA C 477 9.52 -20.67 5.80
C ALA C 477 9.83 -19.21 6.09
N ILE C 478 10.34 -18.50 5.08
CA ILE C 478 10.54 -17.07 5.27
C ILE C 478 9.21 -16.45 5.66
N GLY C 479 9.23 -15.59 6.67
CA GLY C 479 8.04 -15.02 7.24
C GLY C 479 7.56 -15.67 8.52
N ASP C 480 8.04 -16.89 8.82
CA ASP C 480 7.68 -17.54 10.08
C ASP C 480 8.31 -16.82 11.27
N ARG C 481 9.44 -16.14 11.07
CA ARG C 481 10.05 -15.34 12.11
C ARG C 481 9.81 -13.87 11.81
N PRO C 482 9.40 -13.07 12.80
CA PRO C 482 9.24 -11.63 12.56
C PRO C 482 10.58 -10.97 12.31
N LEU C 483 10.56 -9.95 11.46
CA LEU C 483 11.73 -9.08 11.36
C LEU C 483 12.02 -8.46 12.72
N VAL C 484 13.30 -8.15 12.96
CA VAL C 484 13.67 -7.49 14.21
C VAL C 484 12.84 -6.22 14.41
N VAL C 485 12.70 -5.40 13.37
CA VAL C 485 11.71 -4.33 13.37
C VAL C 485 10.78 -4.55 12.17
N PRO C 486 9.56 -5.04 12.41
CA PRO C 486 8.63 -5.27 11.30
C PRO C 486 8.37 -3.98 10.53
N HIS C 487 7.98 -4.16 9.26
CA HIS C 487 7.69 -3.05 8.37
C HIS C 487 6.72 -2.06 9.01
N GLN C 488 7.12 -0.78 9.04
CA GLN C 488 6.33 0.33 9.59
C GLN C 488 6.15 0.26 11.10
N SER C 489 6.87 -0.62 11.80
CA SER C 489 6.79 -0.59 13.26
C SER C 489 7.46 0.66 13.82
N GLN C 490 6.76 1.37 14.71
CA GLN C 490 7.27 2.60 15.30
C GLN C 490 7.98 2.38 16.62
N ASN C 491 7.50 1.43 17.42
CA ASN C 491 8.03 1.27 18.78
C ASN C 491 8.07 -0.18 19.22
N LEU C 492 8.07 -1.13 18.29
CA LEU C 492 8.00 -2.54 18.62
C LEU C 492 9.10 -3.28 17.88
N ALA C 493 9.88 -4.06 18.61
CA ALA C 493 10.93 -4.89 18.02
C ALA C 493 10.85 -6.30 18.58
N PHE C 494 11.33 -7.25 17.78
CA PHE C 494 11.47 -8.64 18.15
C PHE C 494 12.95 -9.00 18.19
N ILE C 495 13.38 -9.65 19.27
CA ILE C 495 14.78 -9.98 19.44
C ILE C 495 14.88 -11.43 19.90
N GLY C 496 16.12 -11.94 19.87
CA GLY C 496 16.36 -13.33 20.20
C GLY C 496 16.35 -14.24 18.99
N ASN C 497 16.43 -15.53 19.30
CA ASN C 497 16.73 -16.55 18.31
C ASN C 497 15.50 -17.05 17.56
N PHE C 498 14.34 -16.41 17.72
CA PHE C 498 13.20 -16.62 16.84
C PHE C 498 12.84 -15.36 16.06
N ALA C 499 13.72 -14.35 16.07
CA ALA C 499 13.59 -13.19 15.21
C ALA C 499 14.42 -13.39 13.94
N GLU C 500 14.09 -12.60 12.91
CA GLU C 500 14.70 -12.74 11.59
C GLU C 500 15.72 -11.64 11.32
N THR C 501 16.94 -12.04 10.97
CA THR C 501 17.94 -11.13 10.41
C THR C 501 18.77 -11.92 9.40
N GLU C 502 19.44 -11.20 8.49
CA GLU C 502 20.16 -11.85 7.39
C GLU C 502 21.37 -12.68 7.88
N ARG C 503 21.57 -13.83 7.23
CA ARG C 503 22.75 -14.70 7.30
C ARG C 503 23.09 -15.34 8.65
N ASP C 504 22.80 -14.69 9.76
CA ASP C 504 23.36 -15.20 11.01
C ASP C 504 22.63 -16.46 11.48
N THR C 505 23.27 -17.18 12.38
CA THR C 505 22.86 -18.52 12.81
C THR C 505 22.23 -18.47 14.19
N VAL C 506 21.05 -19.09 14.32
CA VAL C 506 20.42 -19.16 15.63
C VAL C 506 21.03 -20.30 16.44
N PHE C 507 20.59 -20.42 17.69
CA PHE C 507 21.21 -21.29 18.70
C PHE C 507 22.63 -20.82 19.01
N THR C 508 22.91 -19.51 18.81
CA THR C 508 24.18 -18.93 19.23
C THR C 508 23.93 -17.70 20.09
N THR C 509 24.84 -17.43 21.02
CA THR C 509 24.70 -16.23 21.83
C THR C 509 24.87 -14.98 20.99
N GLU C 510 25.69 -15.09 19.92
CA GLU C 510 25.86 -13.97 19.00
C GLU C 510 24.52 -13.53 18.40
N TYR C 511 23.63 -14.47 18.09
CA TYR C 511 22.37 -14.09 17.47
C TYR C 511 21.52 -13.25 18.42
N SER C 512 21.55 -13.58 19.71
CA SER C 512 20.86 -12.78 20.71
C SER C 512 21.40 -11.36 20.78
N VAL C 513 22.73 -11.21 20.79
CA VAL C 513 23.29 -9.87 20.85
C VAL C 513 23.05 -9.11 19.56
N ARG C 514 23.19 -9.78 18.40
CA ARG C 514 22.97 -9.10 17.14
C ARG C 514 21.54 -8.55 17.04
N THR C 515 20.54 -9.38 17.33
CA THR C 515 19.16 -8.90 17.20
C THR C 515 18.89 -7.78 18.18
N ALA C 516 19.43 -7.87 19.39
CA ALA C 516 19.33 -6.79 20.36
C ALA C 516 19.94 -5.50 19.82
N MET C 517 21.19 -5.57 19.33
CA MET C 517 21.81 -4.42 18.67
C MET C 517 20.92 -3.81 17.61
N GLU C 518 20.52 -4.66 16.65
CA GLU C 518 19.78 -4.18 15.49
C GLU C 518 18.47 -3.54 15.89
N ALA C 519 17.80 -4.10 16.91
CA ALA C 519 16.54 -3.53 17.39
C ALA C 519 16.75 -2.15 17.99
N VAL C 520 17.75 -2.02 18.87
CA VAL C 520 18.00 -0.74 19.53
C VAL C 520 18.43 0.30 18.51
N TYR C 521 19.32 -0.09 17.57
CA TYR C 521 19.81 0.87 16.60
C TYR C 521 18.71 1.33 15.65
N GLN C 522 17.84 0.40 15.22
CA GLN C 522 16.76 0.78 14.30
C GLN C 522 15.69 1.63 15.00
N LEU C 523 15.27 1.24 16.21
CA LEU C 523 14.18 1.99 16.84
C LEU C 523 14.62 3.39 17.27
N LEU C 524 15.88 3.55 17.65
CA LEU C 524 16.38 4.87 18.05
C LEU C 524 17.09 5.59 16.91
N ASN C 525 17.24 4.97 15.74
CA ASN C 525 17.94 5.57 14.60
C ASN C 525 19.36 6.01 14.98
N ILE C 526 20.13 5.07 15.52
CA ILE C 526 21.48 5.35 16.00
C ILE C 526 22.44 5.42 14.82
N ASP C 527 23.26 6.48 14.79
CA ASP C 527 24.09 6.78 13.62
C ASP C 527 25.46 6.14 13.76
N ARG C 528 25.47 4.80 13.69
CA ARG C 528 26.70 4.01 13.71
C ARG C 528 26.39 2.68 13.05
N GLY C 529 27.39 2.13 12.37
CA GLY C 529 27.19 0.86 11.68
C GLY C 529 27.08 -0.32 12.63
N ILE C 530 26.33 -1.33 12.20
CA ILE C 530 26.26 -2.62 12.86
C ILE C 530 27.20 -3.55 12.12
N PRO C 531 28.07 -4.29 12.79
CA PRO C 531 28.98 -5.17 12.06
C PRO C 531 28.21 -6.25 11.32
N GLU C 532 28.49 -6.40 10.03
CA GLU C 532 27.85 -7.47 9.27
C GLU C 532 28.29 -8.83 9.79
N VAL C 533 27.49 -9.85 9.53
CA VAL C 533 27.96 -11.22 9.75
C VAL C 533 29.29 -11.38 9.01
N ILE C 534 30.28 -12.01 9.66
CA ILE C 534 31.63 -11.98 9.11
C ILE C 534 31.64 -12.49 7.67
N ASN C 535 32.43 -11.81 6.83
CA ASN C 535 32.35 -12.02 5.39
C ASN C 535 33.04 -13.29 4.91
N SER C 536 33.29 -14.29 5.77
CA SER C 536 34.12 -15.42 5.36
C SER C 536 33.59 -16.21 4.16
N PRO C 537 32.28 -16.42 3.94
CA PRO C 537 31.86 -17.18 2.73
C PRO C 537 32.08 -16.42 1.44
N PHE C 538 32.42 -15.14 1.49
CA PHE C 538 32.73 -14.37 0.30
C PHE C 538 34.24 -14.23 0.08
N ASP C 539 35.04 -14.75 1.00
CA ASP C 539 36.49 -14.54 0.99
C ASP C 539 37.15 -15.70 0.24
N LEU C 540 37.77 -15.39 -0.90
CA LEU C 540 38.36 -16.43 -1.74
C LEU C 540 39.42 -17.23 -1.00
N ARG C 541 40.14 -16.60 -0.07
CA ARG C 541 41.13 -17.34 0.71
C ARG C 541 40.45 -18.37 1.60
N VAL C 542 39.33 -18.00 2.23
CA VAL C 542 38.61 -18.92 3.08
C VAL C 542 38.01 -20.06 2.25
N LEU C 543 37.51 -19.75 1.06
CA LEU C 543 36.87 -20.77 0.24
C LEU C 543 37.91 -21.76 -0.27
N MET C 544 39.11 -21.27 -0.57
CA MET C 544 40.20 -22.14 -0.97
C MET C 544 40.54 -23.10 0.16
N ASP C 545 40.67 -22.58 1.39
CA ASP C 545 40.90 -23.45 2.55
C ASP C 545 39.78 -24.47 2.71
N ALA C 546 38.54 -24.06 2.47
CA ALA C 546 37.41 -24.98 2.65
C ALA C 546 37.46 -26.14 1.66
N ILE C 547 37.84 -25.87 0.40
CA ILE C 547 37.99 -26.96 -0.57
C ILE C 547 39.05 -27.94 -0.12
N TYR C 548 40.20 -27.42 0.31
CA TYR C 548 41.28 -28.28 0.78
C TYR C 548 40.84 -29.14 1.96
N GLU C 549 40.14 -28.53 2.93
CA GLU C 549 39.77 -29.27 4.14
C GLU C 549 38.65 -30.27 3.86
N LEU C 550 37.65 -29.88 3.06
CA LEU C 550 36.54 -30.77 2.76
C LEU C 550 37.01 -32.02 2.03
N ASN C 551 38.01 -31.88 1.15
CA ASN C 551 38.57 -33.02 0.43
C ASN C 551 39.68 -33.73 1.21
N ASP C 552 39.64 -33.63 2.54
CA ASP C 552 40.57 -34.25 3.49
C ASP C 552 42.03 -34.04 3.05
N HIS C 553 42.36 -32.77 2.79
CA HIS C 553 43.74 -32.30 2.56
C HIS C 553 44.32 -32.79 1.24
N GLN C 554 43.53 -32.77 0.18
CA GLN C 554 44.00 -33.10 -1.15
C GLN C 554 44.13 -31.85 -2.00
N ASP C 555 45.14 -31.81 -2.85
CA ASP C 555 45.26 -30.72 -3.80
C ASP C 555 44.38 -31.00 -5.03
N LEU C 556 44.28 -30.00 -5.90
CA LEU C 556 43.36 -30.11 -7.03
C LEU C 556 43.73 -31.26 -7.95
N ARG C 557 45.02 -31.59 -8.02
CA ARG C 557 45.47 -32.74 -8.78
C ARG C 557 44.87 -34.04 -8.23
N GLU C 558 45.02 -34.26 -6.92
CA GLU C 558 44.48 -35.47 -6.31
C GLU C 558 42.96 -35.48 -6.36
N ILE C 559 42.33 -34.33 -6.17
CA ILE C 559 40.87 -34.27 -6.15
C ILE C 559 40.31 -34.77 -7.48
N THR C 560 40.83 -34.25 -8.59
CA THR C 560 40.33 -34.60 -9.91
C THR C 560 40.96 -35.88 -10.47
N LYS C 561 41.90 -36.48 -9.75
CA LYS C 561 42.52 -37.73 -10.20
C LYS C 561 41.50 -38.84 -9.98
N ASP C 562 40.76 -39.16 -11.07
CA ASP C 562 39.82 -40.28 -11.22
C ASP C 562 38.60 -39.84 -12.00
N SER C 563 38.72 -38.76 -12.77
CA SER C 563 37.62 -38.30 -13.60
C SER C 563 38.20 -37.56 -14.79
N LYS C 564 38.15 -38.21 -15.97
CA LYS C 564 38.77 -37.64 -17.16
C LYS C 564 38.22 -36.26 -17.48
N MET C 565 36.94 -36.03 -17.23
CA MET C 565 36.32 -34.75 -17.58
C MET C 565 36.95 -33.61 -16.77
N GLN C 566 36.91 -33.70 -15.44
CA GLN C 566 37.51 -32.64 -14.62
C GLN C 566 39.03 -32.69 -14.60
N LYS C 567 39.63 -33.84 -14.91
CA LYS C 567 41.08 -33.92 -15.05
C LYS C 567 41.56 -32.96 -16.14
N LEU C 568 40.89 -32.98 -17.29
CA LEU C 568 41.31 -32.13 -18.40
C LEU C 568 40.88 -30.69 -18.22
N ALA C 569 39.71 -30.45 -17.63
CA ALA C 569 39.31 -29.09 -17.32
C ALA C 569 40.29 -28.42 -16.37
N LEU C 570 40.88 -29.18 -15.45
CA LEU C 570 41.95 -28.65 -14.61
C LEU C 570 43.18 -28.32 -15.45
N ALA C 571 43.55 -29.19 -16.39
CA ALA C 571 44.72 -28.95 -17.22
C ALA C 571 44.59 -27.64 -18.00
N GLY C 572 43.40 -27.35 -18.50
CA GLY C 572 43.20 -26.11 -19.22
C GLY C 572 43.15 -24.91 -18.30
N PHE C 573 42.52 -25.06 -17.13
CA PHE C 573 42.52 -24.00 -16.13
C PHE C 573 43.94 -23.70 -15.67
N LEU C 574 44.76 -24.74 -15.47
CA LEU C 574 46.14 -24.52 -15.04
C LEU C 574 46.97 -23.86 -16.13
N LYS C 575 46.70 -24.21 -17.40
CA LYS C 575 47.35 -23.54 -18.52
C LYS C 575 47.07 -22.04 -18.49
N LYS C 576 45.82 -21.67 -18.19
CA LYS C 576 45.40 -20.27 -18.19
C LYS C 576 46.05 -19.45 -17.08
N ILE C 577 46.49 -20.07 -15.99
CA ILE C 577 46.93 -19.36 -14.80
C ILE C 577 48.39 -19.65 -14.45
N LYS C 578 49.12 -20.35 -15.33
CA LYS C 578 50.41 -20.94 -14.98
C LYS C 578 51.41 -19.90 -14.47
N GLY C 579 51.34 -18.66 -14.91
CA GLY C 579 52.33 -17.71 -14.46
C GLY C 579 51.88 -16.76 -13.37
N THR C 580 50.66 -16.91 -12.87
CA THR C 580 49.94 -15.77 -12.33
C THR C 580 49.78 -15.84 -10.82
N TYR C 581 49.26 -14.71 -10.31
CA TYR C 581 48.92 -14.59 -8.91
C TYR C 581 47.90 -15.64 -8.46
N ILE C 582 47.03 -16.07 -9.38
CA ILE C 582 46.06 -17.11 -9.04
C ILE C 582 46.77 -18.42 -8.70
N GLU C 583 47.80 -18.77 -9.47
CA GLU C 583 48.56 -19.98 -9.14
C GLU C 583 49.24 -19.83 -7.80
N SER C 584 49.84 -18.67 -7.54
CA SER C 584 50.50 -18.43 -6.27
C SER C 584 49.52 -18.57 -5.09
N LEU C 585 48.31 -18.02 -5.25
CA LEU C 585 47.33 -18.11 -4.18
C LEU C 585 46.89 -19.56 -3.95
N LEU C 586 46.63 -20.29 -5.04
CA LEU C 586 46.26 -21.70 -4.89
C LEU C 586 47.37 -22.50 -4.22
N LYS C 587 48.63 -22.20 -4.53
CA LYS C 587 49.73 -22.90 -3.88
C LYS C 587 49.81 -22.54 -2.40
N GLU C 588 49.60 -21.27 -2.06
CA GLU C 588 49.67 -20.87 -0.66
C GLU C 588 48.57 -21.55 0.15
N HIS C 589 47.44 -21.85 -0.46
CA HIS C 589 46.35 -22.52 0.24
C HIS C 589 46.31 -24.01 -0.04
N LYS C 590 47.41 -24.57 -0.55
CA LYS C 590 47.70 -26.00 -0.64
C LYS C 590 46.84 -26.72 -1.67
N LEU C 591 46.14 -25.97 -2.52
CA LEU C 591 45.38 -26.57 -3.61
C LEU C 591 46.24 -26.87 -4.82
N LEU C 592 47.45 -26.33 -4.86
CA LEU C 592 48.47 -26.70 -5.83
C LEU C 592 49.79 -26.81 -5.09
C1 EIC D . -2.66 26.12 -19.68
C2 EIC D . -3.62 25.44 -18.70
C3 EIC D . -4.12 24.08 -19.13
C4 EIC D . -5.38 24.12 -19.97
C5 EIC D . -5.41 22.99 -21.00
C6 EIC D . -6.79 22.72 -21.58
C7 EIC D . -6.84 22.75 -23.11
C8 EIC D . -5.74 21.91 -23.74
C9 EIC D . -5.94 21.71 -25.21
C10 EIC D . -5.43 20.72 -25.95
C11 EIC D . -4.56 19.61 -25.46
C12 EIC D . -3.78 18.96 -26.57
C13 EIC D . -3.64 17.65 -26.80
C14 EIC D . -2.87 16.97 -27.89
C15 EIC D . -2.33 15.61 -27.42
C16 EIC D . -1.60 14.76 -28.47
C17 EIC D . -1.88 13.27 -28.31
C18 EIC D . -0.80 12.43 -27.65
O1 EIC D . -1.59 26.59 -19.24
O2 EIC D . -3.03 26.14 -20.89
C1 PEG E . 11.25 37.18 0.40
O1 PEG E . 10.63 36.84 1.62
C2 PEG E . 12.50 36.37 0.18
O2 PEG E . 13.24 36.92 -0.88
C3 PEG E . 12.76 36.52 -2.17
C4 PEG E . 12.52 35.04 -2.15
O4 PEG E . 11.66 34.66 -3.20
C1 EIC F . -19.25 -6.93 -3.70
C2 EIC F . -18.85 -5.50 -4.06
C3 EIC F . -17.42 -5.07 -3.74
C4 EIC F . -16.36 -5.79 -4.58
C5 EIC F . -14.93 -5.33 -4.30
C6 EIC F . -13.89 -5.96 -5.20
C7 EIC F . -13.59 -7.41 -4.84
C8 EIC F . -12.36 -8.00 -5.53
C9 EIC F . -12.67 -8.72 -6.80
C10 EIC F . -12.17 -8.52 -8.03
C11 EIC F . -12.55 -9.31 -9.25
C12 EIC F . -11.82 -8.91 -10.51
C13 EIC F . -11.85 -9.56 -11.68
C14 EIC F . -11.16 -9.20 -12.97
C15 EIC F . -11.05 -10.38 -13.94
C16 EIC F . -10.36 -10.03 -15.26
C17 EIC F . -11.27 -9.34 -16.28
C18 EIC F . -10.50 -8.73 -17.45
O1 EIC F . -20.40 -7.34 -3.98
O2 EIC F . -18.36 -7.60 -3.12
C1 PEG G . -20.38 -12.32 0.63
O1 PEG G . -19.11 -11.98 0.09
C2 PEG G . -20.83 -13.71 0.28
O2 PEG G . -21.62 -13.73 -0.92
C3 PEG G . -22.30 -12.52 -1.21
C4 PEG G . -23.77 -12.74 -1.10
O4 PEG G . -24.34 -11.90 -0.11
C1 PEG H . -32.44 -3.08 0.69
O1 PEG H . -32.19 -1.87 -0.03
C2 PEG H . -32.67 -4.22 -0.26
O2 PEG H . -31.58 -5.12 -0.20
C3 PEG H . -30.39 -4.57 -0.74
C4 PEG H . -29.79 -5.52 -1.74
O4 PEG H . -28.80 -6.34 -1.11
C1 EIC I . 28.38 -22.74 18.25
C2 EIC I . 29.06 -21.41 17.86
C3 EIC I . 30.57 -21.42 17.67
C4 EIC I . 30.99 -22.20 16.42
C5 EIC I . 32.48 -22.20 16.14
C6 EIC I . 32.85 -22.84 14.80
C7 EIC I . 33.37 -24.26 14.97
C8 EIC I . 33.84 -24.92 13.66
C9 EIC I . 32.73 -25.67 13.00
C10 EIC I . 32.27 -25.68 11.74
C11 EIC I . 32.66 -24.99 10.47
C12 EIC I . 32.68 -26.05 9.41
C13 EIC I . 32.33 -26.16 8.12
C14 EIC I . 31.76 -25.27 7.08
C15 EIC I . 31.90 -25.99 5.73
C16 EIC I . 31.08 -25.39 4.58
C17 EIC I . 31.83 -25.33 3.26
C18 EIC I . 31.19 -24.39 2.24
O1 EIC I . 27.14 -22.75 18.49
O2 EIC I . 29.12 -23.75 18.29
C1 PEG J . 6.75 -11.10 31.17
O1 PEG J . 7.90 -10.81 31.92
C2 PEG J . 6.51 -12.58 31.10
O2 PEG J . 5.69 -12.85 29.98
C3 PEG J . 6.21 -13.86 29.13
C4 PEG J . 7.64 -13.56 28.82
O4 PEG J . 8.07 -14.21 27.64
C1 GOL K . 25.34 -29.49 21.81
O1 GOL K . 26.67 -29.86 21.75
C2 GOL K . 25.34 -28.01 22.11
O2 GOL K . 25.47 -27.25 20.94
C3 GOL K . 24.03 -27.76 22.88
O3 GOL K . 23.46 -26.62 22.34
#